data_4QXW
# 
_entry.id   4QXW 
# 
_audit_conform.dict_name       mmcif_pdbx.dic 
_audit_conform.dict_version    5.387 
_audit_conform.dict_location   http://mmcif.pdb.org/dictionaries/ascii/mmcif_pdbx.dic 
# 
loop_
_database_2.database_id 
_database_2.database_code 
_database_2.pdbx_database_accession 
_database_2.pdbx_DOI 
PDB   4QXW         pdb_00004qxw 10.2210/pdb4qxw/pdb 
RCSB  RCSB086651   ?            ?                   
WWPDB D_1000086651 ?            ?                   
# 
loop_
_pdbx_audit_revision_history.ordinal 
_pdbx_audit_revision_history.data_content_type 
_pdbx_audit_revision_history.major_revision 
_pdbx_audit_revision_history.minor_revision 
_pdbx_audit_revision_history.revision_date 
1 'Structure model' 1 0 2014-11-12 
2 'Structure model' 1 1 2015-02-25 
3 'Structure model' 1 2 2015-04-29 
4 'Structure model' 1 3 2020-07-29 
5 'Structure model' 1 4 2024-02-28 
# 
loop_
_pdbx_audit_revision_details.ordinal 
_pdbx_audit_revision_details.revision_ordinal 
_pdbx_audit_revision_details.data_content_type 
_pdbx_audit_revision_details.provider 
_pdbx_audit_revision_details.type 
_pdbx_audit_revision_details.description 
_pdbx_audit_revision_details.details 
1 1 'Structure model' repository 'Initial release' ?                          ? 
2 4 'Structure model' repository Remediation       'Carbohydrate remediation' ? 
# 
loop_
_pdbx_audit_revision_group.ordinal 
_pdbx_audit_revision_group.revision_ordinal 
_pdbx_audit_revision_group.data_content_type 
_pdbx_audit_revision_group.group 
1 2 'Structure model' 'Database references'     
2 3 'Structure model' 'Non-polymer description' 
3 4 'Structure model' 'Data collection'         
4 4 'Structure model' 'Derived calculations'    
5 4 'Structure model' 'Structure summary'       
6 5 'Structure model' 'Data collection'         
7 5 'Structure model' 'Database references'     
8 5 'Structure model' 'Structure summary'       
# 
loop_
_pdbx_audit_revision_category.ordinal 
_pdbx_audit_revision_category.revision_ordinal 
_pdbx_audit_revision_category.data_content_type 
_pdbx_audit_revision_category.category 
1  4 'Structure model' chem_comp                 
2  4 'Structure model' entity                    
3  4 'Structure model' pdbx_chem_comp_identifier 
4  4 'Structure model' pdbx_entity_nonpoly       
5  4 'Structure model' struct_site               
6  4 'Structure model' struct_site_gen           
7  5 'Structure model' chem_comp                 
8  5 'Structure model' chem_comp_atom            
9  5 'Structure model' chem_comp_bond            
10 5 'Structure model' database_2                
# 
loop_
_pdbx_audit_revision_item.ordinal 
_pdbx_audit_revision_item.revision_ordinal 
_pdbx_audit_revision_item.data_content_type 
_pdbx_audit_revision_item.item 
1 4 'Structure model' '_chem_comp.mon_nstd_flag'            
2 4 'Structure model' '_chem_comp.name'                     
3 4 'Structure model' '_chem_comp.type'                     
4 4 'Structure model' '_entity.pdbx_description'            
5 4 'Structure model' '_pdbx_entity_nonpoly.name'           
6 5 'Structure model' '_chem_comp.pdbx_synonyms'            
7 5 'Structure model' '_database_2.pdbx_DOI'                
8 5 'Structure model' '_database_2.pdbx_database_accession' 
# 
_pdbx_database_status.entry_id                        4QXW 
_pdbx_database_status.deposit_site                    RCSB 
_pdbx_database_status.process_site                    RCSB 
_pdbx_database_status.recvd_initial_deposition_date   2014-07-22 
_pdbx_database_status.status_code                     REL 
_pdbx_database_status.status_code_sf                  REL 
_pdbx_database_status.status_code_mr                  ? 
_pdbx_database_status.SG_entry                        ? 
_pdbx_database_status.status_code_cs                  ? 
_pdbx_database_status.methods_development_category    ? 
_pdbx_database_status.pdb_format_compatible           Y 
_pdbx_database_status.status_code_nmr_data            ? 
# 
loop_
_pdbx_database_related.db_name 
_pdbx_database_related.db_id 
_pdbx_database_related.details 
_pdbx_database_related.content_type 
PDB 2GK2 . unspecified 
PDB 4QYC . unspecified 
# 
loop_
_audit_author.name 
_audit_author.pdbx_ordinal 
'Huang, Y.H.'    1 
'Gandhi, A.K.'   2 
'Russell, A.'    3 
'Kondo, Y.'      4 
'Chen, Q.'       5 
'Petsko, G.A.'   6 
'Blumberg, R.S.' 7 
# 
_citation.id                        primary 
_citation.title                     'CEACAM1 regulates TIM-3-mediated tolerance and exhaustion.' 
_citation.journal_abbrev            Nature 
_citation.journal_volume            517 
_citation.page_first                386 
_citation.page_last                 390 
_citation.year                      2015 
_citation.journal_id_ASTM           NATUAS 
_citation.country                   UK 
_citation.journal_id_ISSN           0028-0836 
_citation.journal_id_CSD            0006 
_citation.book_publisher            ? 
_citation.pdbx_database_id_PubMed   25363763 
_citation.pdbx_database_id_DOI      10.1038/nature13848 
# 
loop_
_citation_author.citation_id 
_citation_author.name 
_citation_author.ordinal 
_citation_author.identifier_ORCID 
primary 'Huang, Y.H.'     1  ? 
primary 'Zhu, C.'         2  ? 
primary 'Kondo, Y.'       3  ? 
primary 'Anderson, A.C.'  4  ? 
primary 'Gandhi, A.'      5  ? 
primary 'Russell, A.'     6  ? 
primary 'Dougan, S.K.'    7  ? 
primary 'Petersen, B.S.'  8  ? 
primary 'Melum, E.'       9  ? 
primary 'Pertel, T.'      10 ? 
primary 'Clayton, K.L.'   11 ? 
primary 'Raab, M.'        12 ? 
primary 'Chen, Q.'        13 ? 
primary 'Beauchemin, N.'  14 ? 
primary 'Yazaki, P.J.'    15 ? 
primary 'Pyzik, M.'       16 ? 
primary 'Ostrowski, M.A.' 17 ? 
primary 'Glickman, J.N.'  18 ? 
primary 'Rudd, C.E.'      19 ? 
primary 'Ploegh, H.L.'    20 ? 
primary 'Franke, A.'      21 ? 
primary 'Petsko, G.A.'    22 ? 
primary 'Kuchroo, V.K.'   23 ? 
primary 'Blumberg, R.S.'  24 ? 
# 
loop_
_entity.id 
_entity.type 
_entity.src_method 
_entity.pdbx_description 
_entity.formula_weight 
_entity.pdbx_number_of_molecules 
_entity.pdbx_ec 
_entity.pdbx_mutation 
_entity.pdbx_fragment 
_entity.details 
1 polymer     man 'Carcinoembryonic antigen-related cell adhesion molecule 1' 11899.170 2  ? ? 'N terminal domain' ? 
2 non-polymer syn 'MALONIC ACID'                                              104.061   1  ? ? ?                   ? 
3 non-polymer man 'octyl beta-D-glucopyranoside'                              292.369   2  ? ? ?                   ? 
4 water       nat water                                                       18.015    66 ? ? ?                   ? 
# 
_entity_name_com.entity_id   1 
_entity_name_com.name        'Biliary glycoprotein 1, BGP-1' 
# 
_entity_poly.entity_id                      1 
_entity_poly.type                           'polypeptide(L)' 
_entity_poly.nstd_linkage                   no 
_entity_poly.nstd_monomer                   no 
_entity_poly.pdbx_seq_one_letter_code       
;QLTTESMPFNVAEGKEVLLLVHNLPQQLFGYSWYKGERVDGNRQIVGYAIGTQQATPGPANSGRETIYPNASLLIQNVTQ
NDTGFYTLQVIKSDLVNEEATGQFHVY
;
_entity_poly.pdbx_seq_one_letter_code_can   
;QLTTESMPFNVAEGKEVLLLVHNLPQQLFGYSWYKGERVDGNRQIVGYAIGTQQATPGPANSGRETIYPNASLLIQNVTQ
NDTGFYTLQVIKSDLVNEEATGQFHVY
;
_entity_poly.pdbx_strand_id                 A,B 
_entity_poly.pdbx_target_identifier         ? 
# 
loop_
_pdbx_entity_nonpoly.entity_id 
_pdbx_entity_nonpoly.name 
_pdbx_entity_nonpoly.comp_id 
2 'MALONIC ACID'                 MLA 
3 'octyl beta-D-glucopyranoside' BOG 
4 water                          HOH 
# 
loop_
_entity_poly_seq.entity_id 
_entity_poly_seq.num 
_entity_poly_seq.mon_id 
_entity_poly_seq.hetero 
1 1   GLN n 
1 2   LEU n 
1 3   THR n 
1 4   THR n 
1 5   GLU n 
1 6   SER n 
1 7   MET n 
1 8   PRO n 
1 9   PHE n 
1 10  ASN n 
1 11  VAL n 
1 12  ALA n 
1 13  GLU n 
1 14  GLY n 
1 15  LYS n 
1 16  GLU n 
1 17  VAL n 
1 18  LEU n 
1 19  LEU n 
1 20  LEU n 
1 21  VAL n 
1 22  HIS n 
1 23  ASN n 
1 24  LEU n 
1 25  PRO n 
1 26  GLN n 
1 27  GLN n 
1 28  LEU n 
1 29  PHE n 
1 30  GLY n 
1 31  TYR n 
1 32  SER n 
1 33  TRP n 
1 34  TYR n 
1 35  LYS n 
1 36  GLY n 
1 37  GLU n 
1 38  ARG n 
1 39  VAL n 
1 40  ASP n 
1 41  GLY n 
1 42  ASN n 
1 43  ARG n 
1 44  GLN n 
1 45  ILE n 
1 46  VAL n 
1 47  GLY n 
1 48  TYR n 
1 49  ALA n 
1 50  ILE n 
1 51  GLY n 
1 52  THR n 
1 53  GLN n 
1 54  GLN n 
1 55  ALA n 
1 56  THR n 
1 57  PRO n 
1 58  GLY n 
1 59  PRO n 
1 60  ALA n 
1 61  ASN n 
1 62  SER n 
1 63  GLY n 
1 64  ARG n 
1 65  GLU n 
1 66  THR n 
1 67  ILE n 
1 68  TYR n 
1 69  PRO n 
1 70  ASN n 
1 71  ALA n 
1 72  SER n 
1 73  LEU n 
1 74  LEU n 
1 75  ILE n 
1 76  GLN n 
1 77  ASN n 
1 78  VAL n 
1 79  THR n 
1 80  GLN n 
1 81  ASN n 
1 82  ASP n 
1 83  THR n 
1 84  GLY n 
1 85  PHE n 
1 86  TYR n 
1 87  THR n 
1 88  LEU n 
1 89  GLN n 
1 90  VAL n 
1 91  ILE n 
1 92  LYS n 
1 93  SER n 
1 94  ASP n 
1 95  LEU n 
1 96  VAL n 
1 97  ASN n 
1 98  GLU n 
1 99  GLU n 
1 100 ALA n 
1 101 THR n 
1 102 GLY n 
1 103 GLN n 
1 104 PHE n 
1 105 HIS n 
1 106 VAL n 
1 107 TYR n 
# 
_entity_src_gen.entity_id                          1 
_entity_src_gen.pdbx_src_id                        1 
_entity_src_gen.pdbx_alt_source_flag               sample 
_entity_src_gen.pdbx_seq_type                      ? 
_entity_src_gen.pdbx_beg_seq_num                   ? 
_entity_src_gen.pdbx_end_seq_num                   ? 
_entity_src_gen.gene_src_common_name               human 
_entity_src_gen.gene_src_genus                     ? 
_entity_src_gen.pdbx_gene_src_gene                 'CEACAM1, BGP, BGP1' 
_entity_src_gen.gene_src_species                   ? 
_entity_src_gen.gene_src_strain                    ? 
_entity_src_gen.gene_src_tissue                    ? 
_entity_src_gen.gene_src_tissue_fraction           ? 
_entity_src_gen.gene_src_details                   ? 
_entity_src_gen.pdbx_gene_src_fragment             ? 
_entity_src_gen.pdbx_gene_src_scientific_name      'Homo sapiens' 
_entity_src_gen.pdbx_gene_src_ncbi_taxonomy_id     9606 
_entity_src_gen.pdbx_gene_src_variant              ? 
_entity_src_gen.pdbx_gene_src_cell_line            ? 
_entity_src_gen.pdbx_gene_src_atcc                 ? 
_entity_src_gen.pdbx_gene_src_organ                ? 
_entity_src_gen.pdbx_gene_src_organelle            ? 
_entity_src_gen.pdbx_gene_src_cell                 ? 
_entity_src_gen.pdbx_gene_src_cellular_location    ? 
_entity_src_gen.host_org_common_name               ? 
_entity_src_gen.pdbx_host_org_scientific_name      'Escherichia coli' 
_entity_src_gen.pdbx_host_org_ncbi_taxonomy_id     562 
_entity_src_gen.host_org_genus                     ? 
_entity_src_gen.pdbx_host_org_gene                 ? 
_entity_src_gen.pdbx_host_org_organ                ? 
_entity_src_gen.host_org_species                   ? 
_entity_src_gen.pdbx_host_org_tissue               ? 
_entity_src_gen.pdbx_host_org_tissue_fraction      ? 
_entity_src_gen.pdbx_host_org_strain               ? 
_entity_src_gen.pdbx_host_org_variant              ? 
_entity_src_gen.pdbx_host_org_cell_line            ? 
_entity_src_gen.pdbx_host_org_atcc                 ? 
_entity_src_gen.pdbx_host_org_culture_collection   ? 
_entity_src_gen.pdbx_host_org_cell                 ? 
_entity_src_gen.pdbx_host_org_organelle            ? 
_entity_src_gen.pdbx_host_org_cellular_location    ? 
_entity_src_gen.pdbx_host_org_vector_type          ? 
_entity_src_gen.pdbx_host_org_vector               ? 
_entity_src_gen.host_org_details                   ? 
_entity_src_gen.expression_system_id               ? 
_entity_src_gen.plasmid_name                       ? 
_entity_src_gen.plasmid_details                    ? 
_entity_src_gen.pdbx_description                   ? 
# 
loop_
_chem_comp.id 
_chem_comp.type 
_chem_comp.mon_nstd_flag 
_chem_comp.name 
_chem_comp.pdbx_synonyms 
_chem_comp.formula 
_chem_comp.formula_weight 
ALA 'L-peptide linking' y ALANINE                        ? 'C3 H7 N O2'     89.093  
ARG 'L-peptide linking' y ARGININE                       ? 'C6 H15 N4 O2 1' 175.209 
ASN 'L-peptide linking' y ASPARAGINE                     ? 'C4 H8 N2 O3'    132.118 
ASP 'L-peptide linking' y 'ASPARTIC ACID'                ? 'C4 H7 N O4'     133.103 
BOG D-saccharide        n 'octyl beta-D-glucopyranoside' 
'Beta-Octylglucoside; octyl beta-D-glucoside; octyl D-glucoside; octyl glucoside' 'C14 H28 O6'     292.369 
GLN 'L-peptide linking' y GLUTAMINE                      ? 'C5 H10 N2 O3'   146.144 
GLU 'L-peptide linking' y 'GLUTAMIC ACID'                ? 'C5 H9 N O4'     147.129 
GLY 'peptide linking'   y GLYCINE                        ? 'C2 H5 N O2'     75.067  
HIS 'L-peptide linking' y HISTIDINE                      ? 'C6 H10 N3 O2 1' 156.162 
HOH non-polymer         . WATER                          ? 'H2 O'           18.015  
ILE 'L-peptide linking' y ISOLEUCINE                     ? 'C6 H13 N O2'    131.173 
LEU 'L-peptide linking' y LEUCINE                        ? 'C6 H13 N O2'    131.173 
LYS 'L-peptide linking' y LYSINE                         ? 'C6 H15 N2 O2 1' 147.195 
MET 'L-peptide linking' y METHIONINE                     ? 'C5 H11 N O2 S'  149.211 
MLA non-polymer         . 'MALONIC ACID'                 'DICARBOXYLIC ACID C3; PROPANEDIOLIC ACID; METHANEDICARBOXYLIC ACID' 
'C3 H4 O4'       104.061 
PHE 'L-peptide linking' y PHENYLALANINE                  ? 'C9 H11 N O2'    165.189 
PRO 'L-peptide linking' y PROLINE                        ? 'C5 H9 N O2'     115.130 
SER 'L-peptide linking' y SERINE                         ? 'C3 H7 N O3'     105.093 
THR 'L-peptide linking' y THREONINE                      ? 'C4 H9 N O3'     119.119 
TRP 'L-peptide linking' y TRYPTOPHAN                     ? 'C11 H12 N2 O2'  204.225 
TYR 'L-peptide linking' y TYROSINE                       ? 'C9 H11 N O3'    181.189 
VAL 'L-peptide linking' y VALINE                         ? 'C5 H11 N O2'    117.146 
# 
_pdbx_chem_comp_identifier.comp_id           BOG 
_pdbx_chem_comp_identifier.type              'IUPAC CARBOHYDRATE SYMBOL' 
_pdbx_chem_comp_identifier.program           PDB-CARE 
_pdbx_chem_comp_identifier.program_version   1.0 
_pdbx_chem_comp_identifier.identifier        b-octylglucoside 
# 
loop_
_pdbx_poly_seq_scheme.asym_id 
_pdbx_poly_seq_scheme.entity_id 
_pdbx_poly_seq_scheme.seq_id 
_pdbx_poly_seq_scheme.mon_id 
_pdbx_poly_seq_scheme.ndb_seq_num 
_pdbx_poly_seq_scheme.pdb_seq_num 
_pdbx_poly_seq_scheme.auth_seq_num 
_pdbx_poly_seq_scheme.pdb_mon_id 
_pdbx_poly_seq_scheme.auth_mon_id 
_pdbx_poly_seq_scheme.pdb_strand_id 
_pdbx_poly_seq_scheme.pdb_ins_code 
_pdbx_poly_seq_scheme.hetero 
A 1 1   GLN 1   1   1   GLN GLN A . n 
A 1 2   LEU 2   2   2   LEU LEU A . n 
A 1 3   THR 3   3   3   THR THR A . n 
A 1 4   THR 4   4   4   THR THR A . n 
A 1 5   GLU 5   5   5   GLU GLU A . n 
A 1 6   SER 6   6   6   SER SER A . n 
A 1 7   MET 7   7   7   MET MET A . n 
A 1 8   PRO 8   8   8   PRO PRO A . n 
A 1 9   PHE 9   9   9   PHE PHE A . n 
A 1 10  ASN 10  10  10  ASN ASN A . n 
A 1 11  VAL 11  11  11  VAL VAL A . n 
A 1 12  ALA 12  12  12  ALA ALA A . n 
A 1 13  GLU 13  13  13  GLU GLU A . n 
A 1 14  GLY 14  14  14  GLY GLY A . n 
A 1 15  LYS 15  15  15  LYS LYS A . n 
A 1 16  GLU 16  16  16  GLU GLU A . n 
A 1 17  VAL 17  17  17  VAL VAL A . n 
A 1 18  LEU 18  18  18  LEU LEU A . n 
A 1 19  LEU 19  19  19  LEU LEU A . n 
A 1 20  LEU 20  20  20  LEU LEU A . n 
A 1 21  VAL 21  21  21  VAL VAL A . n 
A 1 22  HIS 22  22  22  HIS HIS A . n 
A 1 23  ASN 23  23  23  ASN ASN A . n 
A 1 24  LEU 24  24  24  LEU LEU A . n 
A 1 25  PRO 25  25  25  PRO PRO A . n 
A 1 26  GLN 26  26  26  GLN GLN A . n 
A 1 27  GLN 27  27  27  GLN GLN A . n 
A 1 28  LEU 28  28  28  LEU LEU A . n 
A 1 29  PHE 29  29  29  PHE PHE A . n 
A 1 30  GLY 30  30  30  GLY GLY A . n 
A 1 31  TYR 31  31  31  TYR TYR A . n 
A 1 32  SER 32  32  32  SER SER A . n 
A 1 33  TRP 33  33  33  TRP TRP A . n 
A 1 34  TYR 34  34  34  TYR TYR A . n 
A 1 35  LYS 35  35  35  LYS LYS A . n 
A 1 36  GLY 36  36  36  GLY GLY A . n 
A 1 37  GLU 37  37  37  GLU GLU A . n 
A 1 38  ARG 38  38  38  ARG ARG A . n 
A 1 39  VAL 39  39  39  VAL VAL A . n 
A 1 40  ASP 40  40  40  ASP ASP A . n 
A 1 41  GLY 41  41  41  GLY GLY A . n 
A 1 42  ASN 42  42  42  ASN ASN A . n 
A 1 43  ARG 43  43  43  ARG ARG A . n 
A 1 44  GLN 44  44  44  GLN GLN A . n 
A 1 45  ILE 45  45  45  ILE ILE A . n 
A 1 46  VAL 46  46  46  VAL VAL A . n 
A 1 47  GLY 47  47  47  GLY GLY A . n 
A 1 48  TYR 48  48  48  TYR TYR A . n 
A 1 49  ALA 49  49  49  ALA ALA A . n 
A 1 50  ILE 50  50  50  ILE ILE A . n 
A 1 51  GLY 51  51  51  GLY GLY A . n 
A 1 52  THR 52  52  52  THR THR A . n 
A 1 53  GLN 53  53  53  GLN GLN A . n 
A 1 54  GLN 54  54  54  GLN GLN A . n 
A 1 55  ALA 55  55  55  ALA ALA A . n 
A 1 56  THR 56  56  56  THR THR A . n 
A 1 57  PRO 57  57  57  PRO PRO A . n 
A 1 58  GLY 58  58  58  GLY GLY A . n 
A 1 59  PRO 59  59  59  PRO PRO A . n 
A 1 60  ALA 60  60  60  ALA ALA A . n 
A 1 61  ASN 61  61  61  ASN ASN A . n 
A 1 62  SER 62  62  62  SER SER A . n 
A 1 63  GLY 63  63  63  GLY GLY A . n 
A 1 64  ARG 64  64  64  ARG ARG A . n 
A 1 65  GLU 65  65  65  GLU GLU A . n 
A 1 66  THR 66  66  66  THR THR A . n 
A 1 67  ILE 67  67  67  ILE ILE A . n 
A 1 68  TYR 68  68  68  TYR TYR A . n 
A 1 69  PRO 69  69  69  PRO PRO A . n 
A 1 70  ASN 70  70  70  ASN ASN A . n 
A 1 71  ALA 71  71  71  ALA ALA A . n 
A 1 72  SER 72  72  72  SER SER A . n 
A 1 73  LEU 73  73  73  LEU LEU A . n 
A 1 74  LEU 74  74  74  LEU LEU A . n 
A 1 75  ILE 75  75  75  ILE ILE A . n 
A 1 76  GLN 76  76  76  GLN GLN A . n 
A 1 77  ASN 77  77  77  ASN ASN A . n 
A 1 78  VAL 78  78  78  VAL VAL A . n 
A 1 79  THR 79  79  79  THR THR A . n 
A 1 80  GLN 80  80  80  GLN GLN A . n 
A 1 81  ASN 81  81  81  ASN ASN A . n 
A 1 82  ASP 82  82  82  ASP ASP A . n 
A 1 83  THR 83  83  83  THR THR A . n 
A 1 84  GLY 84  84  84  GLY GLY A . n 
A 1 85  PHE 85  85  85  PHE PHE A . n 
A 1 86  TYR 86  86  86  TYR TYR A . n 
A 1 87  THR 87  87  87  THR THR A . n 
A 1 88  LEU 88  88  88  LEU LEU A . n 
A 1 89  GLN 89  89  89  GLN GLN A . n 
A 1 90  VAL 90  90  90  VAL VAL A . n 
A 1 91  ILE 91  91  91  ILE ILE A . n 
A 1 92  LYS 92  92  92  LYS LYS A . n 
A 1 93  SER 93  93  93  SER SER A . n 
A 1 94  ASP 94  94  94  ASP ASP A . n 
A 1 95  LEU 95  95  95  LEU LEU A . n 
A 1 96  VAL 96  96  96  VAL VAL A . n 
A 1 97  ASN 97  97  97  ASN ASN A . n 
A 1 98  GLU 98  98  98  GLU GLU A . n 
A 1 99  GLU 99  99  99  GLU GLU A . n 
A 1 100 ALA 100 100 100 ALA ALA A . n 
A 1 101 THR 101 101 101 THR THR A . n 
A 1 102 GLY 102 102 102 GLY GLY A . n 
A 1 103 GLN 103 103 103 GLN GLN A . n 
A 1 104 PHE 104 104 104 PHE PHE A . n 
A 1 105 HIS 105 105 105 HIS HIS A . n 
A 1 106 VAL 106 106 106 VAL VAL A . n 
A 1 107 TYR 107 107 107 TYR TYR A . n 
B 1 1   GLN 1   1   1   GLN GLN B . n 
B 1 2   LEU 2   2   2   LEU LEU B . n 
B 1 3   THR 3   3   3   THR THR B . n 
B 1 4   THR 4   4   4   THR THR B . n 
B 1 5   GLU 5   5   5   GLU GLU B . n 
B 1 6   SER 6   6   6   SER SER B . n 
B 1 7   MET 7   7   7   MET MET B . n 
B 1 8   PRO 8   8   8   PRO PRO B . n 
B 1 9   PHE 9   9   9   PHE PHE B . n 
B 1 10  ASN 10  10  10  ASN ASN B . n 
B 1 11  VAL 11  11  11  VAL VAL B . n 
B 1 12  ALA 12  12  12  ALA ALA B . n 
B 1 13  GLU 13  13  13  GLU GLU B . n 
B 1 14  GLY 14  14  14  GLY GLY B . n 
B 1 15  LYS 15  15  15  LYS LYS B . n 
B 1 16  GLU 16  16  16  GLU GLU B . n 
B 1 17  VAL 17  17  17  VAL VAL B . n 
B 1 18  LEU 18  18  18  LEU LEU B . n 
B 1 19  LEU 19  19  19  LEU LEU B . n 
B 1 20  LEU 20  20  20  LEU LEU B . n 
B 1 21  VAL 21  21  21  VAL VAL B . n 
B 1 22  HIS 22  22  22  HIS HIS B . n 
B 1 23  ASN 23  23  23  ASN ASN B . n 
B 1 24  LEU 24  24  24  LEU LEU B . n 
B 1 25  PRO 25  25  25  PRO PRO B . n 
B 1 26  GLN 26  26  26  GLN GLN B . n 
B 1 27  GLN 27  27  27  GLN GLN B . n 
B 1 28  LEU 28  28  28  LEU LEU B . n 
B 1 29  PHE 29  29  29  PHE PHE B . n 
B 1 30  GLY 30  30  30  GLY GLY B . n 
B 1 31  TYR 31  31  31  TYR TYR B . n 
B 1 32  SER 32  32  32  SER SER B . n 
B 1 33  TRP 33  33  33  TRP TRP B . n 
B 1 34  TYR 34  34  34  TYR TYR B . n 
B 1 35  LYS 35  35  35  LYS LYS B . n 
B 1 36  GLY 36  36  36  GLY GLY B . n 
B 1 37  GLU 37  37  37  GLU GLU B . n 
B 1 38  ARG 38  38  38  ARG ARG B . n 
B 1 39  VAL 39  39  39  VAL VAL B . n 
B 1 40  ASP 40  40  40  ASP ASP B . n 
B 1 41  GLY 41  41  41  GLY GLY B . n 
B 1 42  ASN 42  42  42  ASN ASN B . n 
B 1 43  ARG 43  43  43  ARG ARG B . n 
B 1 44  GLN 44  44  44  GLN GLN B . n 
B 1 45  ILE 45  45  45  ILE ILE B . n 
B 1 46  VAL 46  46  46  VAL VAL B . n 
B 1 47  GLY 47  47  47  GLY GLY B . n 
B 1 48  TYR 48  48  48  TYR TYR B . n 
B 1 49  ALA 49  49  49  ALA ALA B . n 
B 1 50  ILE 50  50  50  ILE ILE B . n 
B 1 51  GLY 51  51  51  GLY GLY B . n 
B 1 52  THR 52  52  52  THR THR B . n 
B 1 53  GLN 53  53  53  GLN GLN B . n 
B 1 54  GLN 54  54  54  GLN GLN B . n 
B 1 55  ALA 55  55  55  ALA ALA B . n 
B 1 56  THR 56  56  56  THR THR B . n 
B 1 57  PRO 57  57  57  PRO PRO B . n 
B 1 58  GLY 58  58  58  GLY GLY B . n 
B 1 59  PRO 59  59  59  PRO PRO B . n 
B 1 60  ALA 60  60  60  ALA ALA B . n 
B 1 61  ASN 61  61  61  ASN ASN B . n 
B 1 62  SER 62  62  62  SER SER B . n 
B 1 63  GLY 63  63  63  GLY GLY B . n 
B 1 64  ARG 64  64  64  ARG ARG B . n 
B 1 65  GLU 65  65  65  GLU GLU B . n 
B 1 66  THR 66  66  66  THR THR B . n 
B 1 67  ILE 67  67  67  ILE ILE B . n 
B 1 68  TYR 68  68  68  TYR TYR B . n 
B 1 69  PRO 69  69  69  PRO PRO B . n 
B 1 70  ASN 70  70  70  ASN ASN B . n 
B 1 71  ALA 71  71  71  ALA ALA B . n 
B 1 72  SER 72  72  72  SER SER B . n 
B 1 73  LEU 73  73  73  LEU LEU B . n 
B 1 74  LEU 74  74  74  LEU LEU B . n 
B 1 75  ILE 75  75  75  ILE ILE B . n 
B 1 76  GLN 76  76  76  GLN GLN B . n 
B 1 77  ASN 77  77  77  ASN ASN B . n 
B 1 78  VAL 78  78  78  VAL VAL B . n 
B 1 79  THR 79  79  79  THR THR B . n 
B 1 80  GLN 80  80  80  GLN GLN B . n 
B 1 81  ASN 81  81  81  ASN ASN B . n 
B 1 82  ASP 82  82  82  ASP ASP B . n 
B 1 83  THR 83  83  83  THR THR B . n 
B 1 84  GLY 84  84  84  GLY GLY B . n 
B 1 85  PHE 85  85  85  PHE PHE B . n 
B 1 86  TYR 86  86  86  TYR TYR B . n 
B 1 87  THR 87  87  87  THR THR B . n 
B 1 88  LEU 88  88  88  LEU LEU B . n 
B 1 89  GLN 89  89  89  GLN GLN B . n 
B 1 90  VAL 90  90  90  VAL VAL B . n 
B 1 91  ILE 91  91  91  ILE ILE B . n 
B 1 92  LYS 92  92  92  LYS LYS B . n 
B 1 93  SER 93  93  93  SER SER B . n 
B 1 94  ASP 94  94  94  ASP ASP B . n 
B 1 95  LEU 95  95  95  LEU LEU B . n 
B 1 96  VAL 96  96  96  VAL VAL B . n 
B 1 97  ASN 97  97  97  ASN ASN B . n 
B 1 98  GLU 98  98  98  GLU GLU B . n 
B 1 99  GLU 99  99  99  GLU GLU B . n 
B 1 100 ALA 100 100 100 ALA ALA B . n 
B 1 101 THR 101 101 101 THR THR B . n 
B 1 102 GLY 102 102 102 GLY GLY B . n 
B 1 103 GLN 103 103 103 GLN GLN B . n 
B 1 104 PHE 104 104 104 PHE PHE B . n 
B 1 105 HIS 105 105 105 HIS HIS B . n 
B 1 106 VAL 106 106 106 VAL VAL B . n 
B 1 107 TYR 107 107 107 TYR TYR B . n 
# 
loop_
_pdbx_nonpoly_scheme.asym_id 
_pdbx_nonpoly_scheme.entity_id 
_pdbx_nonpoly_scheme.mon_id 
_pdbx_nonpoly_scheme.ndb_seq_num 
_pdbx_nonpoly_scheme.pdb_seq_num 
_pdbx_nonpoly_scheme.auth_seq_num 
_pdbx_nonpoly_scheme.pdb_mon_id 
_pdbx_nonpoly_scheme.auth_mon_id 
_pdbx_nonpoly_scheme.pdb_strand_id 
_pdbx_nonpoly_scheme.pdb_ins_code 
C 2 MLA 1  201 2  MLA MLA A . 
D 3 BOG 1  202 3  BOG BOG A . 
E 3 BOG 1  201 4  BOG BOG B . 
F 4 HOH 1  301 3  HOH HOH A . 
F 4 HOH 2  302 9  HOH HOH A . 
F 4 HOH 3  303 13 HOH HOH A . 
F 4 HOH 4  304 15 HOH HOH A . 
F 4 HOH 5  305 19 HOH HOH A . 
F 4 HOH 6  306 23 HOH HOH A . 
F 4 HOH 7  307 28 HOH HOH A . 
F 4 HOH 8  308 30 HOH HOH A . 
F 4 HOH 9  309 32 HOH HOH A . 
F 4 HOH 10 310 33 HOH HOH A . 
F 4 HOH 11 311 35 HOH HOH A . 
F 4 HOH 12 312 37 HOH HOH A . 
F 4 HOH 13 313 38 HOH HOH A . 
F 4 HOH 14 314 41 HOH HOH A . 
F 4 HOH 15 315 42 HOH HOH A . 
F 4 HOH 16 316 44 HOH HOH A . 
F 4 HOH 17 317 45 HOH HOH A . 
F 4 HOH 18 318 46 HOH HOH A . 
F 4 HOH 19 319 47 HOH HOH A . 
F 4 HOH 20 320 48 HOH HOH A . 
F 4 HOH 21 321 49 HOH HOH A . 
F 4 HOH 22 322 51 HOH HOH A . 
F 4 HOH 23 323 56 HOH HOH A . 
F 4 HOH 24 324 57 HOH HOH A . 
F 4 HOH 25 325 58 HOH HOH A . 
F 4 HOH 26 326 59 HOH HOH A . 
F 4 HOH 27 327 60 HOH HOH A . 
F 4 HOH 28 328 61 HOH HOH A . 
F 4 HOH 29 329 62 HOH HOH A . 
F 4 HOH 30 330 64 HOH HOH A . 
F 4 HOH 31 331 71 HOH HOH A . 
G 4 HOH 1  301 2  HOH HOH B . 
G 4 HOH 2  302 5  HOH HOH B . 
G 4 HOH 3  303 6  HOH HOH B . 
G 4 HOH 4  304 7  HOH HOH B . 
G 4 HOH 5  305 8  HOH HOH B . 
G 4 HOH 6  306 10 HOH HOH B . 
G 4 HOH 7  307 11 HOH HOH B . 
G 4 HOH 8  308 12 HOH HOH B . 
G 4 HOH 9  309 14 HOH HOH B . 
G 4 HOH 10 310 16 HOH HOH B . 
G 4 HOH 11 311 17 HOH HOH B . 
G 4 HOH 12 312 21 HOH HOH B . 
G 4 HOH 13 313 22 HOH HOH B . 
G 4 HOH 14 314 24 HOH HOH B . 
G 4 HOH 15 315 25 HOH HOH B . 
G 4 HOH 16 316 26 HOH HOH B . 
G 4 HOH 17 317 27 HOH HOH B . 
G 4 HOH 18 318 29 HOH HOH B . 
G 4 HOH 19 319 31 HOH HOH B . 
G 4 HOH 20 320 34 HOH HOH B . 
G 4 HOH 21 321 36 HOH HOH B . 
G 4 HOH 22 322 39 HOH HOH B . 
G 4 HOH 23 323 40 HOH HOH B . 
G 4 HOH 24 324 50 HOH HOH B . 
G 4 HOH 25 325 52 HOH HOH B . 
G 4 HOH 26 326 53 HOH HOH B . 
G 4 HOH 27 327 54 HOH HOH B . 
G 4 HOH 28 328 55 HOH HOH B . 
G 4 HOH 29 329 63 HOH HOH B . 
G 4 HOH 30 330 65 HOH HOH B . 
G 4 HOH 31 331 67 HOH HOH B . 
G 4 HOH 32 332 68 HOH HOH B . 
G 4 HOH 33 333 69 HOH HOH B . 
G 4 HOH 34 334 70 HOH HOH B . 
G 4 HOH 35 335 73 HOH HOH B . 
# 
loop_
_software.pdbx_ordinal 
_software.name 
_software.version 
_software.date 
_software.type 
_software.contact_author 
_software.contact_author_email 
_software.classification 
_software.location 
_software.language 
_software.citation_id 
1 Aimless     0.1.26     03/07/12        program 'Phil Evans'    ?                        'data scaling'    
http://www.mrc-lmb.cam.ac.uk/harry/pre/aimless.html ?   ? 
2 PHENIX      1.8.4_1496 ?               package 'Paul D. Adams' PDAdams@lbl.gov          refinement        
http://www.phenix-online.org/                       C++ ? 
3 PDB_EXTRACT 3.14       'Dec. 10, 2013' package PDB             deposit@deposit.rcsb.org 'data extraction' 
http://sw-tools.pdb.org/apps/PDB_EXTRACT/           C++ ? 
4 CBASS       .          ?               ?       ?               ?                        'data collection' ? ?   ? 
5 MOSFLM      .          ?               ?       ?               ?                        'data reduction'  ? ?   ? 
6 MOLREP      .          ?               ?       ?               ?                        phasing           ? ?   ? 
# 
_cell.length_a           107.160 
_cell.length_b           107.160 
_cell.length_c           61.610 
_cell.angle_alpha        90.000 
_cell.angle_beta         90.000 
_cell.angle_gamma        90.000 
_cell.entry_id           4QXW 
_cell.pdbx_unique_axis   ? 
_cell.Z_PDB              16 
_cell.length_a_esd       ? 
_cell.length_b_esd       ? 
_cell.length_c_esd       ? 
_cell.angle_alpha_esd    ? 
_cell.angle_beta_esd     ? 
_cell.angle_gamma_esd    ? 
# 
_symmetry.space_group_name_H-M             'P 4 21 2' 
_symmetry.entry_id                         4QXW 
_symmetry.Int_Tables_number                90 
_symmetry.pdbx_full_space_group_name_H-M   ? 
_symmetry.cell_setting                     ? 
_symmetry.space_group_name_Hall            ? 
# 
_exptl.crystals_number   1 
_exptl.entry_id          4QXW 
_exptl.method            'X-RAY DIFFRACTION' 
# 
_exptl_crystal.id                    1 
_exptl_crystal.density_Matthews      3.72 
_exptl_crystal.density_meas          ? 
_exptl_crystal.density_percent_sol   66.90 
_exptl_crystal.description           ? 
_exptl_crystal.F_000                 ? 
_exptl_crystal.preparation           ? 
# 
_exptl_crystal_grow.crystal_id      1 
_exptl_crystal_grow.method          'VAPOR DIFFUSION, SITTING DROP' 
_exptl_crystal_grow.pH              8.0 
_exptl_crystal_grow.temp            298 
_exptl_crystal_grow.temp_details    ? 
_exptl_crystal_grow.pdbx_details    
'50 mM TrisHCL buffer 7.5, 60% Tascimate 8.0, 1% Beta-octyl glucoside, 12% Glycerol, VAPOR DIFFUSION, SITTING DROP, temperature 298K' 
_exptl_crystal_grow.pdbx_pH_range   ? 
# 
_diffrn.id                     1 
_diffrn.ambient_temp           100 
_diffrn.ambient_temp_details   ? 
_diffrn.crystal_id             1 
# 
_diffrn_detector.diffrn_id              1 
_diffrn_detector.detector               CCD 
_diffrn_detector.type                   'ADSC QUANTUM 270' 
_diffrn_detector.pdbx_collection_date   2012-10-23 
_diffrn_detector.details                ? 
# 
_diffrn_radiation.diffrn_id                        1 
_diffrn_radiation.wavelength_id                    1 
_diffrn_radiation.pdbx_diffrn_protocol             'SINGLE WAVELENGTH' 
_diffrn_radiation.monochromator                    'channel-cut Si (111) monochromator' 
_diffrn_radiation.pdbx_monochromatic_or_laue_m_l   M 
_diffrn_radiation.pdbx_scattering_type             x-ray 
# 
_diffrn_radiation_wavelength.id           1 
_diffrn_radiation_wavelength.wavelength   1.07810 
_diffrn_radiation_wavelength.wt           1.0 
# 
_diffrn_source.diffrn_id                   1 
_diffrn_source.source                      SYNCHROTRON 
_diffrn_source.type                        'NSLS BEAMLINE X6A' 
_diffrn_source.pdbx_wavelength             ? 
_diffrn_source.pdbx_wavelength_list        1.07810 
_diffrn_source.pdbx_synchrotron_site       NSLS 
_diffrn_source.pdbx_synchrotron_beamline   X6A 
# 
_reflns.entry_id                     4QXW 
_reflns.d_resolution_high            2.040 
_reflns.d_resolution_low             47.9230 
_reflns.number_obs                   23379 
_reflns.pdbx_scaling_rejects         154 
_reflns.pdbx_Rmerge_I_obs            0.198 
_reflns.pdbx_netI_over_sigmaI        8.800 
_reflns.pdbx_redundancy              9.400 
_reflns.percent_possible_obs         99.900 
_reflns.B_iso_Wilson_estimate        22.940 
_reflns.observed_criterion_sigma_F   0 
_reflns.observed_criterion_sigma_I   0 
_reflns.number_all                   23421 
_reflns.pdbx_Rsym_value              ? 
_reflns.R_free_details               ? 
_reflns.limit_h_max                  ? 
_reflns.limit_h_min                  ? 
_reflns.limit_k_max                  ? 
_reflns.limit_k_min                  ? 
_reflns.limit_l_max                  ? 
_reflns.limit_l_min                  ? 
_reflns.observed_criterion_F_max     ? 
_reflns.observed_criterion_F_min     ? 
_reflns.pdbx_chi_squared             ? 
_reflns.pdbx_ordinal                 1 
_reflns.pdbx_diffrn_id               1 
# 
_reflns_shell.d_res_high             2.040 
_reflns_shell.d_res_low              2.100 
_reflns_shell.number_measured_obs    ? 
_reflns_shell.number_measured_all    16250 
_reflns_shell.number_unique_obs      ? 
_reflns_shell.Rmerge_I_obs           0.010 
_reflns_shell.meanI_over_sigI_obs    2.300 
_reflns_shell.pdbx_Rsym_value        ? 
_reflns_shell.pdbx_chi_squared       ? 
_reflns_shell.pdbx_redundancy        9.000 
_reflns_shell.percent_possible_obs   ? 
_reflns_shell.number_unique_all      1802 
_reflns_shell.percent_possible_all   100.000 
_reflns_shell.pdbx_ordinal           1 
_reflns_shell.pdbx_diffrn_id         1 
# 
_refine.entry_id                                 4QXW 
_refine.ls_d_res_high                            2.0400 
_refine.ls_d_res_low                             47.9230 
_refine.pdbx_ls_sigma_F                          1.360 
_refine.pdbx_data_cutoff_high_absF               ? 
_refine.pdbx_data_cutoff_low_absF                ? 
_refine.ls_percent_reflns_obs                    99.7800 
_refine.ls_number_reflns_obs                     23379 
_refine.ls_number_reflns_all                     23421 
_refine.pdbx_ls_cross_valid_method               ? 
_refine.pdbx_R_Free_selection_details            RANDOM 
_refine.details                                  ? 
_refine.ls_R_factor_all                          0.2059 
_refine.ls_R_factor_obs                          0.2059 
_refine.ls_R_factor_R_work                       0.2039 
_refine.ls_wR_factor_R_work                      ? 
_refine.ls_R_factor_R_free                       0.2424 
_refine.ls_wR_factor_R_free                      ? 
_refine.ls_percent_reflns_R_free                 5.1400 
_refine.ls_number_reflns_R_free                  1202 
_refine.ls_R_factor_R_free_error                 ? 
_refine.B_iso_mean                               23.9286 
_refine.solvent_model_param_bsol                 ? 
_refine.solvent_model_param_ksol                 ? 
_refine.pdbx_isotropic_thermal_model             ? 
_refine.aniso_B[1][1]                            ? 
_refine.aniso_B[2][2]                            ? 
_refine.aniso_B[3][3]                            ? 
_refine.aniso_B[1][2]                            ? 
_refine.aniso_B[1][3]                            ? 
_refine.aniso_B[2][3]                            ? 
_refine.correlation_coeff_Fo_to_Fc               ? 
_refine.correlation_coeff_Fo_to_Fc_free          ? 
_refine.overall_SU_R_Cruickshank_DPI             ? 
_refine.overall_SU_R_free                        ? 
_refine.pdbx_overall_ESU_R                       ? 
_refine.pdbx_overall_ESU_R_Free                  ? 
_refine.overall_SU_ML                            0.2100 
_refine.overall_SU_B                             ? 
_refine.solvent_model_details                    'FLAT BULK SOLVENT MODEL' 
_refine.pdbx_solvent_vdw_probe_radii             1.1100 
_refine.pdbx_solvent_ion_probe_radii             ? 
_refine.pdbx_solvent_shrinkage_radii             0.9000 
_refine.ls_number_parameters                     ? 
_refine.ls_number_restraints                     ? 
_refine.pdbx_starting_model                      ? 
_refine.pdbx_method_to_determine_struct          'MOLECULAR REPLACEMENT' 
_refine.pdbx_stereochemistry_target_values       'Engh & Huber' 
_refine.pdbx_stereochem_target_val_spec_case     ? 
_refine.overall_FOM_work_R_set                   ? 
_refine.B_iso_max                                65.880 
_refine.B_iso_min                                12.580 
_refine.pdbx_overall_phase_error                 21.6800 
_refine.occupancy_max                            ? 
_refine.occupancy_min                            ? 
_refine.pdbx_ls_sigma_I                          ? 
_refine.ls_redundancy_reflns_obs                 ? 
_refine.ls_R_factor_R_free_error_details         ? 
_refine.pdbx_data_cutoff_high_rms_absF           ? 
_refine.overall_FOM_free_R_set                   ? 
_refine.pdbx_diffrn_id                           1 
_refine.pdbx_refine_id                           'X-RAY DIFFRACTION' 
_refine.pdbx_TLS_residual_ADP_flag               ? 
_refine.pdbx_overall_SU_R_free_Cruickshank_DPI   ? 
_refine.pdbx_overall_SU_R_Blow_DPI               ? 
_refine.pdbx_overall_SU_R_free_Blow_DPI          ? 
# 
_refine_hist.pdbx_refine_id                   'X-RAY DIFFRACTION' 
_refine_hist.cycle_id                         LAST 
_refine_hist.pdbx_number_atoms_protein        1680 
_refine_hist.pdbx_number_atoms_nucleic_acid   0 
_refine_hist.pdbx_number_atoms_ligand         47 
_refine_hist.number_atoms_solvent             66 
_refine_hist.number_atoms_total               1793 
_refine_hist.d_res_high                       2.0400 
_refine_hist.d_res_low                        47.9230 
# 
loop_
_refine_ls_restr.type 
_refine_ls_restr.number 
_refine_ls_restr.dev_ideal 
_refine_ls_restr.dev_ideal_target 
_refine_ls_restr.weight 
_refine_ls_restr.pdbx_restraint_function 
_refine_ls_restr.pdbx_refine_id 
f_bond_d           1762 0.008  ? ? ? 'X-RAY DIFFRACTION' 
f_angle_d          2395 1.097  ? ? ? 'X-RAY DIFFRACTION' 
f_chiral_restr     260  0.042  ? ? ? 'X-RAY DIFFRACTION' 
f_plane_restr      312  0.005  ? ? ? 'X-RAY DIFFRACTION' 
f_dihedral_angle_d 684  20.994 ? ? ? 'X-RAY DIFFRACTION' 
# 
loop_
_refine_ls_shell.d_res_high 
_refine_ls_shell.d_res_low 
_refine_ls_shell.pdbx_total_number_of_bins_used 
_refine_ls_shell.percent_reflns_obs 
_refine_ls_shell.number_reflns_R_work 
_refine_ls_shell.R_factor_all 
_refine_ls_shell.R_factor_R_work 
_refine_ls_shell.R_factor_R_free 
_refine_ls_shell.percent_reflns_R_free 
_refine_ls_shell.number_reflns_R_free 
_refine_ls_shell.R_factor_R_free_error 
_refine_ls_shell.number_reflns_all 
_refine_ls_shell.number_reflns_obs 
_refine_ls_shell.redundancy_reflns_obs 
_refine_ls_shell.pdbx_refine_id 
2.0400 2.1217  9 100.0000 2442 . 0.2467 0.2604 . 122 . 2564 . . 'X-RAY DIFFRACTION' 
2.1217 2.2183  9 100.0000 2385 . 0.2281 0.3182 . 144 . 2529 . . 'X-RAY DIFFRACTION' 
2.2183 2.3352  9 100.0000 2439 . 0.2282 0.2640 . 129 . 2568 . . 'X-RAY DIFFRACTION' 
2.3352 2.4815  9 100.0000 2414 . 0.2251 0.2660 . 144 . 2558 . . 'X-RAY DIFFRACTION' 
2.4815 2.6731  9 100.0000 2436 . 0.2382 0.2977 . 136 . 2572 . . 'X-RAY DIFFRACTION' 
2.6731 2.9421  9 100.0000 2455 . 0.2310 0.2661 . 133 . 2588 . . 'X-RAY DIFFRACTION' 
2.9421 3.3677  9 100.0000 2488 . 0.2073 0.2465 . 121 . 2609 . . 'X-RAY DIFFRACTION' 
3.3677 4.2426  9 100.0000 2512 . 0.1736 0.2412 . 122 . 2634 . . 'X-RAY DIFFRACTION' 
4.2426 47.9366 9 99.0000  2606 . 0.1714 0.1764 . 151 . 2757 . . 'X-RAY DIFFRACTION' 
# 
_struct.entry_id                  4QXW 
_struct.title                     'Crystal structure of the human CEACAM1 membrane distal amino terminal (N)-domain' 
_struct.pdbx_model_details        ? 
_struct.pdbx_CASP_flag            ? 
_struct.pdbx_model_type_details   ? 
# 
_struct_keywords.entry_id        4QXW 
_struct_keywords.pdbx_keywords   'CELL ADHESION' 
_struct_keywords.text            'Cell Adhesion' 
# 
loop_
_struct_asym.id 
_struct_asym.pdbx_blank_PDB_chainid_flag 
_struct_asym.pdbx_modified 
_struct_asym.entity_id 
_struct_asym.details 
A N N 1 ? 
B N N 1 ? 
C N N 2 ? 
D N N 3 ? 
E N N 3 ? 
F N N 4 ? 
G N N 4 ? 
# 
_struct_ref.id                         1 
_struct_ref.db_name                    UNP 
_struct_ref.db_code                    CEAM1_HUMAN 
_struct_ref.pdbx_db_accession          P13688 
_struct_ref.entity_id                  1 
_struct_ref.pdbx_seq_one_letter_code   
;QLTTESMPFNVAEGKEVLLLVHNLPQQLFGYSWYKGERVDGNRQIVGYAIGTQQATPGPANSGRETIYPNASLLIQNVTQ
NDTGFYTLQVIKSDLVNEEATGQFHVY
;
_struct_ref.pdbx_align_begin           35 
_struct_ref.pdbx_db_isoform            ? 
# 
loop_
_struct_ref_seq.align_id 
_struct_ref_seq.ref_id 
_struct_ref_seq.pdbx_PDB_id_code 
_struct_ref_seq.pdbx_strand_id 
_struct_ref_seq.seq_align_beg 
_struct_ref_seq.pdbx_seq_align_beg_ins_code 
_struct_ref_seq.seq_align_end 
_struct_ref_seq.pdbx_seq_align_end_ins_code 
_struct_ref_seq.pdbx_db_accession 
_struct_ref_seq.db_align_beg 
_struct_ref_seq.pdbx_db_align_beg_ins_code 
_struct_ref_seq.db_align_end 
_struct_ref_seq.pdbx_db_align_end_ins_code 
_struct_ref_seq.pdbx_auth_seq_align_beg 
_struct_ref_seq.pdbx_auth_seq_align_end 
1 1 4QXW A 1 ? 107 ? P13688 35 ? 141 ? 1 107 
2 1 4QXW B 1 ? 107 ? P13688 35 ? 141 ? 1 107 
# 
_pdbx_struct_assembly.id                   1 
_pdbx_struct_assembly.details              author_and_software_defined_assembly 
_pdbx_struct_assembly.method_details       PISA 
_pdbx_struct_assembly.oligomeric_details   dimeric 
_pdbx_struct_assembly.oligomeric_count     2 
# 
loop_
_pdbx_struct_assembly_prop.biol_id 
_pdbx_struct_assembly_prop.type 
_pdbx_struct_assembly_prop.value 
_pdbx_struct_assembly_prop.details 
1 'ABSA (A^2)' 2710  ? 
1 MORE         -3    ? 
1 'SSA (A^2)'  10290 ? 
# 
_pdbx_struct_assembly_gen.assembly_id       1 
_pdbx_struct_assembly_gen.oper_expression   1 
_pdbx_struct_assembly_gen.asym_id_list      A,B,C,D,E,F,G 
# 
_pdbx_struct_oper_list.id                   1 
_pdbx_struct_oper_list.type                 'identity operation' 
_pdbx_struct_oper_list.name                 1_555 
_pdbx_struct_oper_list.symmetry_operation   x,y,z 
_pdbx_struct_oper_list.matrix[1][1]         1.0000000000 
_pdbx_struct_oper_list.matrix[1][2]         0.0000000000 
_pdbx_struct_oper_list.matrix[1][3]         0.0000000000 
_pdbx_struct_oper_list.vector[1]            0.0000000000 
_pdbx_struct_oper_list.matrix[2][1]         0.0000000000 
_pdbx_struct_oper_list.matrix[2][2]         1.0000000000 
_pdbx_struct_oper_list.matrix[2][3]         0.0000000000 
_pdbx_struct_oper_list.vector[2]            0.0000000000 
_pdbx_struct_oper_list.matrix[3][1]         0.0000000000 
_pdbx_struct_oper_list.matrix[3][2]         0.0000000000 
_pdbx_struct_oper_list.matrix[3][3]         1.0000000000 
_pdbx_struct_oper_list.vector[3]            0.0000000000 
# 
_struct_biol.id        1 
_struct_biol.details   ? 
# 
loop_
_struct_conf.conf_type_id 
_struct_conf.id 
_struct_conf.pdbx_PDB_helix_id 
_struct_conf.beg_label_comp_id 
_struct_conf.beg_label_asym_id 
_struct_conf.beg_label_seq_id 
_struct_conf.pdbx_beg_PDB_ins_code 
_struct_conf.end_label_comp_id 
_struct_conf.end_label_asym_id 
_struct_conf.end_label_seq_id 
_struct_conf.pdbx_end_PDB_ins_code 
_struct_conf.beg_auth_comp_id 
_struct_conf.beg_auth_asym_id 
_struct_conf.beg_auth_seq_id 
_struct_conf.end_auth_comp_id 
_struct_conf.end_auth_asym_id 
_struct_conf.end_auth_seq_id 
_struct_conf.pdbx_PDB_helix_class 
_struct_conf.details 
_struct_conf.pdbx_PDB_helix_length 
HELX_P HELX_P1 1 ASP A 40 ? ASN A 42 ? ASP A 40 ASN A 42 5 ? 3 
HELX_P HELX_P2 2 THR A 79 ? THR A 83 ? THR A 79 THR A 83 5 ? 5 
HELX_P HELX_P3 3 ASP B 40 ? ASN B 42 ? ASP B 40 ASN B 42 5 ? 3 
HELX_P HELX_P4 4 THR B 79 ? THR B 83 ? THR B 79 THR B 83 5 ? 5 
# 
_struct_conf_type.id          HELX_P 
_struct_conf_type.criteria    ? 
_struct_conf_type.reference   ? 
# 
loop_
_struct_mon_prot_cis.pdbx_id 
_struct_mon_prot_cis.label_comp_id 
_struct_mon_prot_cis.label_seq_id 
_struct_mon_prot_cis.label_asym_id 
_struct_mon_prot_cis.label_alt_id 
_struct_mon_prot_cis.pdbx_PDB_ins_code 
_struct_mon_prot_cis.auth_comp_id 
_struct_mon_prot_cis.auth_seq_id 
_struct_mon_prot_cis.auth_asym_id 
_struct_mon_prot_cis.pdbx_label_comp_id_2 
_struct_mon_prot_cis.pdbx_label_seq_id_2 
_struct_mon_prot_cis.pdbx_label_asym_id_2 
_struct_mon_prot_cis.pdbx_PDB_ins_code_2 
_struct_mon_prot_cis.pdbx_auth_comp_id_2 
_struct_mon_prot_cis.pdbx_auth_seq_id_2 
_struct_mon_prot_cis.pdbx_auth_asym_id_2 
_struct_mon_prot_cis.pdbx_PDB_model_num 
_struct_mon_prot_cis.pdbx_omega_angle 
1 MET 7 A . ? MET 7 A PRO 8 A ? PRO 8 A 1 -2.71 
2 MET 7 B . ? MET 7 B PRO 8 B ? PRO 8 B 1 -2.55 
# 
loop_
_struct_sheet.id 
_struct_sheet.type 
_struct_sheet.number_strands 
_struct_sheet.details 
A ? 4 ? 
B ? 6 ? 
C ? 4 ? 
D ? 6 ? 
# 
loop_
_struct_sheet_order.sheet_id 
_struct_sheet_order.range_id_1 
_struct_sheet_order.range_id_2 
_struct_sheet_order.offset 
_struct_sheet_order.sense 
A 1 2 ? anti-parallel 
A 2 3 ? anti-parallel 
A 3 4 ? anti-parallel 
B 1 2 ? parallel      
B 2 3 ? anti-parallel 
B 3 4 ? anti-parallel 
B 4 5 ? anti-parallel 
B 5 6 ? anti-parallel 
C 1 2 ? anti-parallel 
C 2 3 ? anti-parallel 
C 3 4 ? anti-parallel 
D 1 2 ? parallel      
D 2 3 ? anti-parallel 
D 3 4 ? anti-parallel 
D 4 5 ? anti-parallel 
D 5 6 ? anti-parallel 
# 
loop_
_struct_sheet_range.sheet_id 
_struct_sheet_range.id 
_struct_sheet_range.beg_label_comp_id 
_struct_sheet_range.beg_label_asym_id 
_struct_sheet_range.beg_label_seq_id 
_struct_sheet_range.pdbx_beg_PDB_ins_code 
_struct_sheet_range.end_label_comp_id 
_struct_sheet_range.end_label_asym_id 
_struct_sheet_range.end_label_seq_id 
_struct_sheet_range.pdbx_end_PDB_ins_code 
_struct_sheet_range.beg_auth_comp_id 
_struct_sheet_range.beg_auth_asym_id 
_struct_sheet_range.beg_auth_seq_id 
_struct_sheet_range.end_auth_comp_id 
_struct_sheet_range.end_auth_asym_id 
_struct_sheet_range.end_auth_seq_id 
A 1 THR A 3  ? MET A 7   ? THR A 3  MET A 7   
A 2 VAL A 17 ? HIS A 22  ? VAL A 17 HIS A 22  
A 3 LEU A 73 ? ILE A 75  ? LEU A 73 ILE A 75  
A 4 GLU A 65 ? ILE A 67  ? GLU A 65 ILE A 67  
B 1 ASN A 10 ? ALA A 12  ? ASN A 10 ALA A 12  
B 2 GLU A 98 ? TYR A 107 ? GLU A 98 TYR A 107 
B 3 GLY A 84 ? LYS A 92  ? GLY A 84 LYS A 92  
B 4 LEU A 28 ? LYS A 35  ? LEU A 28 LYS A 35  
B 5 GLN A 44 ? ALA A 49  ? GLN A 44 ALA A 49  
B 6 GLN A 54 ? PRO A 57  ? GLN A 54 PRO A 57  
C 1 THR B 3  ? MET B 7   ? THR B 3  MET B 7   
C 2 VAL B 17 ? HIS B 22  ? VAL B 17 HIS B 22  
C 3 LEU B 73 ? ILE B 75  ? LEU B 73 ILE B 75  
C 4 GLU B 65 ? ILE B 67  ? GLU B 65 ILE B 67  
D 1 ASN B 10 ? ALA B 12  ? ASN B 10 ALA B 12  
D 2 ASN B 97 ? TYR B 107 ? ASN B 97 TYR B 107 
D 3 GLY B 84 ? LYS B 92  ? GLY B 84 LYS B 92  
D 4 LEU B 28 ? LYS B 35  ? LEU B 28 LYS B 35  
D 5 GLN B 44 ? ALA B 49  ? GLN B 44 ALA B 49  
D 6 GLN B 54 ? PRO B 57  ? GLN B 54 PRO B 57  
# 
loop_
_pdbx_struct_sheet_hbond.sheet_id 
_pdbx_struct_sheet_hbond.range_id_1 
_pdbx_struct_sheet_hbond.range_id_2 
_pdbx_struct_sheet_hbond.range_1_label_atom_id 
_pdbx_struct_sheet_hbond.range_1_label_comp_id 
_pdbx_struct_sheet_hbond.range_1_label_asym_id 
_pdbx_struct_sheet_hbond.range_1_label_seq_id 
_pdbx_struct_sheet_hbond.range_1_PDB_ins_code 
_pdbx_struct_sheet_hbond.range_1_auth_atom_id 
_pdbx_struct_sheet_hbond.range_1_auth_comp_id 
_pdbx_struct_sheet_hbond.range_1_auth_asym_id 
_pdbx_struct_sheet_hbond.range_1_auth_seq_id 
_pdbx_struct_sheet_hbond.range_2_label_atom_id 
_pdbx_struct_sheet_hbond.range_2_label_comp_id 
_pdbx_struct_sheet_hbond.range_2_label_asym_id 
_pdbx_struct_sheet_hbond.range_2_label_seq_id 
_pdbx_struct_sheet_hbond.range_2_PDB_ins_code 
_pdbx_struct_sheet_hbond.range_2_auth_atom_id 
_pdbx_struct_sheet_hbond.range_2_auth_comp_id 
_pdbx_struct_sheet_hbond.range_2_auth_asym_id 
_pdbx_struct_sheet_hbond.range_2_auth_seq_id 
A 1 2 N THR A 3   ? N THR A 3   O HIS A 22  ? O HIS A 22  
A 2 3 N LEU A 19  ? N LEU A 19  O LEU A 73  ? O LEU A 73  
A 3 4 O LEU A 74  ? O LEU A 74  N THR A 66  ? N THR A 66  
B 1 2 N VAL A 11  ? N VAL A 11  O HIS A 105 ? O HIS A 105 
B 2 3 O GLU A 98  ? O GLU A 98  N VAL A 90  ? N VAL A 90  
B 3 4 O GLN A 89  ? O GLN A 89  N SER A 32  ? N SER A 32  
B 4 5 N TRP A 33  ? N TRP A 33  O ILE A 45  ? O ILE A 45  
B 5 6 N GLY A 47  ? N GLY A 47  O THR A 56  ? O THR A 56  
C 1 2 N THR B 3   ? N THR B 3   O HIS B 22  ? O HIS B 22  
C 2 3 N LEU B 19  ? N LEU B 19  O LEU B 73  ? O LEU B 73  
C 3 4 O LEU B 74  ? O LEU B 74  N THR B 66  ? N THR B 66  
D 1 2 N VAL B 11  ? N VAL B 11  O HIS B 105 ? O HIS B 105 
D 2 3 O ALA B 100 ? O ALA B 100 N LEU B 88  ? N LEU B 88  
D 3 4 O GLN B 89  ? O GLN B 89  N SER B 32  ? N SER B 32  
D 4 5 N TRP B 33  ? N TRP B 33  O ILE B 45  ? O ILE B 45  
D 5 6 N ALA B 49  ? N ALA B 49  O GLN B 54  ? O GLN B 54  
# 
loop_
_pdbx_validate_close_contact.id 
_pdbx_validate_close_contact.PDB_model_num 
_pdbx_validate_close_contact.auth_atom_id_1 
_pdbx_validate_close_contact.auth_asym_id_1 
_pdbx_validate_close_contact.auth_comp_id_1 
_pdbx_validate_close_contact.auth_seq_id_1 
_pdbx_validate_close_contact.PDB_ins_code_1 
_pdbx_validate_close_contact.label_alt_id_1 
_pdbx_validate_close_contact.auth_atom_id_2 
_pdbx_validate_close_contact.auth_asym_id_2 
_pdbx_validate_close_contact.auth_comp_id_2 
_pdbx_validate_close_contact.auth_seq_id_2 
_pdbx_validate_close_contact.PDB_ins_code_2 
_pdbx_validate_close_contact.label_alt_id_2 
_pdbx_validate_close_contact.dist 
1 1 O   B HOH 301 ? ? O B HOH 326 ? ? 2.05 
2 1 OE2 B GLU 13  ? ? O B HOH 313 ? ? 2.09 
3 1 O   A THR 101 ? ? O A HOH 330 ? ? 2.16 
4 1 OE1 A GLU 13  ? ? O A HOH 323 ? ? 2.17 
# 
_pdbx_validate_symm_contact.id                1 
_pdbx_validate_symm_contact.PDB_model_num     1 
_pdbx_validate_symm_contact.auth_atom_id_1    O 
_pdbx_validate_symm_contact.auth_asym_id_1    B 
_pdbx_validate_symm_contact.auth_comp_id_1    HOH 
_pdbx_validate_symm_contact.auth_seq_id_1     319 
_pdbx_validate_symm_contact.PDB_ins_code_1    ? 
_pdbx_validate_symm_contact.label_alt_id_1    ? 
_pdbx_validate_symm_contact.site_symmetry_1   1_555 
_pdbx_validate_symm_contact.auth_atom_id_2    O 
_pdbx_validate_symm_contact.auth_asym_id_2    B 
_pdbx_validate_symm_contact.auth_comp_id_2    HOH 
_pdbx_validate_symm_contact.auth_seq_id_2     330 
_pdbx_validate_symm_contact.PDB_ins_code_2    ? 
_pdbx_validate_symm_contact.label_alt_id_2    ? 
_pdbx_validate_symm_contact.site_symmetry_2   4_455 
_pdbx_validate_symm_contact.dist              1.94 
# 
loop_
_pdbx_validate_torsion.id 
_pdbx_validate_torsion.PDB_model_num 
_pdbx_validate_torsion.auth_comp_id 
_pdbx_validate_torsion.auth_asym_id 
_pdbx_validate_torsion.auth_seq_id 
_pdbx_validate_torsion.PDB_ins_code 
_pdbx_validate_torsion.label_alt_id 
_pdbx_validate_torsion.phi 
_pdbx_validate_torsion.psi 
1 1 LYS A 15 ? ? -90.84 -149.46 
2 1 GLN A 27 ? ? 61.35  69.55   
3 1 ALA A 71 ? ? 81.28  -8.22   
4 1 LYS B 15 ? ? -94.13 -151.05 
5 1 GLN B 27 ? ? 57.66  79.47   
6 1 ALA B 71 ? ? 79.80  -4.44   
# 
loop_
_chem_comp_atom.comp_id 
_chem_comp_atom.atom_id 
_chem_comp_atom.type_symbol 
_chem_comp_atom.pdbx_aromatic_flag 
_chem_comp_atom.pdbx_stereo_config 
_chem_comp_atom.pdbx_ordinal 
ALA N      N N N 1   
ALA CA     C N S 2   
ALA C      C N N 3   
ALA O      O N N 4   
ALA CB     C N N 5   
ALA OXT    O N N 6   
ALA H      H N N 7   
ALA H2     H N N 8   
ALA HA     H N N 9   
ALA HB1    H N N 10  
ALA HB2    H N N 11  
ALA HB3    H N N 12  
ALA HXT    H N N 13  
ARG N      N N N 14  
ARG CA     C N S 15  
ARG C      C N N 16  
ARG O      O N N 17  
ARG CB     C N N 18  
ARG CG     C N N 19  
ARG CD     C N N 20  
ARG NE     N N N 21  
ARG CZ     C N N 22  
ARG NH1    N N N 23  
ARG NH2    N N N 24  
ARG OXT    O N N 25  
ARG H      H N N 26  
ARG H2     H N N 27  
ARG HA     H N N 28  
ARG HB2    H N N 29  
ARG HB3    H N N 30  
ARG HG2    H N N 31  
ARG HG3    H N N 32  
ARG HD2    H N N 33  
ARG HD3    H N N 34  
ARG HE     H N N 35  
ARG HH11   H N N 36  
ARG HH12   H N N 37  
ARG HH21   H N N 38  
ARG HH22   H N N 39  
ARG HXT    H N N 40  
ASN N      N N N 41  
ASN CA     C N S 42  
ASN C      C N N 43  
ASN O      O N N 44  
ASN CB     C N N 45  
ASN CG     C N N 46  
ASN OD1    O N N 47  
ASN ND2    N N N 48  
ASN OXT    O N N 49  
ASN H      H N N 50  
ASN H2     H N N 51  
ASN HA     H N N 52  
ASN HB2    H N N 53  
ASN HB3    H N N 54  
ASN HD21   H N N 55  
ASN HD22   H N N 56  
ASN HXT    H N N 57  
ASP N      N N N 58  
ASP CA     C N S 59  
ASP C      C N N 60  
ASP O      O N N 61  
ASP CB     C N N 62  
ASP CG     C N N 63  
ASP OD1    O N N 64  
ASP OD2    O N N 65  
ASP OXT    O N N 66  
ASP H      H N N 67  
ASP H2     H N N 68  
ASP HA     H N N 69  
ASP HB2    H N N 70  
ASP HB3    H N N 71  
ASP HD2    H N N 72  
ASP HXT    H N N 73  
BOG C1     C N R 74  
BOG O1     O N N 75  
BOG C2     C N R 76  
BOG O2     O N N 77  
BOG C3     C N S 78  
BOG O3     O N N 79  
BOG C4     C N S 80  
BOG O4     O N N 81  
BOG C5     C N R 82  
BOG O5     O N N 83  
BOG C6     C N N 84  
BOG O6     O N N 85  
BOG "C1'"  C N N 86  
BOG "C2'"  C N N 87  
BOG "C3'"  C N N 88  
BOG "C4'"  C N N 89  
BOG "C5'"  C N N 90  
BOG "C6'"  C N N 91  
BOG "C7'"  C N N 92  
BOG "C8'"  C N N 93  
BOG H1     H N N 94  
BOG H2     H N N 95  
BOG HO2    H N N 96  
BOG H3     H N N 97  
BOG HO3    H N N 98  
BOG H4     H N N 99  
BOG HO4    H N N 100 
BOG H5     H N N 101 
BOG H61    H N N 102 
BOG H62    H N N 103 
BOG HO6    H N N 104 
BOG "H1'1" H N N 105 
BOG "H1'2" H N N 106 
BOG "H2'1" H N N 107 
BOG "H2'2" H N N 108 
BOG "H3'1" H N N 109 
BOG "H3'2" H N N 110 
BOG "H4'1" H N N 111 
BOG "H4'2" H N N 112 
BOG "H5'1" H N N 113 
BOG "H5'2" H N N 114 
BOG "H6'1" H N N 115 
BOG "H6'2" H N N 116 
BOG "H7'1" H N N 117 
BOG "H7'2" H N N 118 
BOG "H8'1" H N N 119 
BOG "H8'2" H N N 120 
BOG "H8'3" H N N 121 
GLN N      N N N 122 
GLN CA     C N S 123 
GLN C      C N N 124 
GLN O      O N N 125 
GLN CB     C N N 126 
GLN CG     C N N 127 
GLN CD     C N N 128 
GLN OE1    O N N 129 
GLN NE2    N N N 130 
GLN OXT    O N N 131 
GLN H      H N N 132 
GLN H2     H N N 133 
GLN HA     H N N 134 
GLN HB2    H N N 135 
GLN HB3    H N N 136 
GLN HG2    H N N 137 
GLN HG3    H N N 138 
GLN HE21   H N N 139 
GLN HE22   H N N 140 
GLN HXT    H N N 141 
GLU N      N N N 142 
GLU CA     C N S 143 
GLU C      C N N 144 
GLU O      O N N 145 
GLU CB     C N N 146 
GLU CG     C N N 147 
GLU CD     C N N 148 
GLU OE1    O N N 149 
GLU OE2    O N N 150 
GLU OXT    O N N 151 
GLU H      H N N 152 
GLU H2     H N N 153 
GLU HA     H N N 154 
GLU HB2    H N N 155 
GLU HB3    H N N 156 
GLU HG2    H N N 157 
GLU HG3    H N N 158 
GLU HE2    H N N 159 
GLU HXT    H N N 160 
GLY N      N N N 161 
GLY CA     C N N 162 
GLY C      C N N 163 
GLY O      O N N 164 
GLY OXT    O N N 165 
GLY H      H N N 166 
GLY H2     H N N 167 
GLY HA2    H N N 168 
GLY HA3    H N N 169 
GLY HXT    H N N 170 
HIS N      N N N 171 
HIS CA     C N S 172 
HIS C      C N N 173 
HIS O      O N N 174 
HIS CB     C N N 175 
HIS CG     C Y N 176 
HIS ND1    N Y N 177 
HIS CD2    C Y N 178 
HIS CE1    C Y N 179 
HIS NE2    N Y N 180 
HIS OXT    O N N 181 
HIS H      H N N 182 
HIS H2     H N N 183 
HIS HA     H N N 184 
HIS HB2    H N N 185 
HIS HB3    H N N 186 
HIS HD1    H N N 187 
HIS HD2    H N N 188 
HIS HE1    H N N 189 
HIS HE2    H N N 190 
HIS HXT    H N N 191 
HOH O      O N N 192 
HOH H1     H N N 193 
HOH H2     H N N 194 
ILE N      N N N 195 
ILE CA     C N S 196 
ILE C      C N N 197 
ILE O      O N N 198 
ILE CB     C N S 199 
ILE CG1    C N N 200 
ILE CG2    C N N 201 
ILE CD1    C N N 202 
ILE OXT    O N N 203 
ILE H      H N N 204 
ILE H2     H N N 205 
ILE HA     H N N 206 
ILE HB     H N N 207 
ILE HG12   H N N 208 
ILE HG13   H N N 209 
ILE HG21   H N N 210 
ILE HG22   H N N 211 
ILE HG23   H N N 212 
ILE HD11   H N N 213 
ILE HD12   H N N 214 
ILE HD13   H N N 215 
ILE HXT    H N N 216 
LEU N      N N N 217 
LEU CA     C N S 218 
LEU C      C N N 219 
LEU O      O N N 220 
LEU CB     C N N 221 
LEU CG     C N N 222 
LEU CD1    C N N 223 
LEU CD2    C N N 224 
LEU OXT    O N N 225 
LEU H      H N N 226 
LEU H2     H N N 227 
LEU HA     H N N 228 
LEU HB2    H N N 229 
LEU HB3    H N N 230 
LEU HG     H N N 231 
LEU HD11   H N N 232 
LEU HD12   H N N 233 
LEU HD13   H N N 234 
LEU HD21   H N N 235 
LEU HD22   H N N 236 
LEU HD23   H N N 237 
LEU HXT    H N N 238 
LYS N      N N N 239 
LYS CA     C N S 240 
LYS C      C N N 241 
LYS O      O N N 242 
LYS CB     C N N 243 
LYS CG     C N N 244 
LYS CD     C N N 245 
LYS CE     C N N 246 
LYS NZ     N N N 247 
LYS OXT    O N N 248 
LYS H      H N N 249 
LYS H2     H N N 250 
LYS HA     H N N 251 
LYS HB2    H N N 252 
LYS HB3    H N N 253 
LYS HG2    H N N 254 
LYS HG3    H N N 255 
LYS HD2    H N N 256 
LYS HD3    H N N 257 
LYS HE2    H N N 258 
LYS HE3    H N N 259 
LYS HZ1    H N N 260 
LYS HZ2    H N N 261 
LYS HZ3    H N N 262 
LYS HXT    H N N 263 
MET N      N N N 264 
MET CA     C N S 265 
MET C      C N N 266 
MET O      O N N 267 
MET CB     C N N 268 
MET CG     C N N 269 
MET SD     S N N 270 
MET CE     C N N 271 
MET OXT    O N N 272 
MET H      H N N 273 
MET H2     H N N 274 
MET HA     H N N 275 
MET HB2    H N N 276 
MET HB3    H N N 277 
MET HG2    H N N 278 
MET HG3    H N N 279 
MET HE1    H N N 280 
MET HE2    H N N 281 
MET HE3    H N N 282 
MET HXT    H N N 283 
MLA C1     C N N 284 
MLA O1A    O N N 285 
MLA O1B    O N N 286 
MLA C2     C N N 287 
MLA C3     C N N 288 
MLA O3A    O N N 289 
MLA O3B    O N N 290 
MLA H1A    H N N 291 
MLA HC21   H N N 292 
MLA HC22   H N N 293 
MLA H3B    H N N 294 
PHE N      N N N 295 
PHE CA     C N S 296 
PHE C      C N N 297 
PHE O      O N N 298 
PHE CB     C N N 299 
PHE CG     C Y N 300 
PHE CD1    C Y N 301 
PHE CD2    C Y N 302 
PHE CE1    C Y N 303 
PHE CE2    C Y N 304 
PHE CZ     C Y N 305 
PHE OXT    O N N 306 
PHE H      H N N 307 
PHE H2     H N N 308 
PHE HA     H N N 309 
PHE HB2    H N N 310 
PHE HB3    H N N 311 
PHE HD1    H N N 312 
PHE HD2    H N N 313 
PHE HE1    H N N 314 
PHE HE2    H N N 315 
PHE HZ     H N N 316 
PHE HXT    H N N 317 
PRO N      N N N 318 
PRO CA     C N S 319 
PRO C      C N N 320 
PRO O      O N N 321 
PRO CB     C N N 322 
PRO CG     C N N 323 
PRO CD     C N N 324 
PRO OXT    O N N 325 
PRO H      H N N 326 
PRO HA     H N N 327 
PRO HB2    H N N 328 
PRO HB3    H N N 329 
PRO HG2    H N N 330 
PRO HG3    H N N 331 
PRO HD2    H N N 332 
PRO HD3    H N N 333 
PRO HXT    H N N 334 
SER N      N N N 335 
SER CA     C N S 336 
SER C      C N N 337 
SER O      O N N 338 
SER CB     C N N 339 
SER OG     O N N 340 
SER OXT    O N N 341 
SER H      H N N 342 
SER H2     H N N 343 
SER HA     H N N 344 
SER HB2    H N N 345 
SER HB3    H N N 346 
SER HG     H N N 347 
SER HXT    H N N 348 
THR N      N N N 349 
THR CA     C N S 350 
THR C      C N N 351 
THR O      O N N 352 
THR CB     C N R 353 
THR OG1    O N N 354 
THR CG2    C N N 355 
THR OXT    O N N 356 
THR H      H N N 357 
THR H2     H N N 358 
THR HA     H N N 359 
THR HB     H N N 360 
THR HG1    H N N 361 
THR HG21   H N N 362 
THR HG22   H N N 363 
THR HG23   H N N 364 
THR HXT    H N N 365 
TRP N      N N N 366 
TRP CA     C N S 367 
TRP C      C N N 368 
TRP O      O N N 369 
TRP CB     C N N 370 
TRP CG     C Y N 371 
TRP CD1    C Y N 372 
TRP CD2    C Y N 373 
TRP NE1    N Y N 374 
TRP CE2    C Y N 375 
TRP CE3    C Y N 376 
TRP CZ2    C Y N 377 
TRP CZ3    C Y N 378 
TRP CH2    C Y N 379 
TRP OXT    O N N 380 
TRP H      H N N 381 
TRP H2     H N N 382 
TRP HA     H N N 383 
TRP HB2    H N N 384 
TRP HB3    H N N 385 
TRP HD1    H N N 386 
TRP HE1    H N N 387 
TRP HE3    H N N 388 
TRP HZ2    H N N 389 
TRP HZ3    H N N 390 
TRP HH2    H N N 391 
TRP HXT    H N N 392 
TYR N      N N N 393 
TYR CA     C N S 394 
TYR C      C N N 395 
TYR O      O N N 396 
TYR CB     C N N 397 
TYR CG     C Y N 398 
TYR CD1    C Y N 399 
TYR CD2    C Y N 400 
TYR CE1    C Y N 401 
TYR CE2    C Y N 402 
TYR CZ     C Y N 403 
TYR OH     O N N 404 
TYR OXT    O N N 405 
TYR H      H N N 406 
TYR H2     H N N 407 
TYR HA     H N N 408 
TYR HB2    H N N 409 
TYR HB3    H N N 410 
TYR HD1    H N N 411 
TYR HD2    H N N 412 
TYR HE1    H N N 413 
TYR HE2    H N N 414 
TYR HH     H N N 415 
TYR HXT    H N N 416 
VAL N      N N N 417 
VAL CA     C N S 418 
VAL C      C N N 419 
VAL O      O N N 420 
VAL CB     C N N 421 
VAL CG1    C N N 422 
VAL CG2    C N N 423 
VAL OXT    O N N 424 
VAL H      H N N 425 
VAL H2     H N N 426 
VAL HA     H N N 427 
VAL HB     H N N 428 
VAL HG11   H N N 429 
VAL HG12   H N N 430 
VAL HG13   H N N 431 
VAL HG21   H N N 432 
VAL HG22   H N N 433 
VAL HG23   H N N 434 
VAL HXT    H N N 435 
# 
loop_
_chem_comp_bond.comp_id 
_chem_comp_bond.atom_id_1 
_chem_comp_bond.atom_id_2 
_chem_comp_bond.value_order 
_chem_comp_bond.pdbx_aromatic_flag 
_chem_comp_bond.pdbx_stereo_config 
_chem_comp_bond.pdbx_ordinal 
ALA N     CA     sing N N 1   
ALA N     H      sing N N 2   
ALA N     H2     sing N N 3   
ALA CA    C      sing N N 4   
ALA CA    CB     sing N N 5   
ALA CA    HA     sing N N 6   
ALA C     O      doub N N 7   
ALA C     OXT    sing N N 8   
ALA CB    HB1    sing N N 9   
ALA CB    HB2    sing N N 10  
ALA CB    HB3    sing N N 11  
ALA OXT   HXT    sing N N 12  
ARG N     CA     sing N N 13  
ARG N     H      sing N N 14  
ARG N     H2     sing N N 15  
ARG CA    C      sing N N 16  
ARG CA    CB     sing N N 17  
ARG CA    HA     sing N N 18  
ARG C     O      doub N N 19  
ARG C     OXT    sing N N 20  
ARG CB    CG     sing N N 21  
ARG CB    HB2    sing N N 22  
ARG CB    HB3    sing N N 23  
ARG CG    CD     sing N N 24  
ARG CG    HG2    sing N N 25  
ARG CG    HG3    sing N N 26  
ARG CD    NE     sing N N 27  
ARG CD    HD2    sing N N 28  
ARG CD    HD3    sing N N 29  
ARG NE    CZ     sing N N 30  
ARG NE    HE     sing N N 31  
ARG CZ    NH1    sing N N 32  
ARG CZ    NH2    doub N N 33  
ARG NH1   HH11   sing N N 34  
ARG NH1   HH12   sing N N 35  
ARG NH2   HH21   sing N N 36  
ARG NH2   HH22   sing N N 37  
ARG OXT   HXT    sing N N 38  
ASN N     CA     sing N N 39  
ASN N     H      sing N N 40  
ASN N     H2     sing N N 41  
ASN CA    C      sing N N 42  
ASN CA    CB     sing N N 43  
ASN CA    HA     sing N N 44  
ASN C     O      doub N N 45  
ASN C     OXT    sing N N 46  
ASN CB    CG     sing N N 47  
ASN CB    HB2    sing N N 48  
ASN CB    HB3    sing N N 49  
ASN CG    OD1    doub N N 50  
ASN CG    ND2    sing N N 51  
ASN ND2   HD21   sing N N 52  
ASN ND2   HD22   sing N N 53  
ASN OXT   HXT    sing N N 54  
ASP N     CA     sing N N 55  
ASP N     H      sing N N 56  
ASP N     H2     sing N N 57  
ASP CA    C      sing N N 58  
ASP CA    CB     sing N N 59  
ASP CA    HA     sing N N 60  
ASP C     O      doub N N 61  
ASP C     OXT    sing N N 62  
ASP CB    CG     sing N N 63  
ASP CB    HB2    sing N N 64  
ASP CB    HB3    sing N N 65  
ASP CG    OD1    doub N N 66  
ASP CG    OD2    sing N N 67  
ASP OD2   HD2    sing N N 68  
ASP OXT   HXT    sing N N 69  
BOG C1    O1     sing N N 70  
BOG C1    C2     sing N N 71  
BOG C1    O5     sing N N 72  
BOG C1    H1     sing N N 73  
BOG O1    "C1'"  sing N N 74  
BOG C2    O2     sing N N 75  
BOG C2    C3     sing N N 76  
BOG C2    H2     sing N N 77  
BOG O2    HO2    sing N N 78  
BOG C3    O3     sing N N 79  
BOG C3    C4     sing N N 80  
BOG C3    H3     sing N N 81  
BOG O3    HO3    sing N N 82  
BOG C4    O4     sing N N 83  
BOG C4    C5     sing N N 84  
BOG C4    H4     sing N N 85  
BOG O4    HO4    sing N N 86  
BOG C5    O5     sing N N 87  
BOG C5    C6     sing N N 88  
BOG C5    H5     sing N N 89  
BOG C6    O6     sing N N 90  
BOG C6    H61    sing N N 91  
BOG C6    H62    sing N N 92  
BOG O6    HO6    sing N N 93  
BOG "C1'" "C2'"  sing N N 94  
BOG "C1'" "H1'1" sing N N 95  
BOG "C1'" "H1'2" sing N N 96  
BOG "C2'" "C3'"  sing N N 97  
BOG "C2'" "H2'1" sing N N 98  
BOG "C2'" "H2'2" sing N N 99  
BOG "C3'" "C4'"  sing N N 100 
BOG "C3'" "H3'1" sing N N 101 
BOG "C3'" "H3'2" sing N N 102 
BOG "C4'" "C5'"  sing N N 103 
BOG "C4'" "H4'1" sing N N 104 
BOG "C4'" "H4'2" sing N N 105 
BOG "C5'" "C6'"  sing N N 106 
BOG "C5'" "H5'1" sing N N 107 
BOG "C5'" "H5'2" sing N N 108 
BOG "C6'" "C7'"  sing N N 109 
BOG "C6'" "H6'1" sing N N 110 
BOG "C6'" "H6'2" sing N N 111 
BOG "C7'" "C8'"  sing N N 112 
BOG "C7'" "H7'1" sing N N 113 
BOG "C7'" "H7'2" sing N N 114 
BOG "C8'" "H8'1" sing N N 115 
BOG "C8'" "H8'2" sing N N 116 
BOG "C8'" "H8'3" sing N N 117 
GLN N     CA     sing N N 118 
GLN N     H      sing N N 119 
GLN N     H2     sing N N 120 
GLN CA    C      sing N N 121 
GLN CA    CB     sing N N 122 
GLN CA    HA     sing N N 123 
GLN C     O      doub N N 124 
GLN C     OXT    sing N N 125 
GLN CB    CG     sing N N 126 
GLN CB    HB2    sing N N 127 
GLN CB    HB3    sing N N 128 
GLN CG    CD     sing N N 129 
GLN CG    HG2    sing N N 130 
GLN CG    HG3    sing N N 131 
GLN CD    OE1    doub N N 132 
GLN CD    NE2    sing N N 133 
GLN NE2   HE21   sing N N 134 
GLN NE2   HE22   sing N N 135 
GLN OXT   HXT    sing N N 136 
GLU N     CA     sing N N 137 
GLU N     H      sing N N 138 
GLU N     H2     sing N N 139 
GLU CA    C      sing N N 140 
GLU CA    CB     sing N N 141 
GLU CA    HA     sing N N 142 
GLU C     O      doub N N 143 
GLU C     OXT    sing N N 144 
GLU CB    CG     sing N N 145 
GLU CB    HB2    sing N N 146 
GLU CB    HB3    sing N N 147 
GLU CG    CD     sing N N 148 
GLU CG    HG2    sing N N 149 
GLU CG    HG3    sing N N 150 
GLU CD    OE1    doub N N 151 
GLU CD    OE2    sing N N 152 
GLU OE2   HE2    sing N N 153 
GLU OXT   HXT    sing N N 154 
GLY N     CA     sing N N 155 
GLY N     H      sing N N 156 
GLY N     H2     sing N N 157 
GLY CA    C      sing N N 158 
GLY CA    HA2    sing N N 159 
GLY CA    HA3    sing N N 160 
GLY C     O      doub N N 161 
GLY C     OXT    sing N N 162 
GLY OXT   HXT    sing N N 163 
HIS N     CA     sing N N 164 
HIS N     H      sing N N 165 
HIS N     H2     sing N N 166 
HIS CA    C      sing N N 167 
HIS CA    CB     sing N N 168 
HIS CA    HA     sing N N 169 
HIS C     O      doub N N 170 
HIS C     OXT    sing N N 171 
HIS CB    CG     sing N N 172 
HIS CB    HB2    sing N N 173 
HIS CB    HB3    sing N N 174 
HIS CG    ND1    sing Y N 175 
HIS CG    CD2    doub Y N 176 
HIS ND1   CE1    doub Y N 177 
HIS ND1   HD1    sing N N 178 
HIS CD2   NE2    sing Y N 179 
HIS CD2   HD2    sing N N 180 
HIS CE1   NE2    sing Y N 181 
HIS CE1   HE1    sing N N 182 
HIS NE2   HE2    sing N N 183 
HIS OXT   HXT    sing N N 184 
HOH O     H1     sing N N 185 
HOH O     H2     sing N N 186 
ILE N     CA     sing N N 187 
ILE N     H      sing N N 188 
ILE N     H2     sing N N 189 
ILE CA    C      sing N N 190 
ILE CA    CB     sing N N 191 
ILE CA    HA     sing N N 192 
ILE C     O      doub N N 193 
ILE C     OXT    sing N N 194 
ILE CB    CG1    sing N N 195 
ILE CB    CG2    sing N N 196 
ILE CB    HB     sing N N 197 
ILE CG1   CD1    sing N N 198 
ILE CG1   HG12   sing N N 199 
ILE CG1   HG13   sing N N 200 
ILE CG2   HG21   sing N N 201 
ILE CG2   HG22   sing N N 202 
ILE CG2   HG23   sing N N 203 
ILE CD1   HD11   sing N N 204 
ILE CD1   HD12   sing N N 205 
ILE CD1   HD13   sing N N 206 
ILE OXT   HXT    sing N N 207 
LEU N     CA     sing N N 208 
LEU N     H      sing N N 209 
LEU N     H2     sing N N 210 
LEU CA    C      sing N N 211 
LEU CA    CB     sing N N 212 
LEU CA    HA     sing N N 213 
LEU C     O      doub N N 214 
LEU C     OXT    sing N N 215 
LEU CB    CG     sing N N 216 
LEU CB    HB2    sing N N 217 
LEU CB    HB3    sing N N 218 
LEU CG    CD1    sing N N 219 
LEU CG    CD2    sing N N 220 
LEU CG    HG     sing N N 221 
LEU CD1   HD11   sing N N 222 
LEU CD1   HD12   sing N N 223 
LEU CD1   HD13   sing N N 224 
LEU CD2   HD21   sing N N 225 
LEU CD2   HD22   sing N N 226 
LEU CD2   HD23   sing N N 227 
LEU OXT   HXT    sing N N 228 
LYS N     CA     sing N N 229 
LYS N     H      sing N N 230 
LYS N     H2     sing N N 231 
LYS CA    C      sing N N 232 
LYS CA    CB     sing N N 233 
LYS CA    HA     sing N N 234 
LYS C     O      doub N N 235 
LYS C     OXT    sing N N 236 
LYS CB    CG     sing N N 237 
LYS CB    HB2    sing N N 238 
LYS CB    HB3    sing N N 239 
LYS CG    CD     sing N N 240 
LYS CG    HG2    sing N N 241 
LYS CG    HG3    sing N N 242 
LYS CD    CE     sing N N 243 
LYS CD    HD2    sing N N 244 
LYS CD    HD3    sing N N 245 
LYS CE    NZ     sing N N 246 
LYS CE    HE2    sing N N 247 
LYS CE    HE3    sing N N 248 
LYS NZ    HZ1    sing N N 249 
LYS NZ    HZ2    sing N N 250 
LYS NZ    HZ3    sing N N 251 
LYS OXT   HXT    sing N N 252 
MET N     CA     sing N N 253 
MET N     H      sing N N 254 
MET N     H2     sing N N 255 
MET CA    C      sing N N 256 
MET CA    CB     sing N N 257 
MET CA    HA     sing N N 258 
MET C     O      doub N N 259 
MET C     OXT    sing N N 260 
MET CB    CG     sing N N 261 
MET CB    HB2    sing N N 262 
MET CB    HB3    sing N N 263 
MET CG    SD     sing N N 264 
MET CG    HG2    sing N N 265 
MET CG    HG3    sing N N 266 
MET SD    CE     sing N N 267 
MET CE    HE1    sing N N 268 
MET CE    HE2    sing N N 269 
MET CE    HE3    sing N N 270 
MET OXT   HXT    sing N N 271 
MLA C1    O1A    sing N N 272 
MLA C1    O1B    doub N N 273 
MLA C1    C2     sing N N 274 
MLA O1A   H1A    sing N N 275 
MLA C2    C3     sing N N 276 
MLA C2    HC21   sing N N 277 
MLA C2    HC22   sing N N 278 
MLA C3    O3A    doub N N 279 
MLA C3    O3B    sing N N 280 
MLA O3B   H3B    sing N N 281 
PHE N     CA     sing N N 282 
PHE N     H      sing N N 283 
PHE N     H2     sing N N 284 
PHE CA    C      sing N N 285 
PHE CA    CB     sing N N 286 
PHE CA    HA     sing N N 287 
PHE C     O      doub N N 288 
PHE C     OXT    sing N N 289 
PHE CB    CG     sing N N 290 
PHE CB    HB2    sing N N 291 
PHE CB    HB3    sing N N 292 
PHE CG    CD1    doub Y N 293 
PHE CG    CD2    sing Y N 294 
PHE CD1   CE1    sing Y N 295 
PHE CD1   HD1    sing N N 296 
PHE CD2   CE2    doub Y N 297 
PHE CD2   HD2    sing N N 298 
PHE CE1   CZ     doub Y N 299 
PHE CE1   HE1    sing N N 300 
PHE CE2   CZ     sing Y N 301 
PHE CE2   HE2    sing N N 302 
PHE CZ    HZ     sing N N 303 
PHE OXT   HXT    sing N N 304 
PRO N     CA     sing N N 305 
PRO N     CD     sing N N 306 
PRO N     H      sing N N 307 
PRO CA    C      sing N N 308 
PRO CA    CB     sing N N 309 
PRO CA    HA     sing N N 310 
PRO C     O      doub N N 311 
PRO C     OXT    sing N N 312 
PRO CB    CG     sing N N 313 
PRO CB    HB2    sing N N 314 
PRO CB    HB3    sing N N 315 
PRO CG    CD     sing N N 316 
PRO CG    HG2    sing N N 317 
PRO CG    HG3    sing N N 318 
PRO CD    HD2    sing N N 319 
PRO CD    HD3    sing N N 320 
PRO OXT   HXT    sing N N 321 
SER N     CA     sing N N 322 
SER N     H      sing N N 323 
SER N     H2     sing N N 324 
SER CA    C      sing N N 325 
SER CA    CB     sing N N 326 
SER CA    HA     sing N N 327 
SER C     O      doub N N 328 
SER C     OXT    sing N N 329 
SER CB    OG     sing N N 330 
SER CB    HB2    sing N N 331 
SER CB    HB3    sing N N 332 
SER OG    HG     sing N N 333 
SER OXT   HXT    sing N N 334 
THR N     CA     sing N N 335 
THR N     H      sing N N 336 
THR N     H2     sing N N 337 
THR CA    C      sing N N 338 
THR CA    CB     sing N N 339 
THR CA    HA     sing N N 340 
THR C     O      doub N N 341 
THR C     OXT    sing N N 342 
THR CB    OG1    sing N N 343 
THR CB    CG2    sing N N 344 
THR CB    HB     sing N N 345 
THR OG1   HG1    sing N N 346 
THR CG2   HG21   sing N N 347 
THR CG2   HG22   sing N N 348 
THR CG2   HG23   sing N N 349 
THR OXT   HXT    sing N N 350 
TRP N     CA     sing N N 351 
TRP N     H      sing N N 352 
TRP N     H2     sing N N 353 
TRP CA    C      sing N N 354 
TRP CA    CB     sing N N 355 
TRP CA    HA     sing N N 356 
TRP C     O      doub N N 357 
TRP C     OXT    sing N N 358 
TRP CB    CG     sing N N 359 
TRP CB    HB2    sing N N 360 
TRP CB    HB3    sing N N 361 
TRP CG    CD1    doub Y N 362 
TRP CG    CD2    sing Y N 363 
TRP CD1   NE1    sing Y N 364 
TRP CD1   HD1    sing N N 365 
TRP CD2   CE2    doub Y N 366 
TRP CD2   CE3    sing Y N 367 
TRP NE1   CE2    sing Y N 368 
TRP NE1   HE1    sing N N 369 
TRP CE2   CZ2    sing Y N 370 
TRP CE3   CZ3    doub Y N 371 
TRP CE3   HE3    sing N N 372 
TRP CZ2   CH2    doub Y N 373 
TRP CZ2   HZ2    sing N N 374 
TRP CZ3   CH2    sing Y N 375 
TRP CZ3   HZ3    sing N N 376 
TRP CH2   HH2    sing N N 377 
TRP OXT   HXT    sing N N 378 
TYR N     CA     sing N N 379 
TYR N     H      sing N N 380 
TYR N     H2     sing N N 381 
TYR CA    C      sing N N 382 
TYR CA    CB     sing N N 383 
TYR CA    HA     sing N N 384 
TYR C     O      doub N N 385 
TYR C     OXT    sing N N 386 
TYR CB    CG     sing N N 387 
TYR CB    HB2    sing N N 388 
TYR CB    HB3    sing N N 389 
TYR CG    CD1    doub Y N 390 
TYR CG    CD2    sing Y N 391 
TYR CD1   CE1    sing Y N 392 
TYR CD1   HD1    sing N N 393 
TYR CD2   CE2    doub Y N 394 
TYR CD2   HD2    sing N N 395 
TYR CE1   CZ     doub Y N 396 
TYR CE1   HE1    sing N N 397 
TYR CE2   CZ     sing Y N 398 
TYR CE2   HE2    sing N N 399 
TYR CZ    OH     sing N N 400 
TYR OH    HH     sing N N 401 
TYR OXT   HXT    sing N N 402 
VAL N     CA     sing N N 403 
VAL N     H      sing N N 404 
VAL N     H2     sing N N 405 
VAL CA    C      sing N N 406 
VAL CA    CB     sing N N 407 
VAL CA    HA     sing N N 408 
VAL C     O      doub N N 409 
VAL C     OXT    sing N N 410 
VAL CB    CG1    sing N N 411 
VAL CB    CG2    sing N N 412 
VAL CB    HB     sing N N 413 
VAL CG1   HG11   sing N N 414 
VAL CG1   HG12   sing N N 415 
VAL CG1   HG13   sing N N 416 
VAL CG2   HG21   sing N N 417 
VAL CG2   HG22   sing N N 418 
VAL CG2   HG23   sing N N 419 
VAL OXT   HXT    sing N N 420 
# 
_atom_sites.entry_id                    4QXW 
_atom_sites.fract_transf_matrix[1][1]   0.00163229 
_atom_sites.fract_transf_matrix[1][2]   -0.00503761 
_atom_sites.fract_transf_matrix[1][3]   -0.00768403 
_atom_sites.fract_transf_matrix[2][1]   0.00429462 
_atom_sites.fract_transf_matrix[2][2]   -0.00648106 
_atom_sites.fract_transf_matrix[2][3]   0.00516124 
_atom_sites.fract_transf_matrix[3][1]   -0.01412767 
_atom_sites.fract_transf_matrix[3][2]   -0.00772065 
_atom_sites.fract_transf_matrix[3][3]   0.00206054 
_atom_sites.fract_transf_vector[1]      0.114238 
_atom_sites.fract_transf_vector[2]      0.341415 
_atom_sites.fract_transf_vector[3]      0.477177 
# 
loop_
_atom_type.symbol 
C 
N 
O 
S 
# 
loop_
_atom_site.group_PDB 
_atom_site.id 
_atom_site.type_symbol 
_atom_site.label_atom_id 
_atom_site.label_alt_id 
_atom_site.label_comp_id 
_atom_site.label_asym_id 
_atom_site.label_entity_id 
_atom_site.label_seq_id 
_atom_site.pdbx_PDB_ins_code 
_atom_site.Cartn_x 
_atom_site.Cartn_y 
_atom_site.Cartn_z 
_atom_site.occupancy 
_atom_site.B_iso_or_equiv 
_atom_site.pdbx_formal_charge 
_atom_site.auth_seq_id 
_atom_site.auth_comp_id 
_atom_site.auth_asym_id 
_atom_site.auth_atom_id 
_atom_site.pdbx_PDB_model_num 
ATOM   1    N N     . GLN A 1 1   ? 14.095  -7.458  -5.347  1.00 43.39 ? 1   GLN A N     1 
ATOM   2    C CA    . GLN A 1 1   ? 15.053  -6.748  -6.172  1.00 44.07 ? 1   GLN A CA    1 
ATOM   3    C C     . GLN A 1 1   ? 14.815  -5.229  -6.072  1.00 38.51 ? 1   GLN A C     1 
ATOM   4    O O     . GLN A 1 1   ? 15.789  -4.461  -6.111  1.00 35.88 ? 1   GLN A O     1 
ATOM   5    C CB    . GLN A 1 1   ? 14.959  -7.196  -7.621  1.00 42.98 ? 1   GLN A CB    1 
ATOM   6    C CG    . GLN A 1 1   ? 16.222  -7.005  -8.524  1.00 45.05 ? 1   GLN A CG    1 
ATOM   7    C CD    . GLN A 1 1   ? 17.542  -7.525  -7.939  1.00 54.15 ? 1   GLN A CD    1 
ATOM   8    O OE1   . GLN A 1 1   ? 17.561  -8.180  -6.905  1.00 61.99 ? 1   GLN A OE1   1 
ATOM   9    N NE2   . GLN A 1 1   ? 18.656  -7.221  -8.608  1.00 51.11 ? 1   GLN A NE2   1 
ATOM   10   N N     . LEU A 1 2   ? 13.555  -4.783  -5.947  1.00 28.07 ? 2   LEU A N     1 
ATOM   11   C CA    . LEU A 1 2   ? 13.286  -3.371  -5.657  1.00 29.01 ? 2   LEU A CA    1 
ATOM   12   C C     . LEU A 1 2   ? 13.972  -2.940  -4.357  1.00 26.89 ? 2   LEU A C     1 
ATOM   13   O O     . LEU A 1 2   ? 13.728  -3.512  -3.300  1.00 25.30 ? 2   LEU A O     1 
ATOM   14   C CB    . LEU A 1 2   ? 11.787  -3.107  -5.551  1.00 24.76 ? 2   LEU A CB    1 
ATOM   15   C CG    . LEU A 1 2   ? 11.375  -1.704  -5.079  1.00 24.35 ? 2   LEU A CG    1 
ATOM   16   C CD1   . LEU A 1 2   ? 11.728  -0.625  -6.109  1.00 21.95 ? 2   LEU A CD1   1 
ATOM   17   C CD2   . LEU A 1 2   ? 9.874   -1.650  -4.739  1.00 23.80 ? 2   LEU A CD2   1 
ATOM   18   N N     . THR A 1 3   ? 14.820  -1.921  -4.431  1.00 27.32 ? 3   THR A N     1 
ATOM   19   C CA    . THR A 1 3   ? 15.521  -1.446  -3.241  1.00 25.68 ? 3   THR A CA    1 
ATOM   20   C C     . THR A 1 3   ? 15.659  0.061   -3.259  1.00 25.78 ? 3   THR A C     1 
ATOM   21   O O     . THR A 1 3   ? 15.592  0.704   -4.313  1.00 24.17 ? 3   THR A O     1 
ATOM   22   C CB    . THR A 1 3   ? 16.951  -2.030  -3.095  1.00 25.89 ? 3   THR A CB    1 
ATOM   23   O OG1   . THR A 1 3   ? 17.813  -1.432  -4.071  1.00 32.58 ? 3   THR A OG1   1 
ATOM   24   C CG2   . THR A 1 3   ? 16.970  -3.546  -3.244  1.00 26.86 ? 3   THR A CG2   1 
ATOM   25   N N     . THR A 1 4   ? 15.878  0.622   -2.080  1.00 23.53 ? 4   THR A N     1 
ATOM   26   C CA    . THR A 1 4   ? 16.152  2.042   -1.961  1.00 25.17 ? 4   THR A CA    1 
ATOM   27   C C     . THR A 1 4   ? 17.323  2.247   -1.030  1.00 27.07 ? 4   THR A C     1 
ATOM   28   O O     . THR A 1 4   ? 17.495  1.500   -0.070  1.00 25.70 ? 4   THR A O     1 
ATOM   29   C CB    . THR A 1 4   ? 14.934  2.832   -1.427  1.00 23.44 ? 4   THR A CB    1 
ATOM   30   O OG1   . THR A 1 4   ? 15.259  4.223   -1.377  1.00 25.79 ? 4   THR A OG1   1 
ATOM   31   C CG2   . THR A 1 4   ? 14.559  2.373   -0.025  1.00 25.34 ? 4   THR A CG2   1 
ATOM   32   N N     . GLU A 1 5   ? 18.128  3.264   -1.318  1.00 25.48 ? 5   GLU A N     1 
ATOM   33   C CA    . GLU A 1 5   ? 19.237  3.608   -0.451  1.00 25.41 ? 5   GLU A CA    1 
ATOM   34   C C     . GLU A 1 5   ? 19.441  5.118   -0.376  1.00 22.59 ? 5   GLU A C     1 
ATOM   35   O O     . GLU A 1 5   ? 19.079  5.854   -1.296  1.00 25.90 ? 5   GLU A O     1 
ATOM   36   C CB    . GLU A 1 5   ? 20.506  2.928   -0.931  1.00 25.11 ? 5   GLU A CB    1 
ATOM   37   C CG    . GLU A 1 5   ? 20.959  3.390   -2.290  1.00 28.24 ? 5   GLU A CG    1 
ATOM   38   C CD    . GLU A 1 5   ? 22.127  2.568   -2.793  1.00 38.88 ? 5   GLU A CD    1 
ATOM   39   O OE1   . GLU A 1 5   ? 22.368  1.481   -2.217  1.00 42.85 ? 5   GLU A OE1   1 
ATOM   40   O OE2   . GLU A 1 5   ? 22.799  3.004   -3.753  1.00 37.64 ? 5   GLU A OE2   1 
ATOM   41   N N     . SER A 1 6   ? 20.014  5.566   0.737   1.00 18.80 ? 6   SER A N     1 
ATOM   42   C CA    . SER A 1 6   ? 20.159  6.988   1.024   1.00 18.73 ? 6   SER A CA    1 
ATOM   43   C C     . SER A 1 6   ? 21.520  7.516   0.622   1.00 19.97 ? 6   SER A C     1 
ATOM   44   O O     . SER A 1 6   ? 22.527  6.845   0.816   1.00 17.46 ? 6   SER A O     1 
ATOM   45   C CB    . SER A 1 6   ? 19.939  7.241   2.511   1.00 17.97 ? 6   SER A CB    1 
ATOM   46   O OG    . SER A 1 6   ? 18.686  6.701   2.896   1.00 24.35 ? 6   SER A OG    1 
ATOM   47   N N     . MET A 1 7   ? 21.534  8.727   0.081   1.00 16.31 ? 7   MET A N     1 
ATOM   48   C CA    . MET A 1 7   ? 22.767  9.429   -0.242  1.00 19.46 ? 7   MET A CA    1 
ATOM   49   C C     . MET A 1 7   ? 22.703  10.860  0.266   1.00 17.02 ? 7   MET A C     1 
ATOM   50   O O     . MET A 1 7   ? 21.964  11.661  -0.285  1.00 19.21 ? 7   MET A O     1 
ATOM   51   C CB    . MET A 1 7   ? 23.007  9.432   -1.747  1.00 21.27 ? 7   MET A CB    1 
ATOM   52   C CG    . MET A 1 7   ? 24.180  10.310  -2.167  1.00 28.64 ? 7   MET A CG    1 
ATOM   53   S SD    . MET A 1 7   ? 24.345  10.352  -3.956  1.00 38.87 ? 7   MET A SD    1 
ATOM   54   C CE    . MET A 1 7   ? 24.530  8.598   -4.286  1.00 41.59 ? 7   MET A CE    1 
ATOM   55   N N     . PRO A 1 8   ? 23.464  11.183  1.330   1.00 20.82 ? 8   PRO A N     1 
ATOM   56   C CA    . PRO A 1 8   ? 24.324  10.269  2.100   1.00 19.35 ? 8   PRO A CA    1 
ATOM   57   C C     . PRO A 1 8   ? 23.544  9.441   3.130   1.00 20.09 ? 8   PRO A C     1 
ATOM   58   O O     . PRO A 1 8   ? 22.383  9.762   3.403   1.00 20.41 ? 8   PRO A O     1 
ATOM   59   C CB    . PRO A 1 8   ? 25.293  11.218  2.799   1.00 20.56 ? 8   PRO A CB    1 
ATOM   60   C CG    . PRO A 1 8   ? 24.491  12.458  3.004   1.00 23.15 ? 8   PRO A CG    1 
ATOM   61   C CD    . PRO A 1 8   ? 23.591  12.576  1.795   1.00 18.35 ? 8   PRO A CD    1 
ATOM   62   N N     . PHE A 1 9   ? 24.180  8.408   3.685   1.00 19.94 ? 9   PHE A N     1 
ATOM   63   C CA    . PHE A 1 9   ? 23.572  7.521   4.674   1.00 21.66 ? 9   PHE A CA    1 
ATOM   64   C C     . PHE A 1 9   ? 23.518  8.229   6.022   1.00 26.43 ? 9   PHE A C     1 
ATOM   65   O O     . PHE A 1 9   ? 22.549  8.093   6.777   1.00 23.01 ? 9   PHE A O     1 
ATOM   66   C CB    . PHE A 1 9   ? 24.359  6.208   4.785   1.00 22.09 ? 9   PHE A CB    1 
ATOM   67   C CG    . PHE A 1 9   ? 23.660  5.125   5.582   1.00 23.88 ? 9   PHE A CG    1 
ATOM   68   C CD1   . PHE A 1 9   ? 22.307  4.842   5.384   1.00 21.30 ? 9   PHE A CD1   1 
ATOM   69   C CD2   . PHE A 1 9   ? 24.372  4.360   6.506   1.00 23.08 ? 9   PHE A CD2   1 
ATOM   70   C CE1   . PHE A 1 9   ? 21.676  3.830   6.103   1.00 23.86 ? 9   PHE A CE1   1 
ATOM   71   C CE2   . PHE A 1 9   ? 23.753  3.347   7.232   1.00 25.29 ? 9   PHE A CE2   1 
ATOM   72   C CZ    . PHE A 1 9   ? 22.393  3.081   7.032   1.00 22.39 ? 9   PHE A CZ    1 
ATOM   73   N N     . ASN A 1 10  ? 24.569  8.987   6.323   1.00 21.18 ? 10  ASN A N     1 
ATOM   74   C CA    . ASN A 1 10  ? 24.554  9.857   7.496   1.00 25.22 ? 10  ASN A CA    1 
ATOM   75   C C     . ASN A 1 10  ? 24.459  11.300  7.025   1.00 23.82 ? 10  ASN A C     1 
ATOM   76   O O     . ASN A 1 10  ? 25.225  11.728  6.168   1.00 23.54 ? 10  ASN A O     1 
ATOM   77   C CB    . ASN A 1 10  ? 25.786  9.619   8.370   1.00 22.63 ? 10  ASN A CB    1 
ATOM   78   C CG    . ASN A 1 10  ? 25.805  8.210   8.972   1.00 27.92 ? 10  ASN A CG    1 
ATOM   79   O OD1   . ASN A 1 10  ? 24.997  7.872   9.852   1.00 27.69 ? 10  ASN A OD1   1 
ATOM   80   N ND2   . ASN A 1 10  ? 26.715  7.377   8.481   1.00 32.66 ? 10  ASN A ND2   1 
ATOM   81   N N     . VAL A 1 11  ? 23.485  12.032  7.563   1.00 23.53 ? 11  VAL A N     1 
ATOM   82   C CA    . VAL A 1 11  ? 23.101  13.338  7.035   1.00 21.95 ? 11  VAL A CA    1 
ATOM   83   C C     . VAL A 1 11  ? 23.197  14.422  8.108   1.00 23.43 ? 11  VAL A C     1 
ATOM   84   O O     . VAL A 1 11  ? 22.651  14.268  9.205   1.00 23.65 ? 11  VAL A O     1 
ATOM   85   C CB    . VAL A 1 11  ? 21.646  13.312  6.480   1.00 22.39 ? 11  VAL A CB    1 
ATOM   86   C CG1   . VAL A 1 11  ? 21.268  14.654  5.864   1.00 23.98 ? 11  VAL A CG1   1 
ATOM   87   C CG2   . VAL A 1 11  ? 21.480  12.199  5.462   1.00 25.81 ? 11  VAL A CG2   1 
ATOM   88   N N     . ALA A 1 12  ? 23.874  15.526  7.802   1.00 20.87 ? 12  ALA A N     1 
ATOM   89   C CA    . ALA A 1 12  ? 23.948  16.630  8.757   1.00 24.46 ? 12  ALA A CA    1 
ATOM   90   C C     . ALA A 1 12  ? 22.622  17.378  8.793   1.00 20.50 ? 12  ALA A C     1 
ATOM   91   O O     . ALA A 1 12  ? 22.042  17.673  7.749   1.00 20.56 ? 12  ALA A O     1 
ATOM   92   C CB    . ALA A 1 12  ? 25.100  17.592  8.406   1.00 26.95 ? 12  ALA A CB    1 
ATOM   93   N N     . GLU A 1 13  ? 22.144  17.665  9.996   1.00 18.72 ? 13  GLU A N     1 
ATOM   94   C CA    . GLU A 1 13  ? 20.910  18.416  10.161  1.00 23.22 ? 13  GLU A CA    1 
ATOM   95   C C     . GLU A 1 13  ? 20.974  19.687  9.321   1.00 22.45 ? 13  GLU A C     1 
ATOM   96   O O     . GLU A 1 13  ? 21.990  20.401  9.312   1.00 21.24 ? 13  GLU A O     1 
ATOM   97   C CB    . GLU A 1 13  ? 20.656  18.739  11.645  1.00 21.73 ? 13  GLU A CB    1 
ATOM   98   C CG    . GLU A 1 13  ? 19.292  19.372  11.890  1.00 25.95 ? 13  GLU A CG    1 
ATOM   99   C CD    . GLU A 1 13  ? 18.897  19.441  13.372  1.00 30.23 ? 13  GLU A CD    1 
ATOM   100  O OE1   . GLU A 1 13  ? 17.761  19.898  13.638  1.00 33.76 ? 13  GLU A OE1   1 
ATOM   101  O OE2   . GLU A 1 13  ? 19.703  19.053  14.257  1.00 28.46 ? 13  GLU A OE2   1 
ATOM   102  N N     . GLY A 1 14  ? 19.917  19.942  8.562   1.00 20.33 ? 14  GLY A N     1 
ATOM   103  C CA    . GLY A 1 14  ? 19.885  21.117  7.706   1.00 20.41 ? 14  GLY A CA    1 
ATOM   104  C C     . GLY A 1 14  ? 20.438  20.924  6.304   1.00 21.78 ? 14  GLY A C     1 
ATOM   105  O O     . GLY A 1 14  ? 20.273  21.796  5.449   1.00 24.64 ? 14  GLY A O     1 
ATOM   106  N N     . LYS A 1 15  ? 21.092  19.796  6.040   1.00 20.96 ? 15  LYS A N     1 
ATOM   107  C CA    . LYS A 1 15  ? 21.578  19.545  4.677   1.00 22.88 ? 15  LYS A CA    1 
ATOM   108  C C     . LYS A 1 15  ? 20.540  18.788  3.829   1.00 21.81 ? 15  LYS A C     1 
ATOM   109  O O     . LYS A 1 15  ? 19.333  18.952  4.036   1.00 22.28 ? 15  LYS A O     1 
ATOM   110  C CB    . LYS A 1 15  ? 22.909  18.781  4.703   1.00 24.99 ? 15  LYS A CB    1 
ATOM   111  C CG    . LYS A 1 15  ? 24.086  19.580  5.307   1.00 29.03 ? 15  LYS A CG    1 
ATOM   112  C CD    . LYS A 1 15  ? 24.380  20.827  4.473   1.00 34.72 ? 15  LYS A CD    1 
ATOM   113  C CE    . LYS A 1 15  ? 25.141  21.912  5.257   1.00 40.21 ? 15  LYS A CE    1 
ATOM   114  N NZ    . LYS A 1 15  ? 26.537  21.531  5.634   1.00 40.10 ? 15  LYS A NZ    1 
ATOM   115  N N     . GLU A 1 16  ? 21.009  17.977  2.877   1.00 19.72 ? 16  GLU A N     1 
ATOM   116  C CA    . GLU A 1 16  ? 20.131  17.344  1.886   1.00 25.18 ? 16  GLU A CA    1 
ATOM   117  C C     . GLU A 1 16  ? 20.349  15.843  1.843   1.00 19.73 ? 16  GLU A C     1 
ATOM   118  O O     . GLU A 1 16  ? 21.437  15.355  2.133   1.00 17.74 ? 16  GLU A O     1 
ATOM   119  C CB    . GLU A 1 16  ? 20.365  17.895  0.464   1.00 24.10 ? 16  GLU A CB    1 
ATOM   120  C CG    . GLU A 1 16  ? 20.360  19.399  0.301   1.00 32.53 ? 16  GLU A CG    1 
ATOM   121  C CD    . GLU A 1 16  ? 21.651  20.036  0.800   1.00 29.02 ? 16  GLU A CD    1 
ATOM   122  O OE1   . GLU A 1 16  ? 21.592  21.197  1.253   1.00 42.23 ? 16  GLU A OE1   1 
ATOM   123  O OE2   . GLU A 1 16  ? 22.717  19.366  0.771   1.00 28.80 ? 16  GLU A OE2   1 
ATOM   124  N N     . VAL A 1 17  ? 19.324  15.107  1.448   1.00 18.44 ? 17  VAL A N     1 
ATOM   125  C CA    . VAL A 1 17  ? 19.481  13.671  1.287   1.00 16.58 ? 17  VAL A CA    1 
ATOM   126  C C     . VAL A 1 17  ? 18.669  13.217  0.071   1.00 18.11 ? 17  VAL A C     1 
ATOM   127  O O     . VAL A 1 17  ? 17.565  13.707  -0.194  1.00 17.50 ? 17  VAL A O     1 
ATOM   128  C CB    . VAL A 1 17  ? 19.063  12.894  2.572   1.00 18.61 ? 17  VAL A CB    1 
ATOM   129  C CG1   . VAL A 1 17  ? 17.623  13.171  2.943   1.00 19.34 ? 17  VAL A CG1   1 
ATOM   130  C CG2   . VAL A 1 17  ? 19.294  11.387  2.418   1.00 15.01 ? 17  VAL A CG2   1 
ATOM   131  N N     . LEU A 1 18  ? 19.241  12.303  -0.689  1.00 18.85 ? 18  LEU A N     1 
ATOM   132  C CA    . LEU A 1 18  ? 18.544  11.722  -1.825  1.00 17.21 ? 18  LEU A CA    1 
ATOM   133  C C     . LEU A 1 18  ? 18.291  10.237  -1.587  1.00 15.84 ? 18  LEU A C     1 
ATOM   134  O O     . LEU A 1 18  ? 19.234  9.461   -1.437  1.00 17.99 ? 18  LEU A O     1 
ATOM   135  C CB    . LEU A 1 18  ? 19.363  11.940  -3.102  1.00 18.98 ? 18  LEU A CB    1 
ATOM   136  C CG    . LEU A 1 18  ? 18.761  11.365  -4.374  1.00 22.93 ? 18  LEU A CG    1 
ATOM   137  C CD1   . LEU A 1 18  ? 17.342  11.904  -4.512  1.00 18.55 ? 18  LEU A CD1   1 
ATOM   138  C CD2   . LEU A 1 18  ? 19.616  11.755  -5.574  1.00 21.92 ? 18  LEU A CD2   1 
ATOM   139  N N     . LEU A 1 19  ? 17.020  9.854   -1.524  1.00 17.15 ? 19  LEU A N     1 
ATOM   140  C CA    . LEU A 1 19  ? 16.642  8.441   -1.516  1.00 18.60 ? 19  LEU A CA    1 
ATOM   141  C C     . LEU A 1 19  ? 16.629  7.883   -2.941  1.00 19.07 ? 19  LEU A C     1 
ATOM   142  O O     . LEU A 1 19  ? 15.717  8.155   -3.707  1.00 16.89 ? 19  LEU A O     1 
ATOM   143  C CB    . LEU A 1 19  ? 15.261  8.244   -0.863  1.00 17.51 ? 19  LEU A CB    1 
ATOM   144  C CG    . LEU A 1 19  ? 15.156  8.736   0.584   1.00 22.36 ? 19  LEU A CG    1 
ATOM   145  C CD1   . LEU A 1 19  ? 13.784  8.451   1.244   1.00 22.04 ? 19  LEU A CD1   1 
ATOM   146  C CD2   . LEU A 1 19  ? 16.244  8.086   1.372   1.00 22.35 ? 19  LEU A CD2   1 
ATOM   147  N N     . LEU A 1 20  ? 17.651  7.110   -3.281  1.00 17.74 ? 20  LEU A N     1 
ATOM   148  C CA    . LEU A 1 20  ? 17.757  6.507   -4.599  1.00 18.93 ? 20  LEU A CA    1 
ATOM   149  C C     . LEU A 1 20  ? 16.939  5.236   -4.651  1.00 23.20 ? 20  LEU A C     1 
ATOM   150  O O     . LEU A 1 20  ? 16.775  4.559   -3.644  1.00 22.15 ? 20  LEU A O     1 
ATOM   151  C CB    . LEU A 1 20  ? 19.205  6.187   -4.937  1.00 24.07 ? 20  LEU A CB    1 
ATOM   152  C CG    . LEU A 1 20  ? 20.215  7.322   -4.810  1.00 24.12 ? 20  LEU A CG    1 
ATOM   153  C CD1   . LEU A 1 20  ? 21.584  6.714   -4.799  1.00 28.44 ? 20  LEU A CD1   1 
ATOM   154  C CD2   . LEU A 1 20  ? 20.077  8.251   -5.981  1.00 26.38 ? 20  LEU A CD2   1 
ATOM   155  N N     . VAL A 1 21  ? 16.423  4.915   -5.827  1.00 20.11 ? 21  VAL A N     1 
ATOM   156  C CA    . VAL A 1 21  ? 15.588  3.736   -5.998  1.00 22.97 ? 21  VAL A CA    1 
ATOM   157  C C     . VAL A 1 21  ? 16.164  2.899   -7.120  1.00 26.26 ? 21  VAL A C     1 
ATOM   158  O O     . VAL A 1 21  ? 16.471  3.428   -8.188  1.00 28.99 ? 21  VAL A O     1 
ATOM   159  C CB    . VAL A 1 21  ? 14.127  4.106   -6.315  1.00 22.48 ? 21  VAL A CB    1 
ATOM   160  C CG1   . VAL A 1 21  ? 13.289  2.841   -6.518  1.00 18.52 ? 21  VAL A CG1   1 
ATOM   161  C CG2   . VAL A 1 21  ? 13.540  4.982   -5.208  1.00 16.42 ? 21  VAL A CG2   1 
ATOM   162  N N     . HIS A 1 22  ? 16.331  1.604   -6.857  1.00 23.53 ? 22  HIS A N     1 
ATOM   163  C CA    . HIS A 1 22  ? 16.865  0.659   -7.830  1.00 27.24 ? 22  HIS A CA    1 
ATOM   164  C C     . HIS A 1 22  ? 15.874  -0.449  -8.152  1.00 27.75 ? 22  HIS A C     1 
ATOM   165  O O     . HIS A 1 22  ? 15.045  -0.820  -7.320  1.00 26.95 ? 22  HIS A O     1 
ATOM   166  C CB    . HIS A 1 22  ? 18.175  0.044   -7.325  1.00 27.90 ? 22  HIS A CB    1 
ATOM   167  C CG    . HIS A 1 22  ? 19.169  1.061   -6.851  1.00 30.11 ? 22  HIS A CG    1 
ATOM   168  N ND1   . HIS A 1 22  ? 19.732  1.989   -7.691  1.00 33.80 ? 22  HIS A ND1   1 
ATOM   169  C CD2   . HIS A 1 22  ? 19.700  1.278   -5.625  1.00 32.54 ? 22  HIS A CD2   1 
ATOM   170  C CE1   . HIS A 1 22  ? 20.572  2.750   -7.004  1.00 29.07 ? 22  HIS A CE1   1 
ATOM   171  N NE2   . HIS A 1 22  ? 20.570  2.338   -5.752  1.00 33.67 ? 22  HIS A NE2   1 
ATOM   172  N N     . ASN A 1 23  ? 15.972  -0.961  -9.375  1.00 28.31 ? 23  ASN A N     1 
ATOM   173  C CA    . ASN A 1 23  ? 15.185  -2.105  -9.837  1.00 31.78 ? 23  ASN A CA    1 
ATOM   174  C C     . ASN A 1 23  ? 13.683  -1.923  -9.739  1.00 28.79 ? 23  ASN A C     1 
ATOM   175  O O     . ASN A 1 23  ? 12.996  -2.767  -9.164  1.00 27.99 ? 23  ASN A O     1 
ATOM   176  C CB    . ASN A 1 23  ? 15.570  -3.362  -9.061  1.00 33.43 ? 23  ASN A CB    1 
ATOM   177  C CG    . ASN A 1 23  ? 17.052  -3.576  -9.016  1.00 38.87 ? 23  ASN A CG    1 
ATOM   178  O OD1   . ASN A 1 23  ? 17.753  -3.330  -9.999  1.00 38.94 ? 23  ASN A OD1   1 
ATOM   179  N ND2   . ASN A 1 23  ? 17.554  -4.018  -7.861  1.00 36.43 ? 23  ASN A ND2   1 
ATOM   180  N N     . LEU A 1 24  ? 13.174  -0.821  -10.279 1.00 26.83 ? 24  LEU A N     1 
ATOM   181  C CA    . LEU A 1 24  ? 11.736  -0.668  -10.428 1.00 30.66 ? 24  LEU A CA    1 
ATOM   182  C C     . LEU A 1 24  ? 11.237  -1.818  -11.287 1.00 28.48 ? 24  LEU A C     1 
ATOM   183  O O     . LEU A 1 24  ? 11.906  -2.215  -12.232 1.00 29.77 ? 24  LEU A O     1 
ATOM   184  C CB    . LEU A 1 24  ? 11.378  0.676   -11.065 1.00 29.74 ? 24  LEU A CB    1 
ATOM   185  C CG    . LEU A 1 24  ? 11.523  1.900   -10.156 1.00 26.30 ? 24  LEU A CG    1 
ATOM   186  C CD1   . LEU A 1 24  ? 11.533  3.184   -10.965 1.00 23.52 ? 24  LEU A CD1   1 
ATOM   187  C CD2   . LEU A 1 24  ? 10.417  1.901   -9.110  1.00 27.38 ? 24  LEU A CD2   1 
ATOM   188  N N     . PRO A 1 25  ? 10.074  -2.377  -10.950 1.00 29.94 ? 25  PRO A N     1 
ATOM   189  C CA    . PRO A 1 25  ? 9.538   -3.398  -11.849 1.00 31.71 ? 25  PRO A CA    1 
ATOM   190  C C     . PRO A 1 25  ? 9.010   -2.769  -13.141 1.00 35.50 ? 25  PRO A C     1 
ATOM   191  O O     . PRO A 1 25  ? 8.862   -1.549  -13.210 1.00 30.13 ? 25  PRO A O     1 
ATOM   192  C CB    . PRO A 1 25  ? 8.410   -4.019  -11.027 1.00 32.74 ? 25  PRO A CB    1 
ATOM   193  C CG    . PRO A 1 25  ? 7.920   -2.885  -10.192 1.00 31.33 ? 25  PRO A CG    1 
ATOM   194  C CD    . PRO A 1 25  ? 9.179   -2.117  -9.813  1.00 28.52 ? 25  PRO A CD    1 
ATOM   195  N N     . GLN A 1 26  ? 8.735   -3.585  -14.152 1.00 37.52 ? 26  GLN A N     1 
ATOM   196  C CA    . GLN A 1 26  ? 8.037   -3.101  -15.334 1.00 40.50 ? 26  GLN A CA    1 
ATOM   197  C C     . GLN A 1 26  ? 6.573   -2.939  -14.985 1.00 39.43 ? 26  GLN A C     1 
ATOM   198  O O     . GLN A 1 26  ? 6.094   -3.537  -14.019 1.00 41.71 ? 26  GLN A O     1 
ATOM   199  C CB    . GLN A 1 26  ? 8.195   -4.067  -16.509 1.00 45.56 ? 26  GLN A CB    1 
ATOM   200  C CG    . GLN A 1 26  ? 9.619   -4.192  -17.018 1.00 52.80 ? 26  GLN A CG    1 
ATOM   201  C CD    . GLN A 1 26  ? 10.167  -2.864  -17.512 1.00 62.28 ? 26  GLN A CD    1 
ATOM   202  O OE1   . GLN A 1 26  ? 9.450   -2.079  -18.145 1.00 64.34 ? 26  GLN A OE1   1 
ATOM   203  N NE2   . GLN A 1 26  ? 11.435  -2.597  -17.213 1.00 62.37 ? 26  GLN A NE2   1 
ATOM   204  N N     . GLN A 1 27  ? 5.872   -2.122  -15.756 1.00 34.98 ? 27  GLN A N     1 
ATOM   205  C CA    . GLN A 1 27  ? 4.416   -2.046  -15.666 1.00 35.57 ? 27  GLN A CA    1 
ATOM   206  C C     . GLN A 1 27  ? 3.925   -1.594  -14.296 1.00 32.06 ? 27  GLN A C     1 
ATOM   207  O O     . GLN A 1 27  ? 3.329   -2.375  -13.539 1.00 25.58 ? 27  GLN A O     1 
ATOM   208  C CB    . GLN A 1 27  ? 3.789   -3.401  -16.009 1.00 35.27 ? 27  GLN A CB    1 
ATOM   209  C CG    . GLN A 1 27  ? 4.253   -3.985  -17.324 1.00 45.31 ? 27  GLN A CG    1 
ATOM   210  C CD    . GLN A 1 27  ? 3.150   -4.742  -18.020 1.00 50.22 ? 27  GLN A CD    1 
ATOM   211  O OE1   . GLN A 1 27  ? 2.603   -4.273  -19.017 1.00 59.72 ? 27  GLN A OE1   1 
ATOM   212  N NE2   . GLN A 1 27  ? 2.807   -5.915  -17.497 1.00 44.31 ? 27  GLN A NE2   1 
ATOM   213  N N     . LEU A 1 28  ? 4.169   -0.327  -13.986 1.00 28.58 ? 28  LEU A N     1 
ATOM   214  C CA    . LEU A 1 28  ? 3.658   0.247   -12.759 1.00 28.43 ? 28  LEU A CA    1 
ATOM   215  C C     . LEU A 1 28  ? 2.847   1.506   -13.051 1.00 26.13 ? 28  LEU A C     1 
ATOM   216  O O     . LEU A 1 28  ? 3.073   2.186   -14.056 1.00 28.23 ? 28  LEU A O     1 
ATOM   217  C CB    . LEU A 1 28  ? 4.811   0.538   -11.792 1.00 26.58 ? 28  LEU A CB    1 
ATOM   218  C CG    . LEU A 1 28  ? 5.933   1.425   -12.328 1.00 26.77 ? 28  LEU A CG    1 
ATOM   219  C CD1   . LEU A 1 28  ? 5.633   2.897   -12.033 1.00 27.94 ? 28  LEU A CD1   1 
ATOM   220  C CD2   . LEU A 1 28  ? 7.280   1.009   -11.741 1.00 28.63 ? 28  LEU A CD2   1 
ATOM   221  N N     . PHE A 1 29  ? 1.893   1.798   -12.175 1.00 23.38 ? 29  PHE A N     1 
ATOM   222  C CA    . PHE A 1 29  ? 1.076   3.006   -12.261 1.00 24.53 ? 29  PHE A CA    1 
ATOM   223  C C     . PHE A 1 29  ? 1.745   4.201   -11.606 1.00 25.61 ? 29  PHE A C     1 
ATOM   224  O O     . PHE A 1 29  ? 1.508   5.349   -11.997 1.00 22.91 ? 29  PHE A O     1 
ATOM   225  C CB    . PHE A 1 29  ? -0.282  2.808   -11.580 1.00 22.91 ? 29  PHE A CB    1 
ATOM   226  C CG    . PHE A 1 29  ? -1.270  2.015   -12.383 1.00 29.63 ? 29  PHE A CG    1 
ATOM   227  C CD1   . PHE A 1 29  ? -1.307  2.115   -13.769 1.00 29.11 ? 29  PHE A CD1   1 
ATOM   228  C CD2   . PHE A 1 29  ? -2.178  1.173   -11.744 1.00 26.39 ? 29  PHE A CD2   1 
ATOM   229  C CE1   . PHE A 1 29  ? -2.231  1.380   -14.499 1.00 27.20 ? 29  PHE A CE1   1 
ATOM   230  C CE2   . PHE A 1 29  ? -3.106  0.439   -12.461 1.00 25.79 ? 29  PHE A CE2   1 
ATOM   231  C CZ    . PHE A 1 29  ? -3.138  0.538   -13.837 1.00 29.79 ? 29  PHE A CZ    1 
ATOM   232  N N     . GLY A 1 30  ? 2.536   3.935   -10.571 1.00 19.91 ? 30  GLY A N     1 
ATOM   233  C CA    . GLY A 1 30  ? 3.049   5.017   -9.762  1.00 21.15 ? 30  GLY A CA    1 
ATOM   234  C C     . GLY A 1 30  ? 3.723   4.627   -8.458  1.00 20.24 ? 30  GLY A C     1 
ATOM   235  O O     . GLY A 1 30  ? 3.987   3.451   -8.201  1.00 18.78 ? 30  GLY A O     1 
ATOM   236  N N     . TYR A 1 31  ? 4.015   5.643   -7.644  1.00 20.22 ? 31  TYR A N     1 
ATOM   237  C CA    . TYR A 1 31  ? 4.808   5.467   -6.435  1.00 18.23 ? 31  TYR A CA    1 
ATOM   238  C C     . TYR A 1 31  ? 4.135   6.074   -5.228  1.00 17.29 ? 31  TYR A C     1 
ATOM   239  O O     . TYR A 1 31  ? 3.448   7.089   -5.328  1.00 17.61 ? 31  TYR A O     1 
ATOM   240  C CB    . TYR A 1 31  ? 6.200   6.105   -6.575  1.00 18.57 ? 31  TYR A CB    1 
ATOM   241  C CG    . TYR A 1 31  ? 6.890   5.939   -7.909  1.00 20.21 ? 31  TYR A CG    1 
ATOM   242  C CD1   . TYR A 1 31  ? 7.299   7.057   -8.631  1.00 17.37 ? 31  TYR A CD1   1 
ATOM   243  C CD2   . TYR A 1 31  ? 7.160   4.672   -8.440  1.00 18.58 ? 31  TYR A CD2   1 
ATOM   244  C CE1   . TYR A 1 31  ? 7.957   6.932   -9.855  1.00 21.77 ? 31  TYR A CE1   1 
ATOM   245  C CE2   . TYR A 1 31  ? 7.816   4.533   -9.665  1.00 19.98 ? 31  TYR A CE2   1 
ATOM   246  C CZ    . TYR A 1 31  ? 8.207   5.675   -10.366 1.00 21.66 ? 31  TYR A CZ    1 
ATOM   247  O OH    . TYR A 1 31  ? 8.861   5.574   -11.571 1.00 20.28 ? 31  TYR A OH    1 
ATOM   248  N N     . SER A 1 32  ? 4.386   5.471   -4.071  1.00 19.56 ? 32  SER A N     1 
ATOM   249  C CA    . SER A 1 32  ? 3.862   5.968   -2.813  1.00 17.83 ? 32  SER A CA    1 
ATOM   250  C C     . SER A 1 32  ? 4.957   5.877   -1.767  1.00 18.41 ? 32  SER A C     1 
ATOM   251  O O     . SER A 1 32  ? 5.412   4.782   -1.453  1.00 18.95 ? 32  SER A O     1 
ATOM   252  C CB    . SER A 1 32  ? 2.628   5.160   -2.375  1.00 19.26 ? 32  SER A CB    1 
ATOM   253  O OG    . SER A 1 32  ? 1.592   5.211   -3.343  1.00 19.31 ? 32  SER A OG    1 
ATOM   254  N N     . TRP A 1 33  ? 5.378   7.020   -1.235  1.00 16.06 ? 33  TRP A N     1 
ATOM   255  C CA    . TRP A 1 33  ? 6.389   7.048   -0.186  1.00 15.92 ? 33  TRP A CA    1 
ATOM   256  C C     . TRP A 1 33  ? 5.744   7.269   1.196   1.00 14.86 ? 33  TRP A C     1 
ATOM   257  O O     . TRP A 1 33  ? 4.839   8.096   1.350   1.00 15.20 ? 33  TRP A O     1 
ATOM   258  C CB    . TRP A 1 33  ? 7.425   8.149   -0.447  1.00 16.49 ? 33  TRP A CB    1 
ATOM   259  C CG    . TRP A 1 33  ? 8.567   7.806   -1.410  1.00 18.09 ? 33  TRP A CG    1 
ATOM   260  C CD1   . TRP A 1 33  ? 8.671   8.181   -2.732  1.00 19.29 ? 33  TRP A CD1   1 
ATOM   261  C CD2   . TRP A 1 33  ? 9.778   7.078   -1.108  1.00 16.71 ? 33  TRP A CD2   1 
ATOM   262  N NE1   . TRP A 1 33  ? 9.860   7.718   -3.266  1.00 17.75 ? 33  TRP A NE1   1 
ATOM   263  C CE2   . TRP A 1 33  ? 10.551  7.043   -2.301  1.00 18.55 ? 33  TRP A CE2   1 
ATOM   264  C CE3   . TRP A 1 33  ? 10.281  6.468   0.045   1.00 14.85 ? 33  TRP A CE3   1 
ATOM   265  C CZ2   . TRP A 1 33  ? 11.805  6.407   -2.362  1.00 16.54 ? 33  TRP A CZ2   1 
ATOM   266  C CZ3   . TRP A 1 33  ? 11.520  5.828   -0.024  1.00 14.56 ? 33  TRP A CZ3   1 
ATOM   267  C CH2   . TRP A 1 33  ? 12.265  5.798   -1.227  1.00 17.64 ? 33  TRP A CH2   1 
ATOM   268  N N     . TYR A 1 34  ? 6.230   6.536   2.193   1.00 12.61 ? 34  TYR A N     1 
ATOM   269  C CA    . TYR A 1 34  ? 5.717   6.618   3.560   1.00 13.13 ? 34  TYR A CA    1 
ATOM   270  C C     . TYR A 1 34  ? 6.866   6.843   4.546   1.00 14.31 ? 34  TYR A C     1 
ATOM   271  O O     . TYR A 1 34  ? 7.968   6.337   4.345   1.00 16.28 ? 34  TYR A O     1 
ATOM   272  C CB    . TYR A 1 34  ? 4.965   5.329   3.926   1.00 14.31 ? 34  TYR A CB    1 
ATOM   273  C CG    . TYR A 1 34  ? 3.845   4.943   2.974   1.00 15.87 ? 34  TYR A CG    1 
ATOM   274  C CD1   . TYR A 1 34  ? 4.105   4.242   1.797   1.00 17.24 ? 34  TYR A CD1   1 
ATOM   275  C CD2   . TYR A 1 34  ? 2.524   5.268   3.263   1.00 19.77 ? 34  TYR A CD2   1 
ATOM   276  C CE1   . TYR A 1 34  ? 3.064   3.888   0.929   1.00 18.78 ? 34  TYR A CE1   1 
ATOM   277  C CE2   . TYR A 1 34  ? 1.483   4.920   2.404   1.00 19.76 ? 34  TYR A CE2   1 
ATOM   278  C CZ    . TYR A 1 34  ? 1.763   4.237   1.242   1.00 20.45 ? 34  TYR A CZ    1 
ATOM   279  O OH    . TYR A 1 34  ? 0.718   3.899   0.403   1.00 25.44 ? 34  TYR A OH    1 
ATOM   280  N N     . LYS A 1 35  ? 6.628   7.591   5.615   1.00 12.58 ? 35  LYS A N     1 
ATOM   281  C CA    . LYS A 1 35  ? 7.627   7.673   6.673   1.00 15.76 ? 35  LYS A CA    1 
ATOM   282  C C     . LYS A 1 35  ? 7.483   6.428   7.536   1.00 17.88 ? 35  LYS A C     1 
ATOM   283  O O     . LYS A 1 35  ? 6.367   6.013   7.853   1.00 16.91 ? 35  LYS A O     1 
ATOM   284  C CB    . LYS A 1 35  ? 7.465   8.933   7.522   1.00 14.21 ? 35  LYS A CB    1 
ATOM   285  C CG    . LYS A 1 35  ? 8.538   9.097   8.592   1.00 13.44 ? 35  LYS A CG    1 
ATOM   286  C CD    . LYS A 1 35  ? 9.875   9.554   7.978   1.00 13.12 ? 35  LYS A CD    1 
ATOM   287  C CE    . LYS A 1 35  ? 10.964  9.643   9.044   1.00 14.50 ? 35  LYS A CE    1 
ATOM   288  N NZ    . LYS A 1 35  ? 11.333  8.282   9.558   1.00 18.11 ? 35  LYS A NZ    1 
ATOM   289  N N     . GLY A 1 36  ? 8.610   5.832   7.899   1.00 16.22 ? 36  GLY A N     1 
ATOM   290  C CA    . GLY A 1 36  ? 8.612   4.681   8.779   1.00 16.76 ? 36  GLY A CA    1 
ATOM   291  C C     . GLY A 1 36  ? 8.863   3.416   7.992   1.00 18.88 ? 36  GLY A C     1 
ATOM   292  O O     . GLY A 1 36  ? 9.166   3.457   6.794   1.00 15.47 ? 36  GLY A O     1 
ATOM   293  N N     . GLU A 1 37  ? 8.705   2.284   8.664   1.00 17.30 ? 37  GLU A N     1 
ATOM   294  C CA    . GLU A 1 37  ? 9.089   0.998   8.113   1.00 19.74 ? 37  GLU A CA    1 
ATOM   295  C C     . GLU A 1 37  ? 8.012   0.243   7.356   1.00 23.33 ? 37  GLU A C     1 
ATOM   296  O O     . GLU A 1 37  ? 8.289   -0.825  6.818   1.00 22.65 ? 37  GLU A O     1 
ATOM   297  C CB    . GLU A 1 37  ? 9.575   0.097   9.227   1.00 24.15 ? 37  GLU A CB    1 
ATOM   298  C CG    . GLU A 1 37  ? 10.889  0.506   9.779   1.00 29.10 ? 37  GLU A CG    1 
ATOM   299  C CD    . GLU A 1 37  ? 11.378  -0.487  10.793  1.00 32.31 ? 37  GLU A CD    1 
ATOM   300  O OE1   . GLU A 1 37  ? 11.121  -0.265  11.998  1.00 31.72 ? 37  GLU A OE1   1 
ATOM   301  O OE2   . GLU A 1 37  ? 11.990  -1.491  10.370  1.00 28.56 ? 37  GLU A OE2   1 
ATOM   302  N N     . ARG A 1 38  ? 6.797   0.778   7.323   1.00 21.72 ? 38  ARG A N     1 
ATOM   303  C CA    . ARG A 1 38  ? 5.681   0.059   6.718   1.00 24.47 ? 38  ARG A CA    1 
ATOM   304  C C     . ARG A 1 38  ? 4.750   0.986   5.942   1.00 24.61 ? 38  ARG A C     1 
ATOM   305  O O     . ARG A 1 38  ? 4.709   2.205   6.162   1.00 22.37 ? 38  ARG A O     1 
ATOM   306  C CB    . ARG A 1 38  ? 4.873   -0.672  7.795   1.00 21.96 ? 38  ARG A CB    1 
ATOM   307  C CG    . ARG A 1 38  ? 4.249   0.300   8.789   1.00 29.40 ? 38  ARG A CG    1 
ATOM   308  C CD    . ARG A 1 38  ? 3.049   -0.286  9.530   1.00 43.62 ? 38  ARG A CD    1 
ATOM   309  N NE    . ARG A 1 38  ? 3.414   -1.355  10.453  1.00 44.20 ? 38  ARG A NE    1 
ATOM   310  C CZ    . ARG A 1 38  ? 2.559   -1.910  11.310  1.00 54.49 ? 38  ARG A CZ    1 
ATOM   311  N NH1   . ARG A 1 38  ? 1.299   -1.493  11.349  1.00 55.43 ? 38  ARG A NH1   1 
ATOM   312  N NH2   . ARG A 1 38  ? 2.956   -2.882  12.124  1.00 44.82 ? 38  ARG A NH2   1 
ATOM   313  N N     . VAL A 1 39  ? 3.967   0.391   5.049   1.00 22.47 ? 39  VAL A N     1 
ATOM   314  C CA    . VAL A 1 39  ? 2.930   1.142   4.385   1.00 19.07 ? 39  VAL A CA    1 
ATOM   315  C C     . VAL A 1 39  ? 1.855   1.516   5.389   1.00 24.21 ? 39  VAL A C     1 
ATOM   316  O O     . VAL A 1 39  ? 1.296   0.649   6.059   1.00 27.39 ? 39  VAL A O     1 
ATOM   317  C CB    . VAL A 1 39  ? 2.312   0.345   3.230   1.00 20.34 ? 39  VAL A CB    1 
ATOM   318  C CG1   . VAL A 1 39  ? 1.085   1.054   2.718   1.00 18.25 ? 39  VAL A CG1   1 
ATOM   319  C CG2   . VAL A 1 39  ? 3.336   0.148   2.129   1.00 20.81 ? 39  VAL A CG2   1 
ATOM   320  N N     . ASP A 1 40  ? 1.572   2.811   5.486   1.00 21.35 ? 40  ASP A N     1 
ATOM   321  C CA    . ASP A 1 40  ? 0.547   3.327   6.375   1.00 24.98 ? 40  ASP A CA    1 
ATOM   322  C C     . ASP A 1 40  ? 0.069   4.666   5.816   1.00 26.40 ? 40  ASP A C     1 
ATOM   323  O O     . ASP A 1 40  ? 0.810   5.650   5.826   1.00 23.35 ? 40  ASP A O     1 
ATOM   324  C CB    . ASP A 1 40  ? 1.086   3.474   7.804   1.00 23.99 ? 40  ASP A CB    1 
ATOM   325  C CG    . ASP A 1 40  ? 0.058   4.051   8.786   1.00 26.64 ? 40  ASP A CG    1 
ATOM   326  O OD1   . ASP A 1 40  ? -1.060  4.434   8.383   1.00 24.88 ? 40  ASP A OD1   1 
ATOM   327  O OD2   . ASP A 1 40  ? 0.395   4.145   9.987   1.00 35.61 ? 40  ASP A OD2   1 
ATOM   328  N N     . GLY A 1 41  ? -1.171  4.687   5.331   1.00 21.12 ? 41  GLY A N     1 
ATOM   329  C CA    . GLY A 1 41  ? -1.761  5.872   4.729   1.00 20.24 ? 41  GLY A CA    1 
ATOM   330  C C     . GLY A 1 41  ? -1.666  7.096   5.613   1.00 22.97 ? 41  GLY A C     1 
ATOM   331  O O     . GLY A 1 41  ? -1.489  8.221   5.140   1.00 21.83 ? 41  GLY A O     1 
ATOM   332  N N     . ASN A 1 42  ? -1.758  6.878   6.915   1.00 21.92 ? 42  ASN A N     1 
ATOM   333  C CA    . ASN A 1 42  ? -1.627  7.968   7.867   1.00 23.41 ? 42  ASN A CA    1 
ATOM   334  C C     . ASN A 1 42  ? -0.241  8.622   7.856   1.00 23.80 ? 42  ASN A C     1 
ATOM   335  O O     . ASN A 1 42  ? -0.077  9.752   8.319   1.00 21.73 ? 42  ASN A O     1 
ATOM   336  C CB    . ASN A 1 42  ? -1.951  7.457   9.267   1.00 25.44 ? 42  ASN A CB    1 
ATOM   337  C CG    . ASN A 1 42  ? -3.396  7.031   9.396   1.00 34.07 ? 42  ASN A CG    1 
ATOM   338  O OD1   . ASN A 1 42  ? -4.295  7.749   8.964   1.00 33.36 ? 42  ASN A OD1   1 
ATOM   339  N ND2   . ASN A 1 42  ? -3.626  5.855   9.971   1.00 37.92 ? 42  ASN A ND2   1 
ATOM   340  N N     . ARG A 1 43  ? 0.753   7.917   7.329   1.00 23.51 ? 43  ARG A N     1 
ATOM   341  C CA    . ARG A 1 43  ? 2.117   8.449   7.322   1.00 21.48 ? 43  ARG A CA    1 
ATOM   342  C C     . ARG A 1 43  ? 2.659   8.645   5.903   1.00 22.86 ? 43  ARG A C     1 
ATOM   343  O O     . ARG A 1 43  ? 3.885   8.733   5.700   1.00 17.36 ? 43  ARG A O     1 
ATOM   344  C CB    . ARG A 1 43  ? 3.046   7.524   8.108   1.00 18.61 ? 43  ARG A CB    1 
ATOM   345  C CG    . ARG A 1 43  ? 2.588   7.269   9.541   1.00 24.42 ? 43  ARG A CG    1 
ATOM   346  C CD    . ARG A 1 43  ? 3.633   6.501   10.314  1.00 21.97 ? 43  ARG A CD    1 
ATOM   347  N NE    . ARG A 1 43  ? 4.810   7.326   10.587  1.00 24.26 ? 43  ARG A NE    1 
ATOM   348  C CZ    . ARG A 1 43  ? 5.940   6.846   11.089  1.00 24.67 ? 43  ARG A CZ    1 
ATOM   349  N NH1   . ARG A 1 43  ? 6.038   5.553   11.368  1.00 21.43 ? 43  ARG A NH1   1 
ATOM   350  N NH2   . ARG A 1 43  ? 6.968   7.654   11.317  1.00 22.13 ? 43  ARG A NH2   1 
ATOM   351  N N     . GLN A 1 44  ? 1.753   8.693   4.925   1.00 19.27 ? 44  GLN A N     1 
ATOM   352  C CA    . GLN A 1 44  ? 2.161   8.837   3.533   1.00 17.76 ? 44  GLN A CA    1 
ATOM   353  C C     . GLN A 1 44  ? 2.677   10.239  3.239   1.00 18.65 ? 44  GLN A C     1 
ATOM   354  O O     . GLN A 1 44  ? 2.022   11.240  3.560   1.00 15.59 ? 44  GLN A O     1 
ATOM   355  C CB    . GLN A 1 44  ? 1.025   8.508   2.564   1.00 16.23 ? 44  GLN A CB    1 
ATOM   356  C CG    . GLN A 1 44  ? 1.491   8.642   1.108   1.00 16.41 ? 44  GLN A CG    1 
ATOM   357  C CD    . GLN A 1 44  ? 0.546   8.017   0.090   1.00 19.49 ? 44  GLN A CD    1 
ATOM   358  O OE1   . GLN A 1 44  ? -0.553  7.564   0.428   1.00 18.74 ? 44  GLN A OE1   1 
ATOM   359  N NE2   . GLN A 1 44  ? 0.988   7.973   -1.169  1.00 16.06 ? 44  GLN A NE2   1 
ATOM   360  N N     . ILE A 1 45  ? 3.861   10.286  2.626   1.00 16.63 ? 45  ILE A N     1 
ATOM   361  C CA    . ILE A 1 45  ? 4.537   11.539  2.292   1.00 16.20 ? 45  ILE A CA    1 
ATOM   362  C C     . ILE A 1 45  ? 4.024   12.087  0.959   1.00 16.96 ? 45  ILE A C     1 
ATOM   363  O O     . ILE A 1 45  ? 3.684   13.275  0.836   1.00 16.03 ? 45  ILE A O     1 
ATOM   364  C CB    . ILE A 1 45  ? 6.074   11.333  2.215   1.00 15.97 ? 45  ILE A CB    1 
ATOM   365  C CG1   . ILE A 1 45  ? 6.635   10.963  3.597   1.00 14.26 ? 45  ILE A CG1   1 
ATOM   366  C CG2   . ILE A 1 45  ? 6.784   12.581  1.658   1.00 15.90 ? 45  ILE A CG2   1 
ATOM   367  C CD1   . ILE A 1 45  ? 7.892   10.089  3.529   1.00 15.24 ? 45  ILE A CD1   1 
ATOM   368  N N     . VAL A 1 46  ? 3.945   11.207  -0.033  1.00 15.77 ? 46  VAL A N     1 
ATOM   369  C CA    . VAL A 1 46  ? 3.608   11.630  -1.384  1.00 16.43 ? 46  VAL A CA    1 
ATOM   370  C C     . VAL A 1 46  ? 3.127   10.458  -2.230  1.00 16.42 ? 46  VAL A C     1 
ATOM   371  O O     . VAL A 1 46  ? 3.521   9.318   -2.007  1.00 17.81 ? 46  VAL A O     1 
ATOM   372  C CB    . VAL A 1 46  ? 4.829   12.308  -2.080  1.00 18.56 ? 46  VAL A CB    1 
ATOM   373  C CG1   . VAL A 1 46  ? 5.930   11.296  -2.373  1.00 15.63 ? 46  VAL A CG1   1 
ATOM   374  C CG2   . VAL A 1 46  ? 4.405   13.046  -3.363  1.00 20.04 ? 46  VAL A CG2   1 
ATOM   375  N N     . GLY A 1 47  ? 2.252   10.758  -3.187  1.00 17.67 ? 47  GLY A N     1 
ATOM   376  C CA    . GLY A 1 47  ? 1.869   9.829   -4.233  1.00 18.33 ? 47  GLY A CA    1 
ATOM   377  C C     . GLY A 1 47  ? 2.227   10.421  -5.591  1.00 19.62 ? 47  GLY A C     1 
ATOM   378  O O     . GLY A 1 47  ? 2.074   11.621  -5.827  1.00 20.29 ? 47  GLY A O     1 
ATOM   379  N N     . TYR A 1 48  ? 2.706   9.577   -6.492  1.00 18.77 ? 48  TYR A N     1 
ATOM   380  C CA    . TYR A 1 48  ? 3.146   10.046  -7.802  1.00 21.43 ? 48  TYR A CA    1 
ATOM   381  C C     . TYR A 1 48  ? 2.634   9.125   -8.900  1.00 19.06 ? 48  TYR A C     1 
ATOM   382  O O     . TYR A 1 48  ? 2.929   7.932   -8.896  1.00 19.84 ? 48  TYR A O     1 
ATOM   383  C CB    . TYR A 1 48  ? 4.667   10.127  -7.844  1.00 19.90 ? 48  TYR A CB    1 
ATOM   384  C CG    . TYR A 1 48  ? 5.247   10.722  -9.111  1.00 21.25 ? 48  TYR A CG    1 
ATOM   385  C CD1   . TYR A 1 48  ? 5.401   12.104  -9.253  1.00 21.80 ? 48  TYR A CD1   1 
ATOM   386  C CD2   . TYR A 1 48  ? 5.678   9.901   -10.151 1.00 19.74 ? 48  TYR A CD2   1 
ATOM   387  C CE1   . TYR A 1 48  ? 5.952   12.656  -10.415 1.00 24.05 ? 48  TYR A CE1   1 
ATOM   388  C CE2   . TYR A 1 48  ? 6.232   10.435  -11.305 1.00 22.08 ? 48  TYR A CE2   1 
ATOM   389  C CZ    . TYR A 1 48  ? 6.368   11.813  -11.432 1.00 25.46 ? 48  TYR A CZ    1 
ATOM   390  O OH    . TYR A 1 48  ? 6.915   12.337  -12.579 1.00 26.52 ? 48  TYR A OH    1 
ATOM   391  N N     . ALA A 1 49  ? 1.865   9.685   -9.832  1.00 22.31 ? 49  ALA A N     1 
ATOM   392  C CA    . ALA A 1 49  ? 1.355   8.933   -10.979 1.00 19.90 ? 49  ALA A CA    1 
ATOM   393  C C     . ALA A 1 49  ? 2.280   9.119   -12.185 1.00 24.35 ? 49  ALA A C     1 
ATOM   394  O O     . ALA A 1 49  ? 2.451   10.244  -12.644 1.00 20.08 ? 49  ALA A O     1 
ATOM   395  C CB    . ALA A 1 49  ? -0.058  9.394   -11.313 1.00 22.45 ? 49  ALA A CB    1 
ATOM   396  N N     . ILE A 1 50  ? 2.878   8.046   -12.705 1.00 22.08 ? 50  ILE A N     1 
ATOM   397  C CA    . ILE A 1 50  ? 3.844   8.237   -13.784 1.00 25.35 ? 50  ILE A CA    1 
ATOM   398  C C     . ILE A 1 50  ? 3.192   8.654   -15.112 1.00 25.79 ? 50  ILE A C     1 
ATOM   399  O O     . ILE A 1 50  ? 3.838   9.301   -15.936 1.00 25.08 ? 50  ILE A O     1 
ATOM   400  C CB    . ILE A 1 50  ? 4.728   6.981   -14.037 1.00 24.74 ? 50  ILE A CB    1 
ATOM   401  C CG1   . ILE A 1 50  ? 3.913   5.804   -14.577 1.00 25.07 ? 50  ILE A CG1   1 
ATOM   402  C CG2   . ILE A 1 50  ? 5.541   6.607   -12.790 1.00 23.39 ? 50  ILE A CG2   1 
ATOM   403  C CD1   . ILE A 1 50  ? 4.801   4.709   -15.172 1.00 23.12 ? 50  ILE A CD1   1 
ATOM   404  N N     . GLY A 1 51  ? 1.922   8.311   -15.313 1.00 24.93 ? 51  GLY A N     1 
ATOM   405  C CA    . GLY A 1 51  ? 1.225   8.672   -16.541 1.00 25.15 ? 51  GLY A CA    1 
ATOM   406  C C     . GLY A 1 51  ? 0.969   10.165  -16.678 1.00 25.48 ? 51  GLY A C     1 
ATOM   407  O O     . GLY A 1 51  ? 1.080   10.729  -17.763 1.00 27.44 ? 51  GLY A O     1 
ATOM   408  N N     . THR A 1 52  ? 0.631   10.810  -15.571 1.00 27.09 ? 52  THR A N     1 
ATOM   409  C CA    . THR A 1 52  ? 0.373   12.244  -15.568 1.00 26.99 ? 52  THR A CA    1 
ATOM   410  C C     . THR A 1 52  ? 1.562   13.037  -15.031 1.00 27.21 ? 52  THR A C     1 
ATOM   411  O O     . THR A 1 52  ? 1.575   14.260  -15.109 1.00 27.98 ? 52  THR A O     1 
ATOM   412  C CB    . THR A 1 52  ? -0.854  12.575  -14.715 1.00 29.72 ? 52  THR A CB    1 
ATOM   413  O OG1   . THR A 1 52  ? -0.596  12.182  -13.361 1.00 26.69 ? 52  THR A OG1   1 
ATOM   414  C CG2   . THR A 1 52  ? -2.102  11.836  -15.226 1.00 27.34 ? 52  THR A CG2   1 
ATOM   415  N N     . GLN A 1 53  ? 2.540   12.322  -14.473 1.00 26.61 ? 53  GLN A N     1 
ATOM   416  C CA    . GLN A 1 53  ? 3.701   12.904  -13.803 1.00 27.60 ? 53  GLN A CA    1 
ATOM   417  C C     . GLN A 1 53  ? 3.280   13.904  -12.723 1.00 28.52 ? 53  GLN A C     1 
ATOM   418  O O     . GLN A 1 53  ? 3.935   14.926  -12.522 1.00 28.32 ? 53  GLN A O     1 
ATOM   419  C CB    . GLN A 1 53  ? 4.644   13.563  -14.825 1.00 27.85 ? 53  GLN A CB    1 
ATOM   420  C CG    . GLN A 1 53  ? 5.057   12.627  -15.974 1.00 25.70 ? 53  GLN A CG    1 
ATOM   421  C CD    . GLN A 1 53  ? 6.292   11.775  -15.672 1.00 35.12 ? 53  GLN A CD    1 
ATOM   422  O OE1   . GLN A 1 53  ? 7.417   12.287  -15.660 1.00 34.44 ? 53  GLN A OE1   1 
ATOM   423  N NE2   . GLN A 1 53  ? 6.091   10.466  -15.452 1.00 31.87 ? 53  GLN A NE2   1 
ATOM   424  N N     . GLN A 1 54  ? 2.188   13.589  -12.024 1.00 27.57 ? 54  GLN A N     1 
ATOM   425  C CA    . GLN A 1 54  ? 1.653   14.444  -10.961 1.00 26.21 ? 54  GLN A CA    1 
ATOM   426  C C     . GLN A 1 54  ? 2.006   13.947  -9.561  1.00 27.10 ? 54  GLN A C     1 
ATOM   427  O O     . GLN A 1 54  ? 1.722   12.796  -9.209  1.00 24.07 ? 54  GLN A O     1 
ATOM   428  C CB    . GLN A 1 54  ? 0.127   14.543  -11.065 1.00 32.94 ? 54  GLN A CB    1 
ATOM   429  C CG    . GLN A 1 54  ? -0.360  15.255  -12.303 1.00 42.43 ? 54  GLN A CG    1 
ATOM   430  C CD    . GLN A 1 54  ? 0.114   16.686  -12.341 1.00 46.41 ? 54  GLN A CD    1 
ATOM   431  O OE1   . GLN A 1 54  ? 0.097   17.383  -11.318 1.00 44.84 ? 54  GLN A OE1   1 
ATOM   432  N NE2   . GLN A 1 54  ? 0.574   17.131  -13.514 1.00 53.11 ? 54  GLN A NE2   1 
ATOM   433  N N     . ALA A 1 55  ? 2.586   14.832  -8.757  1.00 22.74 ? 55  ALA A N     1 
ATOM   434  C CA    . ALA A 1 55  ? 2.827   14.552  -7.348  1.00 24.17 ? 55  ALA A CA    1 
ATOM   435  C C     . ALA A 1 55  ? 1.706   15.133  -6.481  1.00 25.00 ? 55  ALA A C     1 
ATOM   436  O O     . ALA A 1 55  ? 1.234   16.249  -6.715  1.00 25.48 ? 55  ALA A O     1 
ATOM   437  C CB    . ALA A 1 55  ? 4.191   15.109  -6.911  1.00 21.84 ? 55  ALA A CB    1 
ATOM   438  N N     . THR A 1 56  ? 1.280   14.370  -5.479  1.00 20.42 ? 56  THR A N     1 
ATOM   439  C CA    . THR A 1 56  ? 0.245   14.819  -4.561  1.00 20.09 ? 56  THR A CA    1 
ATOM   440  C C     . THR A 1 56  ? 0.693   14.546  -3.138  1.00 21.38 ? 56  THR A C     1 
ATOM   441  O O     . THR A 1 56  ? 1.122   13.427  -2.829  1.00 20.66 ? 56  THR A O     1 
ATOM   442  C CB    . THR A 1 56  ? -1.105  14.092  -4.827  1.00 22.63 ? 56  THR A CB    1 
ATOM   443  O OG1   . THR A 1 56  ? -1.462  14.230  -6.212  1.00 24.48 ? 56  THR A OG1   1 
ATOM   444  C CG2   . THR A 1 56  ? -2.206  14.661  -3.962  1.00 20.49 ? 56  THR A CG2   1 
ATOM   445  N N     . PRO A 1 57  ? 0.585   15.552  -2.256  1.00 24.30 ? 57  PRO A N     1 
ATOM   446  C CA    . PRO A 1 57  ? 1.065   15.337  -0.888  1.00 23.93 ? 57  PRO A CA    1 
ATOM   447  C C     . PRO A 1 57  ? 0.159   14.422  -0.067  1.00 22.17 ? 57  PRO A C     1 
ATOM   448  O O     . PRO A 1 57  ? -1.068  14.427  -0.219  1.00 20.51 ? 57  PRO A O     1 
ATOM   449  C CB    . PRO A 1 57  ? 1.079   16.752  -0.295  1.00 21.56 ? 57  PRO A CB    1 
ATOM   450  C CG    . PRO A 1 57  ? 0.006   17.464  -1.036  1.00 21.75 ? 57  PRO A CG    1 
ATOM   451  C CD    . PRO A 1 57  ? 0.046   16.913  -2.443  1.00 21.44 ? 57  PRO A CD    1 
ATOM   452  N N     . GLY A 1 58  ? 0.781   13.641  0.810   1.00 18.06 ? 58  GLY A N     1 
ATOM   453  C CA    . GLY A 1 58  ? 0.054   12.870  1.795   1.00 19.67 ? 58  GLY A CA    1 
ATOM   454  C C     . GLY A 1 58  ? 0.162   13.610  3.106   1.00 19.87 ? 58  GLY A C     1 
ATOM   455  O O     . GLY A 1 58  ? 0.799   14.653  3.154   1.00 22.17 ? 58  GLY A O     1 
ATOM   456  N N     . PRO A 1 59  ? -0.447  13.068  4.176   1.00 20.28 ? 59  PRO A N     1 
ATOM   457  C CA    . PRO A 1 59  ? -0.470  13.664  5.521   1.00 23.43 ? 59  PRO A CA    1 
ATOM   458  C C     . PRO A 1 59  ? 0.913   13.901  6.126   1.00 23.68 ? 59  PRO A C     1 
ATOM   459  O O     . PRO A 1 59  ? 1.059   14.801  6.949   1.00 25.40 ? 59  PRO A O     1 
ATOM   460  C CB    . PRO A 1 59  ? -1.231  12.626  6.358   1.00 25.71 ? 59  PRO A CB    1 
ATOM   461  C CG    . PRO A 1 59  ? -2.016  11.846  5.389   1.00 24.14 ? 59  PRO A CG    1 
ATOM   462  C CD    . PRO A 1 59  ? -1.197  11.803  4.124   1.00 21.82 ? 59  PRO A CD    1 
ATOM   463  N N     . ALA A 1 60  ? 1.910   13.112  5.730   1.00 24.14 ? 60  ALA A N     1 
ATOM   464  C CA    . ALA A 1 60  ? 3.242   13.227  6.323   1.00 22.54 ? 60  ALA A CA    1 
ATOM   465  C C     . ALA A 1 60  ? 4.149   14.161  5.525   1.00 22.22 ? 60  ALA A C     1 
ATOM   466  O O     . ALA A 1 60  ? 5.343   14.281  5.809   1.00 24.18 ? 60  ALA A O     1 
ATOM   467  C CB    . ALA A 1 60  ? 3.887   11.851  6.441   1.00 19.45 ? 60  ALA A CB    1 
ATOM   468  N N     . ASN A 1 61  ? 3.577   14.821  4.525   1.00 23.65 ? 61  ASN A N     1 
ATOM   469  C CA    . ASN A 1 61  ? 4.352   15.705  3.664   1.00 21.25 ? 61  ASN A CA    1 
ATOM   470  C C     . ASN A 1 61  ? 4.858   16.921  4.422   1.00 25.12 ? 61  ASN A C     1 
ATOM   471  O O     . ASN A 1 61  ? 4.107   17.559  5.153   1.00 23.16 ? 61  ASN A O     1 
ATOM   472  C CB    . ASN A 1 61  ? 3.502   16.135  2.462   1.00 23.55 ? 61  ASN A CB    1 
ATOM   473  C CG    . ASN A 1 61  ? 4.332   16.732  1.342   1.00 21.42 ? 61  ASN A CG    1 
ATOM   474  O OD1   . ASN A 1 61  ? 4.574   17.935  1.308   1.00 22.22 ? 61  ASN A OD1   1 
ATOM   475  N ND2   . ASN A 1 61  ? 4.772   15.887  0.421   1.00 17.53 ? 61  ASN A ND2   1 
ATOM   476  N N     . SER A 1 62  ? 6.137   17.240  4.243   1.00 24.08 ? 62  SER A N     1 
ATOM   477  C CA    . SER A 1 62  ? 6.750   18.373  4.937   1.00 26.39 ? 62  SER A CA    1 
ATOM   478  C C     . SER A 1 62  ? 6.805   19.617  4.059   1.00 24.63 ? 62  SER A C     1 
ATOM   479  O O     . SER A 1 62  ? 6.928   20.737  4.554   1.00 27.37 ? 62  SER A O     1 
ATOM   480  C CB    . SER A 1 62  ? 8.159   18.007  5.396   1.00 24.12 ? 62  SER A CB    1 
ATOM   481  O OG    . SER A 1 62  ? 9.023   17.905  4.278   1.00 23.85 ? 62  SER A OG    1 
ATOM   482  N N     . GLY A 1 63  ? 6.702   19.415  2.752   1.00 24.81 ? 63  GLY A N     1 
ATOM   483  C CA    . GLY A 1 63  ? 6.854   20.505  1.812   1.00 20.82 ? 63  GLY A CA    1 
ATOM   484  C C     . GLY A 1 63  ? 8.319   20.695  1.461   1.00 25.59 ? 63  GLY A C     1 
ATOM   485  O O     . GLY A 1 63  ? 8.668   21.587  0.679   1.00 22.67 ? 63  GLY A O     1 
ATOM   486  N N     . ARG A 1 64  ? 9.187   19.862  2.035   1.00 20.46 ? 64  ARG A N     1 
ATOM   487  C CA    . ARG A 1 64  ? 10.610  19.959  1.739   1.00 23.58 ? 64  ARG A CA    1 
ATOM   488  C C     . ARG A 1 64  ? 11.104  18.812  0.873   1.00 23.47 ? 64  ARG A C     1 
ATOM   489  O O     . ARG A 1 64  ? 12.295  18.764  0.553   1.00 19.35 ? 64  ARG A O     1 
ATOM   490  C CB    . ARG A 1 64  ? 11.421  20.016  3.032   1.00 23.52 ? 64  ARG A CB    1 
ATOM   491  C CG    . ARG A 1 64  ? 11.260  21.304  3.806   1.00 19.77 ? 64  ARG A CG    1 
ATOM   492  C CD    . ARG A 1 64  ? 12.040  21.251  5.108   1.00 23.49 ? 64  ARG A CD    1 
ATOM   493  N NE    . ARG A 1 64  ? 11.417  20.375  6.089   1.00 24.31 ? 64  ARG A NE    1 
ATOM   494  C CZ    . ARG A 1 64  ? 11.829  19.143  6.372   1.00 26.70 ? 64  ARG A CZ    1 
ATOM   495  N NH1   . ARG A 1 64  ? 12.885  18.638  5.752   1.00 23.65 ? 64  ARG A NH1   1 
ATOM   496  N NH2   . ARG A 1 64  ? 11.182  18.419  7.284   1.00 24.25 ? 64  ARG A NH2   1 
ATOM   497  N N     . GLU A 1 65  ? 10.200  17.893  0.501   1.00 20.83 ? 65  GLU A N     1 
ATOM   498  C CA    . GLU A 1 65  ? 10.537  16.749  -0.363  1.00 22.72 ? 65  GLU A CA    1 
ATOM   499  C C     . GLU A 1 65  ? 10.247  17.033  -1.834  1.00 21.77 ? 65  GLU A C     1 
ATOM   500  O O     . GLU A 1 65  ? 9.314   17.762  -2.160  1.00 22.85 ? 65  GLU A O     1 
ATOM   501  C CB    . GLU A 1 65  ? 9.742   15.474  0.003   1.00 20.67 ? 65  GLU A CB    1 
ATOM   502  C CG    . GLU A 1 65  ? 9.394   15.280  1.461   1.00 30.80 ? 65  GLU A CG    1 
ATOM   503  C CD    . GLU A 1 65  ? 8.162   16.061  1.871   1.00 26.73 ? 65  GLU A CD    1 
ATOM   504  O OE1   . GLU A 1 65  ? 7.689   16.914  1.076   1.00 26.79 ? 65  GLU A OE1   1 
ATOM   505  O OE2   . GLU A 1 65  ? 7.679   15.826  2.994   1.00 28.43 ? 65  GLU A OE2   1 
ATOM   506  N N     . THR A 1 66  ? 11.010  16.387  -2.710  1.00 18.99 ? 66  THR A N     1 
ATOM   507  C CA    . THR A 1 66  ? 10.735  16.364  -4.149  1.00 22.24 ? 66  THR A CA    1 
ATOM   508  C C     . THR A 1 66  ? 10.862  14.950  -4.680  1.00 19.62 ? 66  THR A C     1 
ATOM   509  O O     . THR A 1 66  ? 11.889  14.299  -4.456  1.00 19.73 ? 66  THR A O     1 
ATOM   510  C CB    . THR A 1 66  ? 11.725  17.255  -4.945  1.00 22.71 ? 66  THR A CB    1 
ATOM   511  O OG1   . THR A 1 66  ? 11.727  18.584  -4.413  1.00 24.03 ? 66  THR A OG1   1 
ATOM   512  C CG2   . THR A 1 66  ? 11.363  17.273  -6.432  1.00 21.28 ? 66  THR A CG2   1 
ATOM   513  N N     . ILE A 1 67  ? 9.850   14.471  -5.399  1.00 22.64 ? 67  ILE A N     1 
ATOM   514  C CA    . ILE A 1 67  ? 9.947   13.146  -5.981  1.00 20.37 ? 67  ILE A CA    1 
ATOM   515  C C     . ILE A 1 67  ? 10.236  13.258  -7.477  1.00 22.33 ? 67  ILE A C     1 
ATOM   516  O O     . ILE A 1 67  ? 9.765   14.182  -8.143  1.00 21.04 ? 67  ILE A O     1 
ATOM   517  C CB    . ILE A 1 67  ? 8.661   12.296  -5.733  1.00 22.74 ? 67  ILE A CB    1 
ATOM   518  C CG1   . ILE A 1 67  ? 8.895   10.830  -6.133  1.00 18.39 ? 67  ILE A CG1   1 
ATOM   519  C CG2   . ILE A 1 67  ? 7.415   12.912  -6.394  1.00 18.10 ? 67  ILE A CG2   1 
ATOM   520  C CD1   . ILE A 1 67  ? 7.718   9.892   -5.759  1.00 21.51 ? 67  ILE A CD1   1 
ATOM   521  N N     . TYR A 1 68  ? 11.014  12.309  -7.991  1.00 19.30 ? 68  TYR A N     1 
ATOM   522  C CA    . TYR A 1 68  ? 11.432  12.306  -9.390  1.00 24.86 ? 68  TYR A CA    1 
ATOM   523  C C     . TYR A 1 68  ? 10.762  11.153  -10.144 1.00 23.55 ? 68  TYR A C     1 
ATOM   524  O O     . TYR A 1 68  ? 10.240  10.231  -9.510  1.00 25.50 ? 68  TYR A O     1 
ATOM   525  C CB    . TYR A 1 68  ? 12.961  12.239  -9.457  1.00 21.27 ? 68  TYR A CB    1 
ATOM   526  C CG    . TYR A 1 68  ? 13.573  13.511  -8.912  1.00 27.16 ? 68  TYR A CG    1 
ATOM   527  C CD1   . TYR A 1 68  ? 13.759  14.623  -9.730  1.00 24.96 ? 68  TYR A CD1   1 
ATOM   528  C CD2   . TYR A 1 68  ? 13.905  13.623  -7.565  1.00 24.52 ? 68  TYR A CD2   1 
ATOM   529  C CE1   . TYR A 1 68  ? 14.279  15.803  -9.228  1.00 26.83 ? 68  TYR A CE1   1 
ATOM   530  C CE2   . TYR A 1 68  ? 14.439  14.802  -7.055  1.00 27.71 ? 68  TYR A CE2   1 
ATOM   531  C CZ    . TYR A 1 68  ? 14.622  15.885  -7.891  1.00 32.40 ? 68  TYR A CZ    1 
ATOM   532  O OH    . TYR A 1 68  ? 15.151  17.053  -7.390  1.00 33.33 ? 68  TYR A OH    1 
ATOM   533  N N     . PRO A 1 69  ? 10.749  11.208  -11.492 1.00 24.74 ? 69  PRO A N     1 
ATOM   534  C CA    . PRO A 1 69  ? 9.980   10.217  -12.264 1.00 24.90 ? 69  PRO A CA    1 
ATOM   535  C C     . PRO A 1 69  ? 10.474  8.784   -12.099 1.00 22.19 ? 69  PRO A C     1 
ATOM   536  O O     . PRO A 1 69  ? 9.740   7.858   -12.448 1.00 23.38 ? 69  PRO A O     1 
ATOM   537  C CB    . PRO A 1 69  ? 10.156  10.683  -13.718 1.00 24.26 ? 69  PRO A CB    1 
ATOM   538  C CG    . PRO A 1 69  ? 10.482  12.127  -13.615 1.00 27.55 ? 69  PRO A CG    1 
ATOM   539  C CD    . PRO A 1 69  ? 11.323  12.248  -12.371 1.00 25.44 ? 69  PRO A CD    1 
ATOM   540  N N     . ASN A 1 70  ? 11.680  8.603   -11.572 1.00 21.48 ? 70  ASN A N     1 
ATOM   541  C CA    . ASN A 1 70  ? 12.180  7.258   -11.277 1.00 21.50 ? 70  ASN A CA    1 
ATOM   542  C C     . ASN A 1 70  ? 12.015  6.874   -9.808  1.00 18.58 ? 70  ASN A C     1 
ATOM   543  O O     . ASN A 1 70  ? 12.717  5.985   -9.316  1.00 22.49 ? 70  ASN A O     1 
ATOM   544  C CB    . ASN A 1 70  ? 13.648  7.135   -11.671 1.00 21.18 ? 70  ASN A CB    1 
ATOM   545  C CG    . ASN A 1 70  ? 14.550  8.053   -10.864 1.00 25.27 ? 70  ASN A CG    1 
ATOM   546  O OD1   . ASN A 1 70  ? 14.097  8.769   -9.966  1.00 23.38 ? 70  ASN A OD1   1 
ATOM   547  N ND2   . ASN A 1 70  ? 15.842  8.033   -11.181 1.00 26.74 ? 70  ASN A ND2   1 
ATOM   548  N N     . ALA A 1 71  ? 11.121  7.593   -9.125  1.00 18.65 ? 71  ALA A N     1 
ATOM   549  C CA    . ALA A 1 71  ? 10.714  7.344   -7.727  1.00 20.15 ? 71  ALA A CA    1 
ATOM   550  C C     . ALA A 1 71  ? 11.686  7.909   -6.704  1.00 17.55 ? 71  ALA A C     1 
ATOM   551  O O     . ALA A 1 71  ? 11.377  7.918   -5.523  1.00 17.59 ? 71  ALA A O     1 
ATOM   552  C CB    . ALA A 1 71  ? 10.503  5.837   -7.467  1.00 20.11 ? 71  ALA A CB    1 
ATOM   553  N N     . SER A 1 72  ? 12.847  8.400   -7.147  1.00 19.69 ? 72  SER A N     1 
ATOM   554  C CA    . SER A 1 72  ? 13.820  8.967   -6.218  1.00 18.74 ? 72  SER A CA    1 
ATOM   555  C C     . SER A 1 72  ? 13.213  10.134  -5.438  1.00 19.22 ? 72  SER A C     1 
ATOM   556  O O     . SER A 1 72  ? 12.417  10.913  -5.963  1.00 17.64 ? 72  SER A O     1 
ATOM   557  C CB    . SER A 1 72  ? 15.088  9.416   -6.959  1.00 22.23 ? 72  SER A CB    1 
ATOM   558  O OG    . SER A 1 72  ? 15.686  8.310   -7.612  1.00 23.71 ? 72  SER A OG    1 
ATOM   559  N N     . LEU A 1 73  ? 13.581  10.244  -4.170  1.00 17.80 ? 73  LEU A N     1 
ATOM   560  C CA    . LEU A 1 73  ? 12.984  11.250  -3.303  1.00 19.12 ? 73  LEU A CA    1 
ATOM   561  C C     . LEU A 1 73  ? 14.077  12.121  -2.716  1.00 17.52 ? 73  LEU A C     1 
ATOM   562  O O     . LEU A 1 73  ? 14.978  11.625  -2.043  1.00 17.08 ? 73  LEU A O     1 
ATOM   563  C CB    . LEU A 1 73  ? 12.164  10.599  -2.183  1.00 18.62 ? 73  LEU A CB    1 
ATOM   564  C CG    . LEU A 1 73  ? 11.358  11.564  -1.300  1.00 19.61 ? 73  LEU A CG    1 
ATOM   565  C CD1   . LEU A 1 73  ? 10.226  12.214  -2.101  1.00 18.69 ? 73  LEU A CD1   1 
ATOM   566  C CD2   . LEU A 1 73  ? 10.800  10.845  -0.068  1.00 19.74 ? 73  LEU A CD2   1 
ATOM   567  N N     . LEU A 1 74  ? 14.004  13.415  -3.006  1.00 16.94 ? 74  LEU A N     1 
ATOM   568  C CA    . LEU A 1 74  ? 14.953  14.384  -2.457  1.00 17.98 ? 74  LEU A CA    1 
ATOM   569  C C     . LEU A 1 74  ? 14.329  15.074  -1.257  1.00 20.31 ? 74  LEU A C     1 
ATOM   570  O O     . LEU A 1 74  ? 13.188  15.516  -1.320  1.00 21.16 ? 74  LEU A O     1 
ATOM   571  C CB    . LEU A 1 74  ? 15.339  15.430  -3.493  1.00 16.56 ? 74  LEU A CB    1 
ATOM   572  C CG    . LEU A 1 74  ? 16.199  16.592  -2.976  1.00 26.43 ? 74  LEU A CG    1 
ATOM   573  C CD1   . LEU A 1 74  ? 17.643  16.159  -2.779  1.00 16.50 ? 74  LEU A CD1   1 
ATOM   574  C CD2   . LEU A 1 74  ? 16.110  17.770  -3.940  1.00 23.07 ? 74  LEU A CD2   1 
ATOM   575  N N     . ILE A 1 75  ? 15.083  15.158  -0.170  1.00 13.70 ? 75  ILE A N     1 
ATOM   576  C CA    . ILE A 1 75  ? 14.653  15.877  1.007   1.00 17.67 ? 75  ILE A CA    1 
ATOM   577  C C     . ILE A 1 75  ? 15.664  16.982  1.308   1.00 18.66 ? 75  ILE A C     1 
ATOM   578  O O     . ILE A 1 75  ? 16.850  16.705  1.486   1.00 16.59 ? 75  ILE A O     1 
ATOM   579  C CB    . ILE A 1 75  ? 14.519  14.943  2.236   1.00 16.49 ? 75  ILE A CB    1 
ATOM   580  C CG1   . ILE A 1 75  ? 13.588  13.762  1.930   1.00 20.09 ? 75  ILE A CG1   1 
ATOM   581  C CG2   . ILE A 1 75  ? 14.013  15.734  3.432   1.00 19.77 ? 75  ILE A CG2   1 
ATOM   582  C CD1   . ILE A 1 75  ? 13.483  12.748  3.068   1.00 18.31 ? 75  ILE A CD1   1 
ATOM   583  N N     . GLN A 1 76  ? 15.197  18.228  1.354   1.00 18.49 ? 76  GLN A N     1 
ATOM   584  C CA    . GLN A 1 76  ? 16.091  19.350  1.636   1.00 20.96 ? 76  GLN A CA    1 
ATOM   585  C C     . GLN A 1 76  ? 15.830  19.926  3.022   1.00 21.70 ? 76  GLN A C     1 
ATOM   586  O O     . GLN A 1 76  ? 14.769  19.679  3.623   1.00 20.33 ? 76  GLN A O     1 
ATOM   587  C CB    . GLN A 1 76  ? 15.936  20.446  0.578   1.00 18.79 ? 76  GLN A CB    1 
ATOM   588  C CG    . GLN A 1 76  ? 16.374  20.023  -0.807  1.00 20.39 ? 76  GLN A CG    1 
ATOM   589  C CD    . GLN A 1 76  ? 15.993  21.039  -1.864  1.00 28.59 ? 76  GLN A CD    1 
ATOM   590  O OE1   . GLN A 1 76  ? 14.929  20.946  -2.482  1.00 24.85 ? 76  GLN A OE1   1 
ATOM   591  N NE2   . GLN A 1 76  ? 16.863  22.023  -2.076  1.00 26.68 ? 76  GLN A NE2   1 
ATOM   592  N N     . ASN A 1 77  ? 16.799  20.706  3.499   1.00 21.03 ? 77  ASN A N     1 
ATOM   593  C CA    . ASN A 1 77  ? 16.801  21.274  4.847   1.00 20.01 ? 77  ASN A CA    1 
ATOM   594  C C     . ASN A 1 77  ? 16.323  20.254  5.875   1.00 20.96 ? 77  ASN A C     1 
ATOM   595  O O     . ASN A 1 77  ? 15.368  20.477  6.617   1.00 19.76 ? 77  ASN A O     1 
ATOM   596  C CB    . ASN A 1 77  ? 15.969  22.551  4.868   1.00 20.67 ? 77  ASN A CB    1 
ATOM   597  C CG    . ASN A 1 77  ? 16.519  23.592  3.909   1.00 25.21 ? 77  ASN A CG    1 
ATOM   598  O OD1   . ASN A 1 77  ? 17.723  23.847  3.889   1.00 29.99 ? 77  ASN A OD1   1 
ATOM   599  N ND2   . ASN A 1 77  ? 15.658  24.162  3.086   1.00 24.94 ? 77  ASN A ND2   1 
ATOM   600  N N     . VAL A 1 78  ? 17.021  19.124  5.880   1.00 19.18 ? 78  VAL A N     1 
ATOM   601  C CA    . VAL A 1 78  ? 16.671  17.974  6.687   1.00 19.76 ? 78  VAL A CA    1 
ATOM   602  C C     . VAL A 1 78  ? 16.560  18.316  8.173   1.00 22.33 ? 78  VAL A C     1 
ATOM   603  O O     . VAL A 1 78  ? 17.417  18.995  8.740   1.00 18.61 ? 78  VAL A O     1 
ATOM   604  C CB    . VAL A 1 78  ? 17.698  16.843  6.497   1.00 22.89 ? 78  VAL A CB    1 
ATOM   605  C CG1   . VAL A 1 78  ? 17.418  15.704  7.463   1.00 23.21 ? 78  VAL A CG1   1 
ATOM   606  C CG2   . VAL A 1 78  ? 17.644  16.321  5.057   1.00 24.06 ? 78  VAL A CG2   1 
ATOM   607  N N     . THR A 1 79  ? 15.483  17.849  8.791   1.00 18.68 ? 79  THR A N     1 
ATOM   608  C CA    . THR A 1 79  ? 15.260  18.045  10.223  1.00 22.07 ? 79  THR A CA    1 
ATOM   609  C C     . THR A 1 79  ? 15.493  16.764  11.020  1.00 20.69 ? 79  THR A C     1 
ATOM   610  O O     . THR A 1 79  ? 15.660  15.677  10.449  1.00 18.37 ? 79  THR A O     1 
ATOM   611  C CB    . THR A 1 79  ? 13.823  18.530  10.496  1.00 21.13 ? 79  THR A CB    1 
ATOM   612  O OG1   . THR A 1 79  ? 12.906  17.490  10.139  1.00 20.25 ? 79  THR A OG1   1 
ATOM   613  C CG2   . THR A 1 79  ? 13.528  19.789  9.688   1.00 22.53 ? 79  THR A CG2   1 
ATOM   614  N N     . GLN A 1 80  ? 15.483  16.892  12.346  1.00 19.86 ? 80  GLN A N     1 
ATOM   615  C CA    . GLN A 1 80  ? 15.590  15.736  13.231  1.00 21.57 ? 80  GLN A CA    1 
ATOM   616  C C     . GLN A 1 80  ? 14.434  14.765  13.020  1.00 18.05 ? 80  GLN A C     1 
ATOM   617  O O     . GLN A 1 80  ? 14.646  13.560  13.029  1.00 17.75 ? 80  GLN A O     1 
ATOM   618  C CB    . GLN A 1 80  ? 15.646  16.181  14.693  1.00 19.84 ? 80  GLN A CB    1 
ATOM   619  C CG    . GLN A 1 80  ? 16.945  16.936  15.022  1.00 17.70 ? 80  GLN A CG    1 
ATOM   620  C CD    . GLN A 1 80  ? 16.916  17.537  16.416  1.00 21.34 ? 80  GLN A CD    1 
ATOM   621  O OE1   . GLN A 1 80  ? 16.152  17.091  17.279  1.00 20.20 ? 80  GLN A OE1   1 
ATOM   622  N NE2   . GLN A 1 80  ? 17.744  18.553  16.643  1.00 20.24 ? 80  GLN A NE2   1 
ATOM   623  N N     . ASN A 1 81  ? 13.232  15.303  12.818  1.00 15.13 ? 81  ASN A N     1 
ATOM   624  C CA    . ASN A 1 81  ? 12.027  14.510  12.558  1.00 21.54 ? 81  ASN A CA    1 
ATOM   625  C C     . ASN A 1 81  ? 12.103  13.663  11.286  1.00 20.82 ? 81  ASN A C     1 
ATOM   626  O O     . ASN A 1 81  ? 11.399  12.658  11.168  1.00 20.58 ? 81  ASN A O     1 
ATOM   627  C CB    . ASN A 1 81  ? 10.804  15.432  12.469  1.00 18.99 ? 81  ASN A CB    1 
ATOM   628  C CG    . ASN A 1 81  ? 10.090  15.592  13.797  1.00 35.89 ? 81  ASN A CG    1 
ATOM   629  O OD1   . ASN A 1 81  ? 10.050  14.666  14.618  1.00 35.89 ? 81  ASN A OD1   1 
ATOM   630  N ND2   . ASN A 1 81  ? 9.521   16.776  14.022  1.00 32.12 ? 81  ASN A ND2   1 
ATOM   631  N N     . ASP A 1 82  ? 12.939  14.079  10.333  1.00 17.69 ? 82  ASP A N     1 
ATOM   632  C CA    . ASP A 1 82  ? 13.112  13.351  9.067   1.00 18.60 ? 82  ASP A CA    1 
ATOM   633  C C     . ASP A 1 82  ? 13.904  12.052  9.221   1.00 17.23 ? 82  ASP A C     1 
ATOM   634  O O     . ASP A 1 82  ? 13.923  11.216  8.311   1.00 13.93 ? 82  ASP A O     1 
ATOM   635  C CB    . ASP A 1 82  ? 13.837  14.224  8.030   1.00 18.45 ? 82  ASP A CB    1 
ATOM   636  C CG    . ASP A 1 82  ? 13.027  15.439  7.606   1.00 22.69 ? 82  ASP A CG    1 
ATOM   637  O OD1   . ASP A 1 82  ? 11.780  15.372  7.628   1.00 20.36 ? 82  ASP A OD1   1 
ATOM   638  O OD2   . ASP A 1 82  ? 13.646  16.460  7.232   1.00 19.39 ? 82  ASP A OD2   1 
ATOM   639  N N     . THR A 1 83  ? 14.595  11.907  10.352  1.00 16.98 ? 83  THR A N     1 
ATOM   640  C CA    . THR A 1 83  ? 15.544  10.811  10.540  1.00 16.09 ? 83  THR A CA    1 
ATOM   641  C C     . THR A 1 83  ? 14.837  9.465   10.498  1.00 16.23 ? 83  THR A C     1 
ATOM   642  O O     . THR A 1 83  ? 13.637  9.374   10.765  1.00 16.39 ? 83  THR A O     1 
ATOM   643  C CB    . THR A 1 83  ? 16.308  10.928  11.877  1.00 16.52 ? 83  THR A CB    1 
ATOM   644  O OG1   . THR A 1 83  ? 17.527  10.174  11.804  1.00 17.27 ? 83  THR A OG1   1 
ATOM   645  C CG2   . THR A 1 83  ? 15.438  10.418  13.074  1.00 13.68 ? 83  THR A CG2   1 
ATOM   646  N N     . GLY A 1 84  ? 15.582  8.425   10.156  1.00 16.56 ? 84  GLY A N     1 
ATOM   647  C CA    . GLY A 1 84  ? 15.074  7.071   10.270  1.00 16.63 ? 84  GLY A CA    1 
ATOM   648  C C     . GLY A 1 84  ? 14.585  6.457   8.979   1.00 19.02 ? 84  GLY A C     1 
ATOM   649  O O     . GLY A 1 84  ? 15.157  6.690   7.913   1.00 16.86 ? 84  GLY A O     1 
ATOM   650  N N     . PHE A 1 85  ? 13.509  5.680   9.075   1.00 16.13 ? 85  PHE A N     1 
ATOM   651  C CA    . PHE A 1 85  ? 13.094  4.831   7.966   1.00 15.97 ? 85  PHE A CA    1 
ATOM   652  C C     . PHE A 1 85  ? 12.081  5.493   7.030   1.00 17.00 ? 85  PHE A C     1 
ATOM   653  O O     . PHE A 1 85  ? 11.210  6.262   7.451   1.00 14.74 ? 85  PHE A O     1 
ATOM   654  C CB    . PHE A 1 85  ? 12.490  3.522   8.489   1.00 19.79 ? 85  PHE A CB    1 
ATOM   655  C CG    . PHE A 1 85  ? 13.481  2.611   9.152   1.00 19.14 ? 85  PHE A CG    1 
ATOM   656  C CD1   . PHE A 1 85  ? 13.625  2.612   10.530  1.00 24.48 ? 85  PHE A CD1   1 
ATOM   657  C CD2   . PHE A 1 85  ? 14.249  1.736   8.398   1.00 20.39 ? 85  PHE A CD2   1 
ATOM   658  C CE1   . PHE A 1 85  ? 14.532  1.774   11.145  1.00 26.56 ? 85  PHE A CE1   1 
ATOM   659  C CE2   . PHE A 1 85  ? 15.158  0.894   9.001   1.00 22.41 ? 85  PHE A CE2   1 
ATOM   660  C CZ    . PHE A 1 85  ? 15.298  0.907   10.380  1.00 25.48 ? 85  PHE A CZ    1 
ATOM   661  N N     . TYR A 1 86  ? 12.215  5.152   5.754   1.00 13.88 ? 86  TYR A N     1 
ATOM   662  C CA    . TYR A 1 86  ? 11.268  5.527   4.709   1.00 15.52 ? 86  TYR A CA    1 
ATOM   663  C C     . TYR A 1 86  ? 10.878  4.268   3.953   1.00 16.58 ? 86  TYR A C     1 
ATOM   664  O O     . TYR A 1 86  ? 11.693  3.360   3.779   1.00 17.97 ? 86  TYR A O     1 
ATOM   665  C CB    . TYR A 1 86  ? 11.877  6.572   3.756   1.00 13.62 ? 86  TYR A CB    1 
ATOM   666  C CG    . TYR A 1 86  ? 12.030  7.909   4.421   1.00 15.49 ? 86  TYR A CG    1 
ATOM   667  C CD1   . TYR A 1 86  ? 13.024  8.115   5.373   1.00 14.35 ? 86  TYR A CD1   1 
ATOM   668  C CD2   . TYR A 1 86  ? 11.174  8.960   4.124   1.00 13.67 ? 86  TYR A CD2   1 
ATOM   669  C CE1   . TYR A 1 86  ? 13.151  9.314   6.010   1.00 12.72 ? 86  TYR A CE1   1 
ATOM   670  C CE2   . TYR A 1 86  ? 11.314  10.186  4.747   1.00 15.37 ? 86  TYR A CE2   1 
ATOM   671  C CZ    . TYR A 1 86  ? 12.304  10.350  5.689   1.00 14.18 ? 86  TYR A CZ    1 
ATOM   672  O OH    . TYR A 1 86  ? 12.429  11.554  6.328   1.00 16.27 ? 86  TYR A OH    1 
ATOM   673  N N     . THR A 1 87  ? 9.634   4.205   3.511   1.00 15.03 ? 87  THR A N     1 
ATOM   674  C CA    . THR A 1 87  ? 9.165   3.032   2.791   1.00 14.81 ? 87  THR A CA    1 
ATOM   675  C C     . THR A 1 87  ? 8.536   3.443   1.466   1.00 13.82 ? 87  THR A C     1 
ATOM   676  O O     . THR A 1 87  ? 7.635   4.283   1.424   1.00 15.36 ? 87  THR A O     1 
ATOM   677  C CB    . THR A 1 87  ? 8.128   2.222   3.630   1.00 17.50 ? 87  THR A CB    1 
ATOM   678  O OG1   . THR A 1 87  ? 8.755   1.692   4.806   1.00 16.98 ? 87  THR A OG1   1 
ATOM   679  C CG2   . THR A 1 87  ? 7.527   1.075   2.804   1.00 16.92 ? 87  THR A CG2   1 
ATOM   680  N N     . LEU A 1 88  ? 9.031   2.858   0.387   1.00 15.52 ? 88  LEU A N     1 
ATOM   681  C CA    . LEU A 1 88  ? 8.459   3.063   -0.935  1.00 18.97 ? 88  LEU A CA    1 
ATOM   682  C C     . LEU A 1 88  ? 7.546   1.898   -1.315  1.00 17.49 ? 88  LEU A C     1 
ATOM   683  O O     . LEU A 1 88  ? 7.948   0.734   -1.265  1.00 19.13 ? 88  LEU A O     1 
ATOM   684  C CB    . LEU A 1 88  ? 9.562   3.225   -1.984  1.00 15.00 ? 88  LEU A CB    1 
ATOM   685  C CG    . LEU A 1 88  ? 9.144   3.076   -3.451  1.00 18.43 ? 88  LEU A CG    1 
ATOM   686  C CD1   . LEU A 1 88  ? 8.251   4.230   -3.908  1.00 17.90 ? 88  LEU A CD1   1 
ATOM   687  C CD2   . LEU A 1 88  ? 10.369  2.956   -4.354  1.00 18.17 ? 88  LEU A CD2   1 
ATOM   688  N N     . GLN A 1 89  ? 6.306   2.211   -1.673  1.00 19.44 ? 89  GLN A N     1 
ATOM   689  C CA    . GLN A 1 89  ? 5.414   1.207   -2.265  1.00 17.46 ? 89  GLN A CA    1 
ATOM   690  C C     . GLN A 1 89  ? 5.280   1.488   -3.763  1.00 19.25 ? 89  GLN A C     1 
ATOM   691  O O     . GLN A 1 89  ? 4.927   2.597   -4.166  1.00 20.53 ? 89  GLN A O     1 
ATOM   692  C CB    . GLN A 1 89  ? 4.038   1.225   -1.596  1.00 17.67 ? 89  GLN A CB    1 
ATOM   693  C CG    . GLN A 1 89  ? 3.110   0.128   -2.106  1.00 17.10 ? 89  GLN A CG    1 
ATOM   694  C CD    . GLN A 1 89  ? 1.745   0.185   -1.473  1.00 17.44 ? 89  GLN A CD    1 
ATOM   695  O OE1   . GLN A 1 89  ? 1.247   1.259   -1.128  1.00 15.84 ? 89  GLN A OE1   1 
ATOM   696  N NE2   . GLN A 1 89  ? 1.113   -0.969  -1.347  1.00 17.98 ? 89  GLN A NE2   1 
ATOM   697  N N     . VAL A 1 90  ? 5.599   0.506   -4.588  1.00 20.26 ? 90  VAL A N     1 
ATOM   698  C CA    . VAL A 1 90  ? 5.411   0.658   -6.017  1.00 18.96 ? 90  VAL A CA    1 
ATOM   699  C C     . VAL A 1 90  ? 4.097   -0.032  -6.395  1.00 23.99 ? 90  VAL A C     1 
ATOM   700  O O     . VAL A 1 90  ? 3.913   -1.236  -6.152  1.00 21.13 ? 90  VAL A O     1 
ATOM   701  C CB    . VAL A 1 90  ? 6.578   0.074   -6.818  1.00 20.19 ? 90  VAL A CB    1 
ATOM   702  C CG1   . VAL A 1 90  ? 6.254   0.107   -8.298  1.00 22.41 ? 90  VAL A CG1   1 
ATOM   703  C CG2   . VAL A 1 90  ? 7.867   0.863   -6.550  1.00 20.44 ? 90  VAL A CG2   1 
ATOM   704  N N     . ILE A 1 91  ? 3.174   0.748   -6.950  1.00 20.25 ? 91  ILE A N     1 
ATOM   705  C CA    . ILE A 1 91  ? 1.890   0.213   -7.392  1.00 21.39 ? 91  ILE A CA    1 
ATOM   706  C C     . ILE A 1 91  ? 2.008   -0.366  -8.796  1.00 25.19 ? 91  ILE A C     1 
ATOM   707  O O     . ILE A 1 91  ? 2.285   0.368   -9.752  1.00 22.43 ? 91  ILE A O     1 
ATOM   708  C CB    . ILE A 1 91  ? 0.806   1.280   -7.374  1.00 21.41 ? 91  ILE A CB    1 
ATOM   709  C CG1   . ILE A 1 91  ? 0.688   1.897   -5.972  1.00 21.26 ? 91  ILE A CG1   1 
ATOM   710  C CG2   . ILE A 1 91  ? -0.502  0.695   -7.843  1.00 21.19 ? 91  ILE A CG2   1 
ATOM   711  C CD1   . ILE A 1 91  ? 0.513   0.889   -4.857  1.00 24.18 ? 91  ILE A CD1   1 
ATOM   712  N N     . LYS A 1 92  ? 1.825   -1.683  -8.914  1.00 22.98 ? 92  LYS A N     1 
ATOM   713  C CA    . LYS A 1 92  ? 1.952   -2.354  -10.207 1.00 22.97 ? 92  LYS A CA    1 
ATOM   714  C C     . LYS A 1 92  ? 0.606   -2.334  -10.940 1.00 25.00 ? 92  LYS A C     1 
ATOM   715  O O     . LYS A 1 92  ? -0.436  -2.143  -10.312 1.00 21.66 ? 92  LYS A O     1 
ATOM   716  C CB    . LYS A 1 92  ? 2.447   -3.794  -10.038 1.00 23.72 ? 92  LYS A CB    1 
ATOM   717  C CG    . LYS A 1 92  ? 3.826   -3.928  -9.400  1.00 22.85 ? 92  LYS A CG    1 
ATOM   718  C CD    . LYS A 1 92  ? 4.694   -4.958  -10.118 1.00 29.66 ? 92  LYS A CD    1 
ATOM   719  C CE    . LYS A 1 92  ? 3.914   -6.193  -10.555 1.00 34.28 ? 92  LYS A CE    1 
ATOM   720  N NZ    . LYS A 1 92  ? 3.174   -6.898  -9.465  1.00 32.37 ? 92  LYS A NZ    1 
ATOM   721  N N     . SER A 1 93  ? 0.627   -2.531  -12.261 1.00 23.42 ? 93  SER A N     1 
ATOM   722  C CA    . SER A 1 93  ? -0.590  -2.414  -13.067 1.00 24.76 ? 93  SER A CA    1 
ATOM   723  C C     . SER A 1 93  ? -1.647  -3.449  -12.668 1.00 20.55 ? 93  SER A C     1 
ATOM   724  O O     . SER A 1 93  ? -2.844  -3.197  -12.816 1.00 22.05 ? 93  SER A O     1 
ATOM   725  C CB    . SER A 1 93  ? -0.264  -2.532  -14.563 1.00 22.68 ? 93  SER A CB    1 
ATOM   726  O OG    . SER A 1 93  ? 0.265   -3.804  -14.883 1.00 24.96 ? 93  SER A OG    1 
ATOM   727  N N     . ASP A 1 94  ? -1.200  -4.590  -12.145 1.00 23.39 ? 94  ASP A N     1 
ATOM   728  C CA    . ASP A 1 94  ? -2.104  -5.638  -11.669 1.00 20.13 ? 94  ASP A CA    1 
ATOM   729  C C     . ASP A 1 94  ? -2.463  -5.475  -10.180 1.00 24.12 ? 94  ASP A C     1 
ATOM   730  O O     . ASP A 1 94  ? -3.174  -6.314  -9.608  1.00 21.90 ? 94  ASP A O     1 
ATOM   731  C CB    . ASP A 1 94  ? -1.501  -7.036  -11.910 1.00 18.43 ? 94  ASP A CB    1 
ATOM   732  C CG    . ASP A 1 94  ? -0.179  -7.255  -11.181 1.00 20.65 ? 94  ASP A CG    1 
ATOM   733  O OD1   . ASP A 1 94  ? 0.460   -8.308  -11.413 1.00 18.14 ? 94  ASP A OD1   1 
ATOM   734  O OD2   . ASP A 1 94  ? 0.230   -6.376  -10.395 1.00 21.47 ? 94  ASP A OD2   1 
ATOM   735  N N     . LEU A 1 95  ? -1.946  -4.408  -9.570  1.00 22.09 ? 95  LEU A N     1 
ATOM   736  C CA    . LEU A 1 95  ? -2.261  -4.012  -8.189  1.00 22.58 ? 95  LEU A CA    1 
ATOM   737  C C     . LEU A 1 95  ? -1.699  -4.976  -7.141  1.00 22.64 ? 95  LEU A C     1 
ATOM   738  O O     . LEU A 1 95  ? -2.044  -4.879  -5.955  1.00 24.49 ? 95  LEU A O     1 
ATOM   739  C CB    . LEU A 1 95  ? -3.777  -3.860  -7.990  1.00 21.18 ? 95  LEU A CB    1 
ATOM   740  C CG    . LEU A 1 95  ? -4.445  -2.503  -8.233  1.00 23.51 ? 95  LEU A CG    1 
ATOM   741  C CD1   . LEU A 1 95  ? -3.952  -1.451  -7.240  1.00 23.42 ? 95  LEU A CD1   1 
ATOM   742  C CD2   . LEU A 1 95  ? -4.219  -2.028  -9.672  1.00 23.20 ? 95  LEU A CD2   1 
ATOM   743  N N     . VAL A 1 96  ? -0.846  -5.899  -7.580  1.00 18.93 ? 96  VAL A N     1 
ATOM   744  C CA    . VAL A 1 96  ? -0.029  -6.706  -6.681  1.00 17.39 ? 96  VAL A CA    1 
ATOM   745  C C     . VAL A 1 96  ? 1.283   -5.939  -6.478  1.00 26.24 ? 96  VAL A C     1 
ATOM   746  O O     . VAL A 1 96  ? 2.196   -5.988  -7.308  1.00 25.93 ? 96  VAL A O     1 
ATOM   747  C CB    . VAL A 1 96  ? 0.223   -8.116  -7.243  1.00 19.48 ? 96  VAL A CB    1 
ATOM   748  C CG1   . VAL A 1 96  ? 1.156   -8.913  -6.340  1.00 19.77 ? 96  VAL A CG1   1 
ATOM   749  C CG2   . VAL A 1 96  ? -1.116  -8.859  -7.443  1.00 22.13 ? 96  VAL A CG2   1 
ATOM   750  N N     . ASN A 1 97  ? 1.358   -5.208  -5.372  1.00 24.13 ? 97  ASN A N     1 
ATOM   751  C CA    . ASN A 1 97  ? 2.339   -4.135  -5.239  1.00 22.89 ? 97  ASN A CA    1 
ATOM   752  C C     . ASN A 1 97  ? 3.620   -4.579  -4.564  1.00 23.86 ? 97  ASN A C     1 
ATOM   753  O O     . ASN A 1 97  ? 3.667   -5.656  -3.980  1.00 26.07 ? 97  ASN A O     1 
ATOM   754  C CB    . ASN A 1 97  ? 1.692   -2.977  -4.494  1.00 19.02 ? 97  ASN A CB    1 
ATOM   755  C CG    . ASN A 1 97  ? 0.343   -2.604  -5.091  1.00 25.08 ? 97  ASN A CG    1 
ATOM   756  O OD1   . ASN A 1 97  ? 0.243   -2.387  -6.295  1.00 24.20 ? 97  ASN A OD1   1 
ATOM   757  N ND2   . ASN A 1 97  ? -0.706  -2.560  -4.261  1.00 22.45 ? 97  ASN A ND2   1 
ATOM   758  N N     . GLU A 1 98  ? 4.661   -3.755  -4.673  1.00 23.92 ? 98  GLU A N     1 
ATOM   759  C CA    . GLU A 1 98  ? 5.980   -4.080  -4.127  1.00 24.45 ? 98  GLU A CA    1 
ATOM   760  C C     . GLU A 1 98  ? 6.427   -2.987  -3.159  1.00 25.06 ? 98  GLU A C     1 
ATOM   761  O O     . GLU A 1 98  ? 6.062   -1.818  -3.328  1.00 22.43 ? 98  GLU A O     1 
ATOM   762  C CB    . GLU A 1 98  ? 7.015   -4.243  -5.242  1.00 26.33 ? 98  GLU A CB    1 
ATOM   763  C CG    . GLU A 1 98  ? 6.833   -5.484  -6.091  1.00 32.18 ? 98  GLU A CG    1 
ATOM   764  C CD    . GLU A 1 98  ? 7.793   -5.525  -7.267  1.00 40.92 ? 98  GLU A CD    1 
ATOM   765  O OE1   . GLU A 1 98  ? 7.367   -5.932  -8.374  1.00 44.12 ? 98  GLU A OE1   1 
ATOM   766  O OE2   . GLU A 1 98  ? 8.970   -5.148  -7.080  1.00 39.11 ? 98  GLU A OE2   1 
ATOM   767  N N     . GLU A 1 99  ? 7.199   -3.369  -2.145  1.00 22.37 ? 99  GLU A N     1 
ATOM   768  C CA    . GLU A 1 99  ? 7.726   -2.408  -1.174  1.00 21.66 ? 99  GLU A CA    1 
ATOM   769  C C     . GLU A 1 99  ? 9.224   -2.522  -0.970  1.00 22.62 ? 99  GLU A C     1 
ATOM   770  O O     . GLU A 1 99  ? 9.797   -3.607  -1.111  1.00 21.15 ? 99  GLU A O     1 
ATOM   771  C CB    . GLU A 1 99  ? 7.066   -2.590  0.185   1.00 22.08 ? 99  GLU A CB    1 
ATOM   772  C CG    . GLU A 1 99  ? 5.607   -2.416  0.223   1.00 25.65 ? 99  GLU A CG    1 
ATOM   773  C CD    . GLU A 1 99  ? 5.034   -3.162  1.398   1.00 35.33 ? 99  GLU A CD    1 
ATOM   774  O OE1   . GLU A 1 99  ? 5.581   -3.009  2.522   1.00 34.55 ? 99  GLU A OE1   1 
ATOM   775  O OE2   . GLU A 1 99  ? 4.077   -3.928  1.185   1.00 31.88 ? 99  GLU A OE2   1 
ATOM   776  N N     . ALA A 1 100 ? 9.840   -1.400  -0.598  1.00 22.13 ? 100 ALA A N     1 
ATOM   777  C CA    . ALA A 1 100 ? 11.260  -1.346  -0.265  1.00 20.04 ? 100 ALA A CA    1 
ATOM   778  C C     . ALA A 1 100 ? 11.438  -0.343  0.848   1.00 21.26 ? 100 ALA A C     1 
ATOM   779  O O     . ALA A 1 100 ? 10.889  0.751   0.787   1.00 19.39 ? 100 ALA A O     1 
ATOM   780  C CB    . ALA A 1 100 ? 12.100  -0.949  -1.474  1.00 19.79 ? 100 ALA A CB    1 
ATOM   781  N N     . THR A 1 101 ? 12.200  -0.707  1.874   1.00 22.66 ? 101 THR A N     1 
ATOM   782  C CA    . THR A 1 101 ? 12.412  0.201   2.998   1.00 20.37 ? 101 THR A CA    1 
ATOM   783  C C     . THR A 1 101 ? 13.892  0.592   3.084   1.00 22.50 ? 101 THR A C     1 
ATOM   784  O O     . THR A 1 101 ? 14.772  -0.239  2.875   1.00 21.75 ? 101 THR A O     1 
ATOM   785  C CB    . THR A 1 101 ? 11.929  -0.428  4.322   1.00 21.44 ? 101 THR A CB    1 
ATOM   786  O OG1   . THR A 1 101 ? 10.508  -0.634  4.252   1.00 18.07 ? 101 THR A OG1   1 
ATOM   787  C CG2   . THR A 1 101 ? 12.230  0.482   5.508   1.00 19.27 ? 101 THR A CG2   1 
ATOM   788  N N     . GLY A 1 102 ? 14.155  1.870   3.333   1.00 20.31 ? 102 GLY A N     1 
ATOM   789  C CA    . GLY A 1 102 ? 15.506  2.355   3.502   1.00 17.57 ? 102 GLY A CA    1 
ATOM   790  C C     . GLY A 1 102 ? 15.538  3.321   4.663   1.00 20.41 ? 102 GLY A C     1 
ATOM   791  O O     . GLY A 1 102 ? 14.507  3.601   5.283   1.00 16.36 ? 102 GLY A O     1 
ATOM   792  N N     . GLN A 1 103 ? 16.718  3.849   4.959   1.00 14.28 ? 103 GLN A N     1 
ATOM   793  C CA    . GLN A 1 103 ? 16.845  4.765   6.078   1.00 17.60 ? 103 GLN A CA    1 
ATOM   794  C C     . GLN A 1 103 ? 18.039  5.689   5.891   1.00 16.92 ? 103 GLN A C     1 
ATOM   795  O O     . GLN A 1 103 ? 18.901  5.435   5.057   1.00 18.13 ? 103 GLN A O     1 
ATOM   796  C CB    . GLN A 1 103 ? 16.988  3.993   7.398   1.00 19.36 ? 103 GLN A CB    1 
ATOM   797  C CG    . GLN A 1 103 ? 18.260  3.160   7.459   1.00 20.40 ? 103 GLN A CG    1 
ATOM   798  C CD    . GLN A 1 103 ? 18.392  2.362   8.757   1.00 27.98 ? 103 GLN A CD    1 
ATOM   799  O OE1   . GLN A 1 103 ? 18.221  2.901   9.860   1.00 27.09 ? 103 GLN A OE1   1 
ATOM   800  N NE2   . GLN A 1 103 ? 18.703  1.074   8.627   1.00 22.19 ? 103 GLN A NE2   1 
ATOM   801  N N     . PHE A 1 104 ? 18.059  6.774   6.657   1.00 17.88 ? 104 PHE A N     1 
ATOM   802  C CA    . PHE A 1 104 ? 19.263  7.574   6.845   1.00 18.02 ? 104 PHE A CA    1 
ATOM   803  C C     . PHE A 1 104 ? 19.242  8.092   8.272   1.00 21.24 ? 104 PHE A C     1 
ATOM   804  O O     . PHE A 1 104 ? 18.200  8.046   8.948   1.00 18.09 ? 104 PHE A O     1 
ATOM   805  C CB    . PHE A 1 104 ? 19.369  8.726   5.838   1.00 13.86 ? 104 PHE A CB    1 
ATOM   806  C CG    . PHE A 1 104 ? 18.201  9.690   5.862   1.00 16.89 ? 104 PHE A CG    1 
ATOM   807  C CD1   . PHE A 1 104 ? 17.161  9.564   4.942   1.00 18.94 ? 104 PHE A CD1   1 
ATOM   808  C CD2   . PHE A 1 104 ? 18.172  10.749  6.758   1.00 16.05 ? 104 PHE A CD2   1 
ATOM   809  C CE1   . PHE A 1 104 ? 16.109  10.463  4.933   1.00 17.68 ? 104 PHE A CE1   1 
ATOM   810  C CE2   . PHE A 1 104 ? 17.122  11.650  6.753   1.00 17.08 ? 104 PHE A CE2   1 
ATOM   811  C CZ    . PHE A 1 104 ? 16.084  11.504  5.845   1.00 14.69 ? 104 PHE A CZ    1 
ATOM   812  N N     . HIS A 1 105 ? 20.392  8.577   8.723   1.00 19.37 ? 105 HIS A N     1 
ATOM   813  C CA    . HIS A 1 105 ? 20.571  8.970   10.116  1.00 20.53 ? 105 HIS A CA    1 
ATOM   814  C C     . HIS A 1 105 ? 21.036  10.413  10.202  1.00 21.48 ? 105 HIS A C     1 
ATOM   815  O O     . HIS A 1 105 ? 22.125  10.756  9.739   1.00 18.74 ? 105 HIS A O     1 
ATOM   816  C CB    . HIS A 1 105 ? 21.577  8.049   10.819  1.00 23.46 ? 105 HIS A CB    1 
ATOM   817  C CG    . HIS A 1 105 ? 21.229  6.602   10.718  1.00 24.77 ? 105 HIS A CG    1 
ATOM   818  N ND1   . HIS A 1 105 ? 22.097  5.661   10.195  1.00 30.93 ? 105 HIS A ND1   1 
ATOM   819  C CD2   . HIS A 1 105 ? 20.100  5.929   11.044  1.00 26.90 ? 105 HIS A CD2   1 
ATOM   820  C CE1   . HIS A 1 105 ? 21.521  4.475   10.215  1.00 23.42 ? 105 HIS A CE1   1 
ATOM   821  N NE2   . HIS A 1 105 ? 20.305  4.609   10.724  1.00 28.52 ? 105 HIS A NE2   1 
ATOM   822  N N     . VAL A 1 106 ? 20.189  11.251  10.788  1.00 18.50 ? 106 VAL A N     1 
ATOM   823  C CA    . VAL A 1 106 ? 20.504  12.661  10.956  1.00 19.39 ? 106 VAL A CA    1 
ATOM   824  C C     . VAL A 1 106 ? 21.431  12.815  12.159  1.00 19.73 ? 106 VAL A C     1 
ATOM   825  O O     . VAL A 1 106 ? 21.267  12.109  13.148  1.00 17.76 ? 106 VAL A O     1 
ATOM   826  C CB    . VAL A 1 106 ? 19.223  13.483  11.143  1.00 17.50 ? 106 VAL A CB    1 
ATOM   827  C CG1   . VAL A 1 106 ? 19.541  14.978  11.292  1.00 16.12 ? 106 VAL A CG1   1 
ATOM   828  C CG2   . VAL A 1 106 ? 18.274  13.233  9.961   1.00 15.47 ? 106 VAL A CG2   1 
ATOM   829  N N     . TYR A 1 107 ? 22.410  13.712  12.061  1.00 18.70 ? 107 TYR A N     1 
ATOM   830  C CA    . TYR A 1 107 ? 23.245  14.049  13.205  1.00 21.84 ? 107 TYR A CA    1 
ATOM   831  C C     . TYR A 1 107 ? 23.415  15.571  13.313  1.00 19.72 ? 107 TYR A C     1 
ATOM   832  O O     . TYR A 1 107 ? 23.162  16.276  12.331  1.00 20.98 ? 107 TYR A O     1 
ATOM   833  C CB    . TYR A 1 107 ? 24.605  13.363  13.095  1.00 23.06 ? 107 TYR A CB    1 
ATOM   834  C CG    . TYR A 1 107 ? 25.432  13.813  11.918  1.00 24.34 ? 107 TYR A CG    1 
ATOM   835  C CD1   . TYR A 1 107 ? 26.229  14.949  12.003  1.00 28.99 ? 107 TYR A CD1   1 
ATOM   836  C CD2   . TYR A 1 107 ? 25.437  13.094  10.730  1.00 24.51 ? 107 TYR A CD2   1 
ATOM   837  C CE1   . TYR A 1 107 ? 26.991  15.370  10.943  1.00 25.54 ? 107 TYR A CE1   1 
ATOM   838  C CE2   . TYR A 1 107 ? 26.198  13.503  9.659   1.00 27.47 ? 107 TYR A CE2   1 
ATOM   839  C CZ    . TYR A 1 107 ? 26.979  14.647  9.775   1.00 29.80 ? 107 TYR A CZ    1 
ATOM   840  O OH    . TYR A 1 107 ? 27.741  15.083  8.719   1.00 32.01 ? 107 TYR A OH    1 
ATOM   841  N N     . GLN B 1 1   ? -16.116 7.773   5.436   1.00 40.18 ? 1   GLN B N     1 
ATOM   842  C CA    . GLN B 1 1   ? -14.830 7.097   5.613   1.00 40.80 ? 1   GLN B CA    1 
ATOM   843  C C     . GLN B 1 1   ? -14.855 5.630   5.167   1.00 34.30 ? 1   GLN B C     1 
ATOM   844  O O     . GLN B 1 1   ? -15.782 4.889   5.496   1.00 33.80 ? 1   GLN B O     1 
ATOM   845  C CB    . GLN B 1 1   ? -14.389 7.177   7.073   1.00 40.60 ? 1   GLN B CB    1 
ATOM   846  C CG    . GLN B 1 1   ? -13.360 6.134   7.454   1.00 48.52 ? 1   GLN B CG    1 
ATOM   847  C CD    . GLN B 1 1   ? -12.271 6.687   8.358   1.00 58.51 ? 1   GLN B CD    1 
ATOM   848  O OE1   . GLN B 1 1   ? -12.440 6.784   9.576   1.00 65.88 ? 1   GLN B OE1   1 
ATOM   849  N NE2   . GLN B 1 1   ? -11.143 7.056   7.761   1.00 58.87 ? 1   GLN B NE2   1 
ATOM   850  N N     . LEU B 1 2   ? -13.834 5.228   4.412   1.00 31.39 ? 2   LEU B N     1 
ATOM   851  C CA    . LEU B 1 2   ? -13.693 3.848   3.946   1.00 28.68 ? 2   LEU B CA    1 
ATOM   852  C C     . LEU B 1 2   ? -13.764 2.847   5.099   1.00 28.55 ? 2   LEU B C     1 
ATOM   853  O O     . LEU B 1 2   ? -13.062 2.980   6.094   1.00 23.70 ? 2   LEU B O     1 
ATOM   854  C CB    . LEU B 1 2   ? -12.371 3.673   3.200   1.00 28.25 ? 2   LEU B CB    1 
ATOM   855  C CG    . LEU B 1 2   ? -12.080 2.274   2.661   1.00 25.96 ? 2   LEU B CG    1 
ATOM   856  C CD1   . LEU B 1 2   ? -12.935 1.985   1.443   1.00 23.38 ? 2   LEU B CD1   1 
ATOM   857  C CD2   . LEU B 1 2   ? -10.611 2.130   2.325   1.00 24.94 ? 2   LEU B CD2   1 
ATOM   858  N N     . THR B 1 3   ? -14.602 1.830   4.952   1.00 24.90 ? 3   THR B N     1 
ATOM   859  C CA    . THR B 1 3   ? -14.777 0.867   6.022   1.00 29.14 ? 3   THR B CA    1 
ATOM   860  C C     . THR B 1 3   ? -15.072 -0.523  5.455   1.00 25.67 ? 3   THR B C     1 
ATOM   861  O O     . THR B 1 3   ? -15.560 -0.654  4.327   1.00 20.82 ? 3   THR B O     1 
ATOM   862  C CB    . THR B 1 3   ? -15.918 1.327   6.976   1.00 30.84 ? 3   THR B CB    1 
ATOM   863  O OG1   . THR B 1 3   ? -16.022 0.438   8.092   1.00 37.47 ? 3   THR B OG1   1 
ATOM   864  C CG2   . THR B 1 3   ? -17.229 1.347   6.250   1.00 26.79 ? 3   THR B CG2   1 
ATOM   865  N N     . THR B 1 4   ? -14.758 -1.561  6.224   1.00 24.81 ? 4   THR B N     1 
ATOM   866  C CA    . THR B 1 4   ? -15.086 -2.924  5.818   1.00 25.96 ? 4   THR B CA    1 
ATOM   867  C C     . THR B 1 4   ? -15.634 -3.689  7.003   1.00 26.33 ? 4   THR B C     1 
ATOM   868  O O     . THR B 1 4   ? -15.244 -3.437  8.144   1.00 30.32 ? 4   THR B O     1 
ATOM   869  C CB    . THR B 1 4   ? -13.864 -3.684  5.219   1.00 22.99 ? 4   THR B CB    1 
ATOM   870  O OG1   . THR B 1 4   ? -14.291 -4.957  4.717   1.00 23.50 ? 4   THR B OG1   1 
ATOM   871  C CG2   . THR B 1 4   ? -12.761 -3.900  6.258   1.00 21.68 ? 4   THR B CG2   1 
ATOM   872  N N     . GLU B 1 5   ? -16.557 -4.606  6.728   1.00 26.09 ? 5   GLU B N     1 
ATOM   873  C CA    . GLU B 1 5   ? -17.169 -5.426  7.765   1.00 25.02 ? 5   GLU B CA    1 
ATOM   874  C C     . GLU B 1 5   ? -17.503 -6.813  7.220   1.00 22.55 ? 5   GLU B C     1 
ATOM   875  O O     . GLU B 1 5   ? -17.718 -6.980  6.012   1.00 22.78 ? 5   GLU B O     1 
ATOM   876  C CB    . GLU B 1 5   ? -18.429 -4.743  8.323   1.00 27.38 ? 5   GLU B CB    1 
ATOM   877  C CG    . GLU B 1 5   ? -19.543 -4.526  7.303   1.00 31.21 ? 5   GLU B CG    1 
ATOM   878  C CD    . GLU B 1 5   ? -20.782 -3.880  7.921   1.00 37.02 ? 5   GLU B CD    1 
ATOM   879  O OE1   . GLU B 1 5   ? -21.836 -3.835  7.253   1.00 39.57 ? 5   GLU B OE1   1 
ATOM   880  O OE2   . GLU B 1 5   ? -20.699 -3.408  9.073   1.00 46.21 ? 5   GLU B OE2   1 
ATOM   881  N N     . SER B 1 6   ? -17.547 -7.797  8.114   1.00 16.85 ? 6   SER B N     1 
ATOM   882  C CA    . SER B 1 6   ? -17.707 -9.194  7.722   1.00 19.87 ? 6   SER B CA    1 
ATOM   883  C C     . SER B 1 6   ? -19.131 -9.714  7.896   1.00 20.13 ? 6   SER B C     1 
ATOM   884  O O     . SER B 1 6   ? -19.765 -9.505  8.931   1.00 22.06 ? 6   SER B O     1 
ATOM   885  C CB    . SER B 1 6   ? -16.749 -10.069 8.526   1.00 17.87 ? 6   SER B CB    1 
ATOM   886  O OG    . SER B 1 6   ? -15.451 -9.495  8.489   1.00 20.58 ? 6   SER B OG    1 
ATOM   887  N N     . MET B 1 7   ? -19.627 -10.403 6.876   1.00 20.06 ? 7   MET B N     1 
ATOM   888  C CA    . MET B 1 7   ? -20.944 -11.022 6.954   1.00 22.57 ? 7   MET B CA    1 
ATOM   889  C C     . MET B 1 7   ? -20.807 -12.496 6.638   1.00 22.17 ? 7   MET B C     1 
ATOM   890  O O     . MET B 1 7   ? -20.533 -12.847 5.492   1.00 18.92 ? 7   MET B O     1 
ATOM   891  C CB    . MET B 1 7   ? -21.922 -10.350 5.985   1.00 22.83 ? 7   MET B CB    1 
ATOM   892  C CG    . MET B 1 7   ? -23.273 -11.038 5.878   1.00 25.38 ? 7   MET B CG    1 
ATOM   893  S SD    . MET B 1 7   ? -24.306 -10.273 4.608   1.00 41.78 ? 7   MET B SD    1 
ATOM   894  C CE    . MET B 1 7   ? -24.545 -8.650  5.340   1.00 42.28 ? 7   MET B CE    1 
ATOM   895  N N     . PRO B 1 8   ? -20.963 -13.369 7.656   1.00 21.50 ? 8   PRO B N     1 
ATOM   896  C CA    . PRO B 1 8   ? -21.204 -13.037 9.067   1.00 21.61 ? 8   PRO B CA    1 
ATOM   897  C C     . PRO B 1 8   ? -19.912 -12.738 9.821   1.00 23.42 ? 8   PRO B C     1 
ATOM   898  O O     . PRO B 1 8   ? -18.824 -12.962 9.280   1.00 19.30 ? 8   PRO B O     1 
ATOM   899  C CB    . PRO B 1 8   ? -21.877 -14.304 9.611   1.00 24.19 ? 8   PRO B CB    1 
ATOM   900  C CG    . PRO B 1 8   ? -21.297 -15.399 8.791   1.00 21.25 ? 8   PRO B CG    1 
ATOM   901  C CD    . PRO B 1 8   ? -20.999 -14.822 7.424   1.00 20.08 ? 8   PRO B CD    1 
ATOM   902  N N     . PHE B 1 9   ? -20.038 -12.238 11.047  1.00 20.14 ? 9   PHE B N     1 
ATOM   903  C CA    . PHE B 1 9   ? -18.888 -11.874 11.862  1.00 22.15 ? 9   PHE B CA    1 
ATOM   904  C C     . PHE B 1 9   ? -18.239 -13.129 12.424  1.00 23.58 ? 9   PHE B C     1 
ATOM   905  O O     . PHE B 1 9   ? -17.022 -13.236 12.486  1.00 22.70 ? 9   PHE B O     1 
ATOM   906  C CB    . PHE B 1 9   ? -19.311 -10.939 12.995  1.00 19.49 ? 9   PHE B CB    1 
ATOM   907  C CG    . PHE B 1 9   ? -18.162 -10.260 13.699  1.00 23.74 ? 9   PHE B CG    1 
ATOM   908  C CD1   . PHE B 1 9   ? -17.105 -9.698  12.976  1.00 16.82 ? 9   PHE B CD1   1 
ATOM   909  C CD2   . PHE B 1 9   ? -18.157 -10.147 15.087  1.00 21.29 ? 9   PHE B CD2   1 
ATOM   910  C CE1   . PHE B 1 9   ? -16.055 -9.049  13.625  1.00 20.86 ? 9   PHE B CE1   1 
ATOM   911  C CE2   . PHE B 1 9   ? -17.106 -9.502  15.748  1.00 26.78 ? 9   PHE B CE2   1 
ATOM   912  C CZ    . PHE B 1 9   ? -16.050 -8.949  15.011  1.00 21.52 ? 9   PHE B CZ    1 
ATOM   913  N N     . ASN B 1 10  ? -19.069 -14.071 12.857  1.00 22.53 ? 10  ASN B N     1 
ATOM   914  C CA    . ASN B 1 10  ? -18.565 -15.364 13.307  1.00 23.58 ? 10  ASN B CA    1 
ATOM   915  C C     . ASN B 1 10  ? -18.954 -16.398 12.279  1.00 21.08 ? 10  ASN B C     1 
ATOM   916  O O     . ASN B 1 10  ? -20.113 -16.494 11.904  1.00 19.72 ? 10  ASN B O     1 
ATOM   917  C CB    . ASN B 1 10  ? -19.098 -15.727 14.691  1.00 28.45 ? 10  ASN B CB    1 
ATOM   918  C CG    . ASN B 1 10  ? -18.514 -14.850 15.785  1.00 25.80 ? 10  ASN B CG    1 
ATOM   919  O OD1   . ASN B 1 10  ? -17.342 -14.978 16.146  1.00 30.51 ? 10  ASN B OD1   1 
ATOM   920  N ND2   . ASN B 1 10  ? -19.334 -13.970 16.330  1.00 28.29 ? 10  ASN B ND2   1 
ATOM   921  N N     . VAL B 1 11  ? -17.962 -17.141 11.802  1.00 20.30 ? 11  VAL B N     1 
ATOM   922  C CA    . VAL B 1 11  ? -18.118 -18.007 10.639  1.00 19.07 ? 11  VAL B CA    1 
ATOM   923  C C     . VAL B 1 11  ? -17.756 -19.436 10.992  1.00 20.95 ? 11  VAL B C     1 
ATOM   924  O O     . VAL B 1 11  ? -16.672 -19.689 11.524  1.00 17.61 ? 11  VAL B O     1 
ATOM   925  C CB    . VAL B 1 11  ? -17.211 -17.555 9.450   1.00 21.79 ? 11  VAL B CB    1 
ATOM   926  C CG1   . VAL B 1 11  ? -17.573 -18.318 8.181   1.00 25.33 ? 11  VAL B CG1   1 
ATOM   927  C CG2   . VAL B 1 11  ? -17.309 -16.058 9.228   1.00 22.89 ? 11  VAL B CG2   1 
ATOM   928  N N     . ALA B 1 12  ? -18.649 -20.375 10.690  1.00 17.81 ? 12  ALA B N     1 
ATOM   929  C CA    . ALA B 1 12  ? -18.356 -21.783 10.928  1.00 21.79 ? 12  ALA B CA    1 
ATOM   930  C C     . ALA B 1 12  ? -17.351 -22.278 9.896   1.00 19.00 ? 12  ALA B C     1 
ATOM   931  O O     . ALA B 1 12  ? -17.466 -21.974 8.709   1.00 19.92 ? 12  ALA B O     1 
ATOM   932  C CB    . ALA B 1 12  ? -19.656 -22.632 10.880  1.00 20.90 ? 12  ALA B CB    1 
ATOM   933  N N     . GLU B 1 13  ? -16.359 -23.028 10.360  1.00 21.39 ? 13  GLU B N     1 
ATOM   934  C CA    . GLU B 1 13  ? -15.378 -23.655 9.484   1.00 22.80 ? 13  GLU B CA    1 
ATOM   935  C C     . GLU B 1 13  ? -16.043 -24.369 8.310   1.00 23.44 ? 13  GLU B C     1 
ATOM   936  O O     . GLU B 1 13  ? -16.959 -25.156 8.505   1.00 22.45 ? 13  GLU B O     1 
ATOM   937  C CB    . GLU B 1 13  ? -14.518 -24.640 10.292  1.00 25.03 ? 13  GLU B CB    1 
ATOM   938  C CG    . GLU B 1 13  ? -13.242 -25.098 9.606   1.00 25.72 ? 13  GLU B CG    1 
ATOM   939  C CD    . GLU B 1 13  ? -12.275 -25.823 10.559  1.00 28.70 ? 13  GLU B CD    1 
ATOM   940  O OE1   . GLU B 1 13  ? -11.322 -26.449 10.064  1.00 34.97 ? 13  GLU B OE1   1 
ATOM   941  O OE2   . GLU B 1 13  ? -12.447 -25.766 11.794  1.00 30.11 ? 13  GLU B OE2   1 
ATOM   942  N N     . GLY B 1 14  ? -15.602 -24.067 7.092   1.00 23.17 ? 14  GLY B N     1 
ATOM   943  C CA    . GLY B 1 14  ? -16.137 -24.715 5.907   1.00 19.06 ? 14  GLY B CA    1 
ATOM   944  C C     . GLY B 1 14  ? -17.270 -23.956 5.247   1.00 22.70 ? 14  GLY B C     1 
ATOM   945  O O     . GLY B 1 14  ? -17.711 -24.307 4.157   1.00 26.84 ? 14  GLY B O     1 
ATOM   946  N N     . LYS B 1 15  ? -17.754 -22.909 5.896   1.00 21.36 ? 15  LYS B N     1 
ATOM   947  C CA    . LYS B 1 15  ? -18.814 -22.114 5.298   1.00 25.17 ? 15  LYS B CA    1 
ATOM   948  C C     . LYS B 1 15  ? -18.245 -20.904 4.526   1.00 24.59 ? 15  LYS B C     1 
ATOM   949  O O     . LYS B 1 15  ? -17.125 -20.956 4.005   1.00 24.25 ? 15  LYS B O     1 
ATOM   950  C CB    . LYS B 1 15  ? -19.803 -21.665 6.370   1.00 24.28 ? 15  LYS B CB    1 
ATOM   951  C CG    . LYS B 1 15  ? -20.527 -22.819 7.088   1.00 27.36 ? 15  LYS B CG    1 
ATOM   952  C CD    . LYS B 1 15  ? -21.522 -23.491 6.159   1.00 28.37 ? 15  LYS B CD    1 
ATOM   953  C CE    . LYS B 1 15  ? -22.173 -24.722 6.801   1.00 40.98 ? 15  LYS B CE    1 
ATOM   954  N NZ    . LYS B 1 15  ? -22.933 -24.392 8.060   1.00 43.22 ? 15  LYS B NZ    1 
ATOM   955  N N     . GLU B 1 16  ? -19.025 -19.828 4.453   1.00 19.78 ? 16  GLU B N     1 
ATOM   956  C CA    . GLU B 1 16  ? -18.699 -18.680 3.607   1.00 25.02 ? 16  GLU B CA    1 
ATOM   957  C C     . GLU B 1 16  ? -18.691 -17.388 4.401   1.00 23.29 ? 16  GLU B C     1 
ATOM   958  O O     . GLU B 1 16  ? -19.417 -17.262 5.398   1.00 20.56 ? 16  GLU B O     1 
ATOM   959  C CB    . GLU B 1 16  ? -19.704 -18.536 2.452   1.00 25.72 ? 16  GLU B CB    1 
ATOM   960  C CG    . GLU B 1 16  ? -19.669 -19.634 1.419   1.00 32.28 ? 16  GLU B CG    1 
ATOM   961  C CD    . GLU B 1 16  ? -20.315 -20.900 1.925   1.00 39.28 ? 16  GLU B CD    1 
ATOM   962  O OE1   . GLU B 1 16  ? -19.740 -21.985 1.682   1.00 45.24 ? 16  GLU B OE1   1 
ATOM   963  O OE2   . GLU B 1 16  ? -21.379 -20.788 2.581   1.00 30.99 ? 16  GLU B OE2   1 
ATOM   964  N N     . VAL B 1 17  ? -17.904 -16.418 3.943   1.00 17.31 ? 17  VAL B N     1 
ATOM   965  C CA    . VAL B 1 17  ? -17.979 -15.081 4.514   1.00 17.51 ? 17  VAL B CA    1 
ATOM   966  C C     . VAL B 1 17  ? -17.795 -14.046 3.407   1.00 19.33 ? 17  VAL B C     1 
ATOM   967  O O     . VAL B 1 17  ? -17.076 -14.273 2.435   1.00 19.54 ? 17  VAL B O     1 
ATOM   968  C CB    . VAL B 1 17  ? -16.928 -14.883 5.649   1.00 19.45 ? 17  VAL B CB    1 
ATOM   969  C CG1   . VAL B 1 17  ? -15.499 -15.141 5.137   1.00 18.20 ? 17  VAL B CG1   1 
ATOM   970  C CG2   . VAL B 1 17  ? -17.035 -13.490 6.273   1.00 17.94 ? 17  VAL B CG2   1 
ATOM   971  N N     . LEU B 1 18  ? -18.474 -12.919 3.550   1.00 16.98 ? 18  LEU B N     1 
ATOM   972  C CA    . LEU B 1 18  ? -18.337 -11.813 2.615   1.00 21.13 ? 18  LEU B CA    1 
ATOM   973  C C     . LEU B 1 18  ? -17.806 -10.578 3.345   1.00 18.30 ? 18  LEU B C     1 
ATOM   974  O O     . LEU B 1 18  ? -18.428 -10.102 4.295   1.00 18.24 ? 18  LEU B O     1 
ATOM   975  C CB    . LEU B 1 18  ? -19.689 -11.510 1.956   1.00 19.66 ? 18  LEU B CB    1 
ATOM   976  C CG    . LEU B 1 18  ? -19.773 -10.386 0.927   1.00 22.99 ? 18  LEU B CG    1 
ATOM   977  C CD1   . LEU B 1 18  ? -18.842 -10.694 -0.234  1.00 20.71 ? 18  LEU B CD1   1 
ATOM   978  C CD2   . LEU B 1 18  ? -21.223 -10.221 0.449   1.00 23.93 ? 18  LEU B CD2   1 
ATOM   979  N N     . LEU B 1 19  ? -16.658 -10.065 2.917   1.00 18.74 ? 19  LEU B N     1 
ATOM   980  C CA    . LEU B 1 19  ? -16.184 -8.794  3.449   1.00 19.03 ? 19  LEU B CA    1 
ATOM   981  C C     . LEU B 1 19  ? -16.804 -7.656  2.651   1.00 17.63 ? 19  LEU B C     1 
ATOM   982  O O     . LEU B 1 19  ? -16.426 -7.401  1.507   1.00 18.71 ? 19  LEU B O     1 
ATOM   983  C CB    . LEU B 1 19  ? -14.653 -8.697  3.407   1.00 18.63 ? 19  LEU B CB    1 
ATOM   984  C CG    . LEU B 1 19  ? -13.896 -9.849  4.069   1.00 21.79 ? 19  LEU B CG    1 
ATOM   985  C CD1   . LEU B 1 19  ? -12.402 -9.586  4.089   1.00 19.34 ? 19  LEU B CD1   1 
ATOM   986  C CD2   . LEU B 1 19  ? -14.410 -10.067 5.455   1.00 23.59 ? 19  LEU B CD2   1 
ATOM   987  N N     . LEU B 1 20  ? -17.761 -6.977  3.263   1.00 17.97 ? 20  LEU B N     1 
ATOM   988  C CA    . LEU B 1 20  ? -18.427 -5.848  2.637   1.00 22.80 ? 20  LEU B CA    1 
ATOM   989  C C     . LEU B 1 20  ? -17.531 -4.635  2.716   1.00 22.52 ? 20  LEU B C     1 
ATOM   990  O O     . LEU B 1 20  ? -16.782 -4.490  3.669   1.00 19.48 ? 20  LEU B O     1 
ATOM   991  C CB    . LEU B 1 20  ? -19.759 -5.566  3.325   1.00 24.48 ? 20  LEU B CB    1 
ATOM   992  C CG    . LEU B 1 20  ? -20.675 -6.784  3.321   1.00 26.48 ? 20  LEU B CG    1 
ATOM   993  C CD1   . LEU B 1 20  ? -21.790 -6.602  4.338   1.00 26.62 ? 20  LEU B CD1   1 
ATOM   994  C CD2   . LEU B 1 20  ? -21.208 -6.969  1.924   1.00 29.13 ? 20  LEU B CD2   1 
ATOM   995  N N     . VAL B 1 21  ? -17.601 -3.764  1.718   1.00 24.39 ? 21  VAL B N     1 
ATOM   996  C CA    . VAL B 1 21  ? -16.826 -2.533  1.759   1.00 23.57 ? 21  VAL B CA    1 
ATOM   997  C C     . VAL B 1 21  ? -17.756 -1.352  1.571   1.00 25.09 ? 21  VAL B C     1 
ATOM   998  O O     . VAL B 1 21  ? -18.630 -1.381  0.704   1.00 26.10 ? 21  VAL B O     1 
ATOM   999  C CB    . VAL B 1 21  ? -15.720 -2.512  0.687   1.00 21.21 ? 21  VAL B CB    1 
ATOM   1000 C CG1   . VAL B 1 21  ? -14.965 -1.189  0.732   1.00 19.26 ? 21  VAL B CG1   1 
ATOM   1001 C CG2   . VAL B 1 21  ? -14.764 -3.682  0.898   1.00 21.67 ? 21  VAL B CG2   1 
ATOM   1002 N N     . HIS B 1 22  ? -17.582 -0.324  2.394   1.00 23.52 ? 22  HIS B N     1 
ATOM   1003 C CA    . HIS B 1 22  ? -18.401 0.874   2.280   1.00 27.25 ? 22  HIS B CA    1 
ATOM   1004 C C     . HIS B 1 22  ? -17.551 2.127   2.103   1.00 25.71 ? 22  HIS B C     1 
ATOM   1005 O O     . HIS B 1 22  ? -16.415 2.201   2.587   1.00 23.94 ? 22  HIS B O     1 
ATOM   1006 C CB    . HIS B 1 22  ? -19.292 1.051   3.507   1.00 24.13 ? 22  HIS B CB    1 
ATOM   1007 C CG    . HIS B 1 22  ? -20.007 -0.197  3.928   1.00 29.61 ? 22  HIS B CG    1 
ATOM   1008 N ND1   . HIS B 1 22  ? -20.989 -0.785  3.164   1.00 31.13 ? 22  HIS B ND1   1 
ATOM   1009 C CD2   . HIS B 1 22  ? -19.882 -0.959  5.038   1.00 27.25 ? 22  HIS B CD2   1 
ATOM   1010 C CE1   . HIS B 1 22  ? -21.445 -1.859  3.788   1.00 30.37 ? 22  HIS B CE1   1 
ATOM   1011 N NE2   . HIS B 1 22  ? -20.788 -1.988  4.924   1.00 29.17 ? 22  HIS B NE2   1 
ATOM   1012 N N     . ASN B 1 23  ? -18.131 3.100   1.408   1.00 26.13 ? 23  ASN B N     1 
ATOM   1013 C CA    . ASN B 1 23  ? -17.557 4.430   1.251   1.00 27.49 ? 23  ASN B CA    1 
ATOM   1014 C C     . ASN B 1 23  ? -16.240 4.436   0.485   1.00 29.14 ? 23  ASN B C     1 
ATOM   1015 O O     . ASN B 1 23  ? -15.240 4.949   0.975   1.00 27.16 ? 23  ASN B O     1 
ATOM   1016 C CB    . ASN B 1 23  ? -17.354 5.089   2.622   1.00 29.45 ? 23  ASN B CB    1 
ATOM   1017 C CG    . ASN B 1 23  ? -18.656 5.271   3.377   1.00 34.04 ? 23  ASN B CG    1 
ATOM   1018 O OD1   . ASN B 1 23  ? -19.708 5.466   2.772   1.00 35.44 ? 23  ASN B OD1   1 
ATOM   1019 N ND2   . ASN B 1 23  ? -18.597 5.180   4.704   1.00 28.00 ? 23  ASN B ND2   1 
ATOM   1020 N N     . LEU B 1 24  ? -16.242 3.871   -0.717  1.00 26.95 ? 24  LEU B N     1 
ATOM   1021 C CA    . LEU B 1 24  ? -15.069 3.957   -1.571  1.00 24.96 ? 24  LEU B CA    1 
ATOM   1022 C C     . LEU B 1 24  ? -14.869 5.397   -2.023  1.00 31.43 ? 24  LEU B C     1 
ATOM   1023 O O     . LEU B 1 24  ? -15.839 6.077   -2.360  1.00 27.27 ? 24  LEU B O     1 
ATOM   1024 C CB    . LEU B 1 24  ? -15.203 3.045   -2.787  1.00 23.97 ? 24  LEU B CB    1 
ATOM   1025 C CG    . LEU B 1 24  ? -15.131 1.537   -2.556  1.00 23.02 ? 24  LEU B CG    1 
ATOM   1026 C CD1   . LEU B 1 24  ? -15.608 0.805   -3.788  1.00 22.15 ? 24  LEU B CD1   1 
ATOM   1027 C CD2   . LEU B 1 24  ? -13.702 1.125   -2.187  1.00 25.41 ? 24  LEU B CD2   1 
ATOM   1028 N N     . PRO B 1 25  ? -13.608 5.871   -2.024  1.00 28.15 ? 25  PRO B N     1 
ATOM   1029 C CA    . PRO B 1 25  ? -13.308 7.177   -2.625  1.00 28.30 ? 25  PRO B CA    1 
ATOM   1030 C C     . PRO B 1 25  ? -13.581 7.155   -4.128  1.00 31.30 ? 25  PRO B C     1 
ATOM   1031 O O     . PRO B 1 25  ? -13.644 6.085   -4.738  1.00 28.30 ? 25  PRO B O     1 
ATOM   1032 C CB    . PRO B 1 25  ? -11.807 7.375   -2.340  1.00 31.30 ? 25  PRO B CB    1 
ATOM   1033 C CG    . PRO B 1 25  ? -11.468 6.394   -1.259  1.00 31.25 ? 25  PRO B CG    1 
ATOM   1034 C CD    . PRO B 1 25  ? -12.418 5.235   -1.437  1.00 27.63 ? 25  PRO B CD    1 
ATOM   1035 N N     . GLN B 1 26  ? -13.755 8.329   -4.718  1.00 37.66 ? 26  GLN B N     1 
ATOM   1036 C CA    . GLN B 1 26  ? -13.907 8.417   -6.161  1.00 37.21 ? 26  GLN B CA    1 
ATOM   1037 C C     . GLN B 1 26  ? -12.538 8.349   -6.816  1.00 38.26 ? 26  GLN B C     1 
ATOM   1038 O O     . GLN B 1 26  ? -11.523 8.584   -6.165  1.00 37.23 ? 26  GLN B O     1 
ATOM   1039 C CB    . GLN B 1 26  ? -14.628 9.713   -6.557  1.00 46.19 ? 26  GLN B CB    1 
ATOM   1040 C CG    . GLN B 1 26  ? -15.970 9.923   -5.874  1.00 46.66 ? 26  GLN B CG    1 
ATOM   1041 C CD    . GLN B 1 26  ? -16.996 8.886   -6.284  1.00 55.88 ? 26  GLN B CD    1 
ATOM   1042 O OE1   . GLN B 1 26  ? -17.744 8.374   -5.448  1.00 65.36 ? 26  GLN B OE1   1 
ATOM   1043 N NE2   . GLN B 1 26  ? -17.043 8.574   -7.579  1.00 55.91 ? 26  GLN B NE2   1 
ATOM   1044 N N     . GLN B 1 27  ? -12.529 8.022   -8.104  1.00 39.61 ? 27  GLN B N     1 
ATOM   1045 C CA    . GLN B 1 27  ? -11.322 8.049   -8.926  1.00 35.96 ? 27  GLN B CA    1 
ATOM   1046 C C     . GLN B 1 27  ? -10.208 7.159   -8.380  1.00 32.74 ? 27  GLN B C     1 
ATOM   1047 O O     . GLN B 1 27  ? -9.245  7.623   -7.754  1.00 28.92 ? 27  GLN B O     1 
ATOM   1048 C CB    . GLN B 1 27  ? -10.848 9.490   -9.101  1.00 37.96 ? 27  GLN B CB    1 
ATOM   1049 C CG    . GLN B 1 27  ? -11.855 10.320  -9.893  1.00 42.67 ? 27  GLN B CG    1 
ATOM   1050 C CD    . GLN B 1 27  ? -11.286 11.617  -10.420 1.00 58.58 ? 27  GLN B CD    1 
ATOM   1051 O OE1   . GLN B 1 27  ? -11.182 12.604  -9.689  1.00 57.45 ? 27  GLN B OE1   1 
ATOM   1052 N NE2   . GLN B 1 27  ? -10.923 11.629  -11.702 1.00 57.18 ? 27  GLN B NE2   1 
ATOM   1053 N N     . LEU B 1 28  ? -10.360 5.869   -8.658  1.00 29.22 ? 28  LEU B N     1 
ATOM   1054 C CA    . LEU B 1 28  ? -9.485  4.814   -8.164  1.00 29.88 ? 28  LEU B CA    1 
ATOM   1055 C C     . LEU B 1 28  ? -8.724  4.111   -9.286  1.00 28.95 ? 28  LEU B C     1 
ATOM   1056 O O     . LEU B 1 28  ? -9.227  3.998   -10.404 1.00 31.63 ? 28  LEU B O     1 
ATOM   1057 C CB    . LEU B 1 28  ? -10.319 3.795   -7.388  1.00 27.40 ? 28  LEU B CB    1 
ATOM   1058 C CG    . LEU B 1 28  ? -10.677 4.013   -5.917  1.00 31.56 ? 28  LEU B CG    1 
ATOM   1059 C CD1   . LEU B 1 28  ? -10.596 5.458   -5.462  1.00 33.05 ? 28  LEU B CD1   1 
ATOM   1060 C CD2   . LEU B 1 28  ? -12.016 3.360   -5.578  1.00 24.00 ? 28  LEU B CD2   1 
ATOM   1061 N N     . PHE B 1 29  ? -7.513  3.647   -8.984  1.00 24.15 ? 29  PHE B N     1 
ATOM   1062 C CA    . PHE B 1 29  ? -6.790  2.738   -9.872  1.00 26.51 ? 29  PHE B CA    1 
ATOM   1063 C C     . PHE B 1 29  ? -7.205  1.299   -9.587  1.00 23.74 ? 29  PHE B C     1 
ATOM   1064 O O     . PHE B 1 29  ? -7.433  0.510   -10.495 1.00 21.61 ? 29  PHE B O     1 
ATOM   1065 C CB    . PHE B 1 29  ? -5.264  2.857   -9.711  1.00 22.53 ? 29  PHE B CB    1 
ATOM   1066 C CG    . PHE B 1 29  ? -4.604  3.809   -10.679 1.00 31.89 ? 29  PHE B CG    1 
ATOM   1067 C CD1   . PHE B 1 29  ? -4.632  3.567   -12.050 1.00 28.44 ? 29  PHE B CD1   1 
ATOM   1068 C CD2   . PHE B 1 29  ? -3.912  4.926   -10.215 1.00 27.98 ? 29  PHE B CD2   1 
ATOM   1069 C CE1   . PHE B 1 29  ? -4.011  4.448   -12.941 1.00 31.93 ? 29  PHE B CE1   1 
ATOM   1070 C CE2   . PHE B 1 29  ? -3.290  5.805   -11.101 1.00 31.85 ? 29  PHE B CE2   1 
ATOM   1071 C CZ    . PHE B 1 29  ? -3.331  5.564   -12.462 1.00 30.93 ? 29  PHE B CZ    1 
ATOM   1072 N N     . GLY B 1 30  ? -7.265  0.948   -8.308  1.00 22.13 ? 30  GLY B N     1 
ATOM   1073 C CA    . GLY B 1 30  ? -7.532  -0.428  -7.955  1.00 21.87 ? 30  GLY B CA    1 
ATOM   1074 C C     . GLY B 1 30  ? -7.641  -0.714  -6.471  1.00 20.59 ? 30  GLY B C     1 
ATOM   1075 O O     . GLY B 1 30  ? -7.655  0.207   -5.651  1.00 18.84 ? 30  GLY B O     1 
ATOM   1076 N N     . TYR B 1 31  ? -7.730  -2.007  -6.153  1.00 19.90 ? 31  TYR B N     1 
ATOM   1077 C CA    . TYR B 1 31  ? -7.855  -2.494  -4.781  1.00 19.64 ? 31  TYR B CA    1 
ATOM   1078 C C     . TYR B 1 31  ? -6.783  -3.505  -4.509  1.00 18.91 ? 31  TYR B C     1 
ATOM   1079 O O     . TYR B 1 31  ? -6.436  -4.289  -5.394  1.00 18.60 ? 31  TYR B O     1 
ATOM   1080 C CB    . TYR B 1 31  ? -9.194  -3.178  -4.535  1.00 16.23 ? 31  TYR B CB    1 
ATOM   1081 C CG    . TYR B 1 31  ? -10.409 -2.485  -5.084  1.00 21.09 ? 31  TYR B CG    1 
ATOM   1082 C CD1   . TYR B 1 31  ? -11.331 -3.194  -5.862  1.00 20.52 ? 31  TYR B CD1   1 
ATOM   1083 C CD2   . TYR B 1 31  ? -10.685 -1.154  -4.778  1.00 17.33 ? 31  TYR B CD2   1 
ATOM   1084 C CE1   . TYR B 1 31  ? -12.469 -2.586  -6.350  1.00 21.32 ? 31  TYR B CE1   1 
ATOM   1085 C CE2   . TYR B 1 31  ? -11.825 -0.538  -5.262  1.00 20.48 ? 31  TYR B CE2   1 
ATOM   1086 C CZ    . TYR B 1 31  ? -12.711 -1.265  -6.052  1.00 21.74 ? 31  TYR B CZ    1 
ATOM   1087 O OH    . TYR B 1 31  ? -13.851 -0.685  -6.537  1.00 22.68 ? 31  TYR B OH    1 
ATOM   1088 N N     . SER B 1 32  ? -6.292  -3.530  -3.274  1.00 17.29 ? 32  SER B N     1 
ATOM   1089 C CA    . SER B 1 32  ? -5.415  -4.608  -2.840  1.00 14.98 ? 32  SER B CA    1 
ATOM   1090 C C     . SER B 1 32  ? -5.879  -5.120  -1.473  1.00 17.38 ? 32  SER B C     1 
ATOM   1091 O O     . SER B 1 32  ? -6.058  -4.330  -0.549  1.00 19.29 ? 32  SER B O     1 
ATOM   1092 C CB    . SER B 1 32  ? -3.962  -4.122  -2.774  1.00 19.57 ? 32  SER B CB    1 
ATOM   1093 O OG    . SER B 1 32  ? -3.630  -3.390  -3.945  1.00 19.08 ? 32  SER B OG    1 
ATOM   1094 N N     . TRP B 1 33  ? -6.102  -6.430  -1.344  1.00 17.20 ? 33  TRP B N     1 
ATOM   1095 C CA    . TRP B 1 33  ? -6.473  -7.005  -0.049  1.00 15.88 ? 33  TRP B CA    1 
ATOM   1096 C C     . TRP B 1 33  ? -5.295  -7.755  0.552   1.00 15.24 ? 33  TRP B C     1 
ATOM   1097 O O     . TRP B 1 33  ? -4.572  -8.457  -0.155  1.00 15.64 ? 33  TRP B O     1 
ATOM   1098 C CB    . TRP B 1 33  ? -7.651  -7.969  -0.163  1.00 16.15 ? 33  TRP B CB    1 
ATOM   1099 C CG    . TRP B 1 33  ? -9.011  -7.372  -0.183  1.00 17.48 ? 33  TRP B CG    1 
ATOM   1100 C CD1   . TRP B 1 33  ? -9.788  -7.147  -1.290  1.00 18.07 ? 33  TRP B CD1   1 
ATOM   1101 C CD2   . TRP B 1 33  ? -9.808  -6.994  0.949   1.00 15.84 ? 33  TRP B CD2   1 
ATOM   1102 N NE1   . TRP B 1 33  ? -11.002 -6.619  -0.914  1.00 18.37 ? 33  TRP B NE1   1 
ATOM   1103 C CE2   . TRP B 1 33  ? -11.047 -6.528  0.458   1.00 17.33 ? 33  TRP B CE2   1 
ATOM   1104 C CE3   . TRP B 1 33  ? -9.591  -6.992  2.335   1.00 16.78 ? 33  TRP B CE3   1 
ATOM   1105 C CZ2   . TRP B 1 33  ? -12.068 -6.061  1.293   1.00 16.45 ? 33  TRP B CZ2   1 
ATOM   1106 C CZ3   . TRP B 1 33  ? -10.608 -6.530  3.170   1.00 15.50 ? 33  TRP B CZ3   1 
ATOM   1107 C CH2   . TRP B 1 33  ? -11.831 -6.076  2.643   1.00 17.09 ? 33  TRP B CH2   1 
ATOM   1108 N N     . TYR B 1 34  ? -5.130  -7.615  1.865   1.00 17.69 ? 34  TYR B N     1 
ATOM   1109 C CA    . TYR B 1 34  ? -4.030  -8.236  2.588   1.00 14.46 ? 34  TYR B CA    1 
ATOM   1110 C C     . TYR B 1 34  ? -4.534  -9.012  3.802   1.00 14.61 ? 34  TYR B C     1 
ATOM   1111 O O     . TYR B 1 34  ? -5.453  -8.558  4.495   1.00 16.33 ? 34  TYR B O     1 
ATOM   1112 C CB    . TYR B 1 34  ? -3.032  -7.177  3.053   1.00 14.63 ? 34  TYR B CB    1 
ATOM   1113 C CG    . TYR B 1 34  ? -2.453  -6.327  1.948   1.00 16.20 ? 34  TYR B CG    1 
ATOM   1114 C CD1   . TYR B 1 34  ? -3.101  -5.164  1.524   1.00 18.04 ? 34  TYR B CD1   1 
ATOM   1115 C CD2   . TYR B 1 34  ? -1.247  -6.667  1.351   1.00 18.01 ? 34  TYR B CD2   1 
ATOM   1116 C CE1   . TYR B 1 34  ? -2.561  -4.361  0.513   1.00 17.07 ? 34  TYR B CE1   1 
ATOM   1117 C CE2   . TYR B 1 34  ? -0.701  -5.884  0.331   1.00 18.22 ? 34  TYR B CE2   1 
ATOM   1118 C CZ    . TYR B 1 34  ? -1.370  -4.735  -0.085  1.00 19.96 ? 34  TYR B CZ    1 
ATOM   1119 O OH    . TYR B 1 34  ? -0.847  -3.953  -1.093  1.00 25.64 ? 34  TYR B OH    1 
ATOM   1120 N N     . LYS B 1 35  ? -3.929  -10.167 4.072   1.00 14.07 ? 35  LYS B N     1 
ATOM   1121 C CA    . LYS B 1 35  ? -4.212  -10.863 5.319   1.00 16.86 ? 35  LYS B CA    1 
ATOM   1122 C C     . LYS B 1 35  ? -3.479  -10.139 6.448   1.00 16.95 ? 35  LYS B C     1 
ATOM   1123 O O     . LYS B 1 35  ? -2.297  -9.842  6.326   1.00 18.95 ? 35  LYS B O     1 
ATOM   1124 C CB    . LYS B 1 35  ? -3.792  -12.335 5.256   1.00 17.16 ? 35  LYS B CB    1 
ATOM   1125 C CG    . LYS B 1 35  ? -4.204  -13.138 6.489   1.00 17.78 ? 35  LYS B CG    1 
ATOM   1126 C CD    . LYS B 1 35  ? -5.747  -13.273 6.572   1.00 17.84 ? 35  LYS B CD    1 
ATOM   1127 C CE    . LYS B 1 35  ? -6.202  -14.058 7.797   1.00 15.60 ? 35  LYS B CE    1 
ATOM   1128 N NZ    . LYS B 1 35  ? -6.166  -13.186 9.028   1.00 17.02 ? 35  LYS B NZ    1 
ATOM   1129 N N     . GLY B 1 36  ? -4.199  -9.828  7.523   1.00 18.11 ? 36  GLY B N     1 
ATOM   1130 C CA    . GLY B 1 36  ? -3.621  -9.170  8.676   1.00 17.31 ? 36  GLY B CA    1 
ATOM   1131 C C     . GLY B 1 36  ? -4.060  -7.730  8.797   1.00 18.59 ? 36  GLY B C     1 
ATOM   1132 O O     . GLY B 1 36  ? -4.925  -7.251  8.051   1.00 17.41 ? 36  GLY B O     1 
ATOM   1133 N N     . GLU B 1 37  ? -3.454  -7.030  9.746   1.00 15.74 ? 37  GLU B N     1 
ATOM   1134 C CA    . GLU B 1 37  ? -3.871  -5.680  10.097  1.00 17.32 ? 37  GLU B CA    1 
ATOM   1135 C C     . GLU B 1 37  ? -3.106  -4.584  9.355   1.00 20.43 ? 37  GLU B C     1 
ATOM   1136 O O     . GLU B 1 37  ? -3.359  -3.399  9.581   1.00 25.42 ? 37  GLU B O     1 
ATOM   1137 C CB    . GLU B 1 37  ? -3.694  -5.450  11.595  1.00 20.13 ? 37  GLU B CB    1 
ATOM   1138 C CG    . GLU B 1 37  ? -4.524  -6.333  12.449  1.00 24.56 ? 37  GLU B CG    1 
ATOM   1139 C CD    . GLU B 1 37  ? -4.226  -6.115  13.917  1.00 27.19 ? 37  GLU B CD    1 
ATOM   1140 O OE1   . GLU B 1 37  ? -3.435  -6.895  14.477  1.00 31.93 ? 37  GLU B OE1   1 
ATOM   1141 O OE2   . GLU B 1 37  ? -4.761  -5.152  14.493  1.00 26.95 ? 37  GLU B OE2   1 
ATOM   1142 N N     . ARG B 1 38  ? -2.170  -4.961  8.496   1.00 18.95 ? 38  ARG B N     1 
ATOM   1143 C CA    . ARG B 1 38  ? -1.405  -3.946  7.783   1.00 25.47 ? 38  ARG B CA    1 
ATOM   1144 C C     . ARG B 1 38  ? -1.164  -4.293  6.317   1.00 23.28 ? 38  ARG B C     1 
ATOM   1145 O O     . ARG B 1 38  ? -1.191  -5.457  5.916   1.00 20.54 ? 38  ARG B O     1 
ATOM   1146 C CB    . ARG B 1 38  ? -0.059  -3.707  8.481   1.00 24.75 ? 38  ARG B CB    1 
ATOM   1147 C CG    . ARG B 1 38  ? 0.843   -4.931  8.565   1.00 30.91 ? 38  ARG B CG    1 
ATOM   1148 C CD    . ARG B 1 38  ? 2.266   -4.569  9.024   1.00 41.27 ? 38  ARG B CD    1 
ATOM   1149 N NE    . ARG B 1 38  ? 3.222   -4.610  7.912   1.00 43.32 ? 38  ARG B NE    1 
ATOM   1150 C CZ    . ARG B 1 38  ? 4.546   -4.644  8.049   1.00 50.67 ? 38  ARG B CZ    1 
ATOM   1151 N NH1   . ARG B 1 38  ? 5.092   -4.632  9.261   1.00 54.74 ? 38  ARG B NH1   1 
ATOM   1152 N NH2   . ARG B 1 38  ? 5.329   -4.677  6.970   1.00 44.21 ? 38  ARG B NH2   1 
ATOM   1153 N N     . VAL B 1 39  ? -0.921  -3.266  5.514   1.00 23.28 ? 39  VAL B N     1 
ATOM   1154 C CA    . VAL B 1 39  ? -0.454  -3.491  4.162   1.00 18.30 ? 39  VAL B CA    1 
ATOM   1155 C C     . VAL B 1 39  ? 0.931   -4.117  4.209   1.00 24.52 ? 39  VAL B C     1 
ATOM   1156 O O     . VAL B 1 39  ? 1.868   -3.557  4.785   1.00 26.86 ? 39  VAL B O     1 
ATOM   1157 C CB    . VAL B 1 39  ? -0.421  -2.199  3.347   1.00 21.03 ? 39  VAL B CB    1 
ATOM   1158 C CG1   . VAL B 1 39  ? 0.296   -2.423  2.017   1.00 19.40 ? 39  VAL B CG1   1 
ATOM   1159 C CG2   . VAL B 1 39  ? -1.836  -1.682  3.142   1.00 21.67 ? 39  VAL B CG2   1 
ATOM   1160 N N     . ASP B 1 40  ? 1.045   -5.292  3.606   1.00 20.25 ? 40  ASP B N     1 
ATOM   1161 C CA    . ASP B 1 40  ? 2.288   -6.033  3.582   1.00 22.13 ? 40  ASP B CA    1 
ATOM   1162 C C     . ASP B 1 40  ? 2.258   -6.954  2.370   1.00 27.34 ? 40  ASP B C     1 
ATOM   1163 O O     . ASP B 1 40  ? 1.531   -7.948  2.365   1.00 22.58 ? 40  ASP B O     1 
ATOM   1164 C CB    . ASP B 1 40  ? 2.472   -6.822  4.889   1.00 25.94 ? 40  ASP B CB    1 
ATOM   1165 C CG    . ASP B 1 40  ? 3.713   -7.711  4.878   1.00 29.75 ? 40  ASP B CG    1 
ATOM   1166 O OD1   . ASP B 1 40  ? 4.501   -7.638  3.917   1.00 24.52 ? 40  ASP B OD1   1 
ATOM   1167 O OD2   . ASP B 1 40  ? 3.897   -8.490  5.840   1.00 35.72 ? 40  ASP B OD2   1 
ATOM   1168 N N     . GLY B 1 41  ? 3.053   -6.614  1.353   1.00 26.48 ? 41  GLY B N     1 
ATOM   1169 C CA    . GLY B 1 41  ? 3.070   -7.330  0.087   1.00 22.04 ? 41  GLY B CA    1 
ATOM   1170 C C     . GLY B 1 41  ? 3.278   -8.826  0.191   1.00 23.57 ? 41  GLY B C     1 
ATOM   1171 O O     . GLY B 1 41  ? 2.733   -9.594  -0.603  1.00 24.37 ? 41  GLY B O     1 
ATOM   1172 N N     . ASN B 1 42  ? 4.065   -9.234  1.177   1.00 22.21 ? 42  ASN B N     1 
ATOM   1173 C CA    . ASN B 1 42  ? 4.269   -10.643 1.492   1.00 23.75 ? 42  ASN B CA    1 
ATOM   1174 C C     . ASN B 1 42  ? 2.983   -11.356 1.877   1.00 21.81 ? 42  ASN B C     1 
ATOM   1175 O O     . ASN B 1 42  ? 2.896   -12.578 1.796   1.00 18.18 ? 42  ASN B O     1 
ATOM   1176 C CB    . ASN B 1 42  ? 5.283   -10.778 2.633   1.00 25.37 ? 42  ASN B CB    1 
ATOM   1177 C CG    . ASN B 1 42  ? 6.611   -10.143 2.297   1.00 34.19 ? 42  ASN B CG    1 
ATOM   1178 O OD1   . ASN B 1 42  ? 7.162   -10.388 1.223   1.00 33.01 ? 42  ASN B OD1   1 
ATOM   1179 N ND2   . ASN B 1 42  ? 7.133   -9.319  3.207   1.00 31.68 ? 42  ASN B ND2   1 
ATOM   1180 N N     . ARG B 1 43  ? 1.989   -10.585 2.298   1.00 18.77 ? 43  ARG B N     1 
ATOM   1181 C CA    . ARG B 1 43  ? 0.718   -11.163 2.734   1.00 21.03 ? 43  ARG B CA    1 
ATOM   1182 C C     . ARG B 1 43  ? -0.446  -10.712 1.859   1.00 21.02 ? 43  ARG B C     1 
ATOM   1183 O O     . ARG B 1 43  ? -1.608  -10.744 2.294   1.00 16.50 ? 43  ARG B O     1 
ATOM   1184 C CB    . ARG B 1 43  ? 0.434   -10.791 4.191   1.00 19.60 ? 43  ARG B CB    1 
ATOM   1185 C CG    . ARG B 1 43  ? 1.613   -11.016 5.136   1.00 20.07 ? 43  ARG B CG    1 
ATOM   1186 C CD    . ARG B 1 43  ? 1.176   -10.847 6.587   1.00 22.99 ? 43  ARG B CD    1 
ATOM   1187 N NE    . ARG B 1 43  ? 0.238   -11.897 6.977   1.00 22.65 ? 43  ARG B NE    1 
ATOM   1188 C CZ    . ARG B 1 43  ? -0.417  -11.915 8.139   1.00 26.38 ? 43  ARG B CZ    1 
ATOM   1189 N NH1   . ARG B 1 43  ? -0.233  -10.935 9.015   1.00 20.53 ? 43  ARG B NH1   1 
ATOM   1190 N NH2   . ARG B 1 43  ? -1.257  -12.905 8.424   1.00 22.19 ? 43  ARG B NH2   1 
ATOM   1191 N N     . GLN B 1 44  ? -0.149  -10.293 0.630   1.00 17.36 ? 44  GLN B N     1 
ATOM   1192 C CA    . GLN B 1 44  ? -1.213  -9.851  -0.248  1.00 17.76 ? 44  GLN B CA    1 
ATOM   1193 C C     . GLN B 1 44  ? -2.054  -11.029 -0.735  1.00 17.86 ? 44  GLN B C     1 
ATOM   1194 O O     . GLN B 1 44  ? -1.535  -12.080 -1.129  1.00 20.24 ? 44  GLN B O     1 
ATOM   1195 C CB    . GLN B 1 44  ? -0.677  -9.065  -1.443  1.00 16.02 ? 44  GLN B CB    1 
ATOM   1196 C CG    . GLN B 1 44  ? -1.823  -8.452  -2.241  1.00 14.83 ? 44  GLN B CG    1 
ATOM   1197 C CD    . GLN B 1 44  ? -1.384  -7.318  -3.152  1.00 20.59 ? 44  GLN B CD    1 
ATOM   1198 O OE1   . GLN B 1 44  ? -0.207  -6.952  -3.184  1.00 20.27 ? 44  GLN B OE1   1 
ATOM   1199 N NE2   . GLN B 1 44  ? -2.335  -6.759  -3.902  1.00 18.02 ? 44  GLN B NE2   1 
ATOM   1200 N N     . ILE B 1 45  ? -3.367  -10.837 -0.695  1.00 15.83 ? 45  ILE B N     1 
ATOM   1201 C CA    . ILE B 1 45  ? -4.321  -11.850 -1.147  1.00 19.55 ? 45  ILE B CA    1 
ATOM   1202 C C     . ILE B 1 45  ? -4.613  -11.707 -2.643  1.00 16.60 ? 45  ILE B C     1 
ATOM   1203 O O     . ILE B 1 45  ? -4.535  -12.667 -3.402  1.00 19.37 ? 45  ILE B O     1 
ATOM   1204 C CB    . ILE B 1 45  ? -5.623  -11.744 -0.342  1.00 17.87 ? 45  ILE B CB    1 
ATOM   1205 C CG1   . ILE B 1 45  ? -5.330  -12.116 1.116   1.00 17.93 ? 45  ILE B CG1   1 
ATOM   1206 C CG2   . ILE B 1 45  ? -6.739  -12.611 -0.949  1.00 16.58 ? 45  ILE B CG2   1 
ATOM   1207 C CD1   . ILE B 1 45  ? -6.431  -11.728 2.077   1.00 16.52 ? 45  ILE B CD1   1 
ATOM   1208 N N     . VAL B 1 46  ? -4.932  -10.491 -3.059  1.00 15.71 ? 46  VAL B N     1 
ATOM   1209 C CA    . VAL B 1 46  ? -5.332  -10.251 -4.433  1.00 20.78 ? 46  VAL B CA    1 
ATOM   1210 C C     . VAL B 1 46  ? -5.105  -8.790  -4.739  1.00 18.08 ? 46  VAL B C     1 
ATOM   1211 O O     . VAL B 1 46  ? -5.073  -7.963  -3.828  1.00 17.05 ? 46  VAL B O     1 
ATOM   1212 C CB    . VAL B 1 46  ? -6.811  -10.626 -4.663  1.00 16.98 ? 46  VAL B CB    1 
ATOM   1213 C CG1   . VAL B 1 46  ? -7.733  -9.801  -3.731  1.00 16.44 ? 46  VAL B CG1   1 
ATOM   1214 C CG2   . VAL B 1 46  ? -7.225  -10.480 -6.143  1.00 17.52 ? 46  VAL B CG2   1 
ATOM   1215 N N     . GLY B 1 47  ? -4.921  -8.493  -6.021  1.00 18.57 ? 47  GLY B N     1 
ATOM   1216 C CA    . GLY B 1 47  ? -4.888  -7.140  -6.527  1.00 20.99 ? 47  GLY B CA    1 
ATOM   1217 C C     . GLY B 1 47  ? -5.941  -7.033  -7.619  1.00 21.33 ? 47  GLY B C     1 
ATOM   1218 O O     . GLY B 1 47  ? -6.091  -7.936  -8.449  1.00 21.20 ? 47  GLY B O     1 
ATOM   1219 N N     . TYR B 1 48  ? -6.683  -5.936  -7.611  1.00 19.24 ? 48  TYR B N     1 
ATOM   1220 C CA    . TYR B 1 48  ? -7.776  -5.758  -8.561  1.00 21.57 ? 48  TYR B CA    1 
ATOM   1221 C C     . TYR B 1 48  ? -7.631  -4.456  -9.333  1.00 21.96 ? 48  TYR B C     1 
ATOM   1222 O O     . TYR B 1 48  ? -7.708  -3.374  -8.748  1.00 19.27 ? 48  TYR B O     1 
ATOM   1223 C CB    . TYR B 1 48  ? -9.119  -5.773  -7.839  1.00 22.99 ? 48  TYR B CB    1 
ATOM   1224 C CG    . TYR B 1 48  ? -10.310 -5.822  -8.764  1.00 21.81 ? 48  TYR B CG    1 
ATOM   1225 C CD1   . TYR B 1 48  ? -10.686 -7.013  -9.381  1.00 20.45 ? 48  TYR B CD1   1 
ATOM   1226 C CD2   . TYR B 1 48  ? -11.063 -4.676  -9.026  1.00 21.52 ? 48  TYR B CD2   1 
ATOM   1227 C CE1   . TYR B 1 48  ? -11.788 -7.064  -10.226 1.00 20.86 ? 48  TYR B CE1   1 
ATOM   1228 C CE2   . TYR B 1 48  ? -12.166 -4.719  -9.869  1.00 19.24 ? 48  TYR B CE2   1 
ATOM   1229 C CZ    . TYR B 1 48  ? -12.517 -5.917  -10.461 1.00 20.93 ? 48  TYR B CZ    1 
ATOM   1230 O OH    . TYR B 1 48  ? -13.601 -5.974  -11.299 1.00 25.29 ? 48  TYR B OH    1 
ATOM   1231 N N     . ALA B 1 49  ? -7.421  -4.570  -10.642 1.00 19.75 ? 49  ALA B N     1 
ATOM   1232 C CA    . ALA B 1 49  ? -7.338  -3.402  -11.512 1.00 22.75 ? 49  ALA B CA    1 
ATOM   1233 C C     . ALA B 1 49  ? -8.719  -3.021  -12.008 1.00 22.22 ? 49  ALA B C     1 
ATOM   1234 O O     . ALA B 1 49  ? -9.320  -3.753  -12.799 1.00 22.54 ? 49  ALA B O     1 
ATOM   1235 C CB    . ALA B 1 49  ? -6.405  -3.670  -12.698 1.00 21.79 ? 49  ALA B CB    1 
ATOM   1236 N N     . ILE B 1 50  ? -9.203  -1.870  -11.553 1.00 21.01 ? 50  ILE B N     1 
ATOM   1237 C CA    . ILE B 1 50  ? -10.543 -1.382  -11.895 1.00 22.53 ? 50  ILE B CA    1 
ATOM   1238 C C     . ILE B 1 50  ? -10.702 -1.091  -13.382 1.00 25.79 ? 50  ILE B C     1 
ATOM   1239 O O     . ILE B 1 50  ? -11.708 -1.466  -13.986 1.00 21.57 ? 50  ILE B O     1 
ATOM   1240 C CB    . ILE B 1 50  ? -10.873 -0.117  -11.096 1.00 20.96 ? 50  ILE B CB    1 
ATOM   1241 C CG1   . ILE B 1 50  ? -11.126 -0.502  -9.640  1.00 23.32 ? 50  ILE B CG1   1 
ATOM   1242 C CG2   . ILE B 1 50  ? -12.095 0.592   -11.662 1.00 26.82 ? 50  ILE B CG2   1 
ATOM   1243 C CD1   . ILE B 1 50  ? -11.000 0.634   -8.689  1.00 23.69 ? 50  ILE B CD1   1 
ATOM   1244 N N     . GLY B 1 51  ? -9.699  -0.438  -13.977 1.00 22.55 ? 51  GLY B N     1 
ATOM   1245 C CA    . GLY B 1 51  ? -9.735  -0.121  -15.395 1.00 22.92 ? 51  GLY B CA    1 
ATOM   1246 C C     . GLY B 1 51  ? -10.007 -1.316  -16.294 1.00 21.35 ? 51  GLY B C     1 
ATOM   1247 O O     . GLY B 1 51  ? -10.690 -1.183  -17.310 1.00 31.03 ? 51  GLY B O     1 
ATOM   1248 N N     . THR B 1 52  ? -9.495  -2.484  -15.921 1.00 21.74 ? 52  THR B N     1 
ATOM   1249 C CA    . THR B 1 52  ? -9.709  -3.700  -16.701 1.00 21.99 ? 52  THR B CA    1 
ATOM   1250 C C     . THR B 1 52  ? -10.593 -4.730  -15.983 1.00 21.83 ? 52  THR B C     1 
ATOM   1251 O O     . THR B 1 52  ? -10.829 -5.810  -16.517 1.00 21.28 ? 52  THR B O     1 
ATOM   1252 C CB    . THR B 1 52  ? -8.395  -4.394  -17.025 1.00 24.60 ? 52  THR B CB    1 
ATOM   1253 O OG1   . THR B 1 52  ? -7.752  -4.762  -15.794 1.00 24.18 ? 52  THR B OG1   1 
ATOM   1254 C CG2   . THR B 1 52  ? -7.462  -3.474  -17.862 1.00 24.50 ? 52  THR B CG2   1 
ATOM   1255 N N     . GLN B 1 53  ? -11.031 -4.407  -14.769 1.00 21.29 ? 53  GLN B N     1 
ATOM   1256 C CA    . GLN B 1 53  ? -11.800 -5.345  -13.929 1.00 25.77 ? 53  GLN B CA    1 
ATOM   1257 C C     . GLN B 1 53  ? -11.103 -6.690  -13.782 1.00 21.67 ? 53  GLN B C     1 
ATOM   1258 O O     . GLN B 1 53  ? -11.742 -7.734  -13.890 1.00 24.56 ? 53  GLN B O     1 
ATOM   1259 C CB    . GLN B 1 53  ? -13.204 -5.558  -14.501 1.00 19.33 ? 53  GLN B CB    1 
ATOM   1260 C CG    . GLN B 1 53  ? -13.975 -4.265  -14.700 1.00 21.72 ? 53  GLN B CG    1 
ATOM   1261 C CD    . GLN B 1 53  ? -14.521 -3.714  -13.402 1.00 31.18 ? 53  GLN B CD    1 
ATOM   1262 O OE1   . GLN B 1 53  ? -15.496 -4.235  -12.862 1.00 34.80 ? 53  GLN B OE1   1 
ATOM   1263 N NE2   . GLN B 1 53  ? -13.898 -2.655  -12.891 1.00 27.41 ? 53  GLN B NE2   1 
ATOM   1264 N N     . GLN B 1 54  ? -9.791  -6.664  -13.581 1.00 19.80 ? 54  GLN B N     1 
ATOM   1265 C CA    . GLN B 1 54  ? -8.987  -7.886  -13.514 1.00 22.43 ? 54  GLN B CA    1 
ATOM   1266 C C     . GLN B 1 54  ? -8.424  -8.138  -12.123 1.00 23.44 ? 54  GLN B C     1 
ATOM   1267 O O     . GLN B 1 54  ? -7.799  -7.259  -11.529 1.00 20.96 ? 54  GLN B O     1 
ATOM   1268 C CB    . GLN B 1 54  ? -7.814  -7.835  -14.505 1.00 25.00 ? 54  GLN B CB    1 
ATOM   1269 C CG    . GLN B 1 54  ? -8.154  -8.282  -15.896 1.00 36.66 ? 54  GLN B CG    1 
ATOM   1270 C CD    . GLN B 1 54  ? -8.582  -9.725  -15.929 1.00 36.27 ? 54  GLN B CD    1 
ATOM   1271 O OE1   . GLN B 1 54  ? -7.983  -10.576 -15.261 1.00 36.07 ? 54  GLN B OE1   1 
ATOM   1272 N NE2   . GLN B 1 54  ? -9.638  -10.011 -16.688 1.00 38.55 ? 54  GLN B NE2   1 
ATOM   1273 N N     . ALA B 1 55  ? -8.615  -9.353  -11.624 1.00 23.82 ? 55  ALA B N     1 
ATOM   1274 C CA    . ALA B 1 55  ? -8.029  -9.747  -10.356 1.00 24.22 ? 55  ALA B CA    1 
ATOM   1275 C C     . ALA B 1 55  ? -6.783  -10.570 -10.618 1.00 23.52 ? 55  ALA B C     1 
ATOM   1276 O O     . ALA B 1 55  ? -6.719  -11.304 -11.606 1.00 22.89 ? 55  ALA B O     1 
ATOM   1277 C CB    . ALA B 1 55  ? -9.041  -10.539 -9.502  1.00 21.28 ? 55  ALA B CB    1 
ATOM   1278 N N     . THR B 1 56  ? -5.802  -10.436 -9.726  1.00 21.38 ? 56  THR B N     1 
ATOM   1279 C CA    . THR B 1 56  ? -4.528  -11.142 -9.802  1.00 20.10 ? 56  THR B CA    1 
ATOM   1280 C C     . THR B 1 56  ? -4.147  -11.585 -8.401  1.00 19.99 ? 56  THR B C     1 
ATOM   1281 O O     . THR B 1 56  ? -4.186  -10.780 -7.472  1.00 20.90 ? 56  THR B O     1 
ATOM   1282 C CB    . THR B 1 56  ? -3.413  -10.234 -10.368 1.00 21.49 ? 56  THR B CB    1 
ATOM   1283 O OG1   . THR B 1 56  ? -3.824  -9.687  -11.625 1.00 20.59 ? 56  THR B OG1   1 
ATOM   1284 C CG2   . THR B 1 56  ? -2.111  -10.993 -10.522 1.00 19.88 ? 56  THR B CG2   1 
ATOM   1285 N N     . PRO B 1 57  ? -3.776  -12.855 -8.237  1.00 17.65 ? 57  PRO B N     1 
ATOM   1286 C CA    . PRO B 1 57  ? -3.404  -13.389 -6.920  1.00 21.27 ? 57  PRO B CA    1 
ATOM   1287 C C     . PRO B 1 57  ? -2.100  -12.820 -6.362  1.00 25.27 ? 57  PRO B C     1 
ATOM   1288 O O     . PRO B 1 57  ? -1.156  -12.573 -7.119  1.00 22.77 ? 57  PRO B O     1 
ATOM   1289 C CB    . PRO B 1 57  ? -3.248  -14.895 -7.184  1.00 24.68 ? 57  PRO B CB    1 
ATOM   1290 C CG    . PRO B 1 57  ? -2.956  -14.992 -8.675  1.00 19.02 ? 57  PRO B CG    1 
ATOM   1291 C CD    . PRO B 1 57  ? -3.801  -13.905 -9.275  1.00 22.80 ? 57  PRO B CD    1 
ATOM   1292 N N     . GLY B 1 58  ? -2.057  -12.629 -5.044  1.00 19.54 ? 58  GLY B N     1 
ATOM   1293 C CA    . GLY B 1 58  ? -0.820  -12.323 -4.345  1.00 18.69 ? 58  GLY B CA    1 
ATOM   1294 C C     . GLY B 1 58  ? -0.365  -13.591 -3.642  1.00 19.05 ? 58  GLY B C     1 
ATOM   1295 O O     . GLY B 1 58  ? -0.991  -14.649 -3.805  1.00 21.26 ? 58  GLY B O     1 
ATOM   1296 N N     . PRO B 1 59  ? 0.703   -13.497 -2.833  1.00 20.02 ? 59  PRO B N     1 
ATOM   1297 C CA    . PRO B 1 59  ? 1.278   -14.690 -2.192  1.00 22.84 ? 59  PRO B CA    1 
ATOM   1298 C C     . PRO B 1 59  ? 0.336   -15.354 -1.192  1.00 25.02 ? 59  PRO B C     1 
ATOM   1299 O O     . PRO B 1 59  ? 0.467   -16.557 -0.947  1.00 25.40 ? 59  PRO B O     1 
ATOM   1300 C CB    . PRO B 1 59  ? 2.532   -14.137 -1.481  1.00 25.81 ? 59  PRO B CB    1 
ATOM   1301 C CG    . PRO B 1 59  ? 2.825   -12.845 -2.179  1.00 24.43 ? 59  PRO B CG    1 
ATOM   1302 C CD    . PRO B 1 59  ? 1.498   -12.287 -2.560  1.00 18.40 ? 59  PRO B CD    1 
ATOM   1303 N N     . ALA B 1 60  ? -0.612  -14.588 -0.643  1.00 21.85 ? 60  ALA B N     1 
ATOM   1304 C CA    . ALA B 1 60  ? -1.526  -15.104 0.381   1.00 24.06 ? 60  ALA B CA    1 
ATOM   1305 C C     . ALA B 1 60  ? -2.810  -15.679 -0.212  1.00 24.25 ? 60  ALA B C     1 
ATOM   1306 O O     . ALA B 1 60  ? -3.691  -16.139 0.521   1.00 27.02 ? 60  ALA B O     1 
ATOM   1307 C CB    . ALA B 1 60  ? -1.865  -14.004 1.390   1.00 19.07 ? 60  ALA B CB    1 
ATOM   1308 N N     . ASN B 1 61  ? -2.911  -15.666 -1.537  1.00 22.05 ? 61  ASN B N     1 
ATOM   1309 C CA    . ASN B 1 61  ? -4.121  -16.135 -2.203  1.00 23.18 ? 61  ASN B CA    1 
ATOM   1310 C C     . ASN B 1 61  ? -4.336  -17.625 -1.934  1.00 22.78 ? 61  ASN B C     1 
ATOM   1311 O O     . ASN B 1 61  ? -3.404  -18.418 -2.007  1.00 21.11 ? 61  ASN B O     1 
ATOM   1312 C CB    . ASN B 1 61  ? -4.048  -15.853 -3.714  1.00 20.77 ? 61  ASN B CB    1 
ATOM   1313 C CG    . ASN B 1 61  ? -5.392  -16.027 -4.412  1.00 19.27 ? 61  ASN B CG    1 
ATOM   1314 O OD1   . ASN B 1 61  ? -5.694  -17.100 -4.925  1.00 20.64 ? 61  ASN B OD1   1 
ATOM   1315 N ND2   . ASN B 1 61  ? -6.200  -14.970 -4.436  1.00 20.58 ? 61  ASN B ND2   1 
ATOM   1316 N N     . SER B 1 62  ? -5.562  -18.001 -1.601  1.00 21.93 ? 62  SER B N     1 
ATOM   1317 C CA    . SER B 1 62  ? -5.866  -19.399 -1.292  1.00 25.22 ? 62  SER B CA    1 
ATOM   1318 C C     . SER B 1 62  ? -6.516  -20.097 -2.476  1.00 22.72 ? 62  SER B C     1 
ATOM   1319 O O     . SER B 1 62  ? -6.554  -21.325 -2.540  1.00 24.16 ? 62  SER B O     1 
ATOM   1320 C CB    . SER B 1 62  ? -6.787  -19.499 -0.067  1.00 21.56 ? 62  SER B CB    1 
ATOM   1321 O OG    . SER B 1 62  ? -8.082  -19.007 -0.370  1.00 22.88 ? 62  SER B OG    1 
ATOM   1322 N N     . GLY B 1 63  ? -7.028  -19.302 -3.412  1.00 22.52 ? 63  GLY B N     1 
ATOM   1323 C CA    . GLY B 1 63  ? -7.842  -19.826 -4.491  1.00 20.99 ? 63  GLY B CA    1 
ATOM   1324 C C     . GLY B 1 63  ? -9.317  -19.909 -4.135  1.00 23.88 ? 63  GLY B C     1 
ATOM   1325 O O     . GLY B 1 63  ? -10.144 -20.253 -4.980  1.00 26.50 ? 63  GLY B O     1 
ATOM   1326 N N     . ARG B 1 64  ? -9.662  -19.597 -2.888  1.00 24.03 ? 64  ARG B N     1 
ATOM   1327 C CA    . ARG B 1 64  ? -11.068 -19.660 -2.467  1.00 21.41 ? 64  ARG B CA    1 
ATOM   1328 C C     . ARG B 1 64  ? -11.713 -18.273 -2.335  1.00 23.57 ? 64  ARG B C     1 
ATOM   1329 O O     . ARG B 1 64  ? -12.876 -18.175 -1.930  1.00 21.04 ? 64  ARG B O     1 
ATOM   1330 C CB    . ARG B 1 64  ? -11.191 -20.432 -1.145  1.00 22.49 ? 64  ARG B CB    1 
ATOM   1331 C CG    . ARG B 1 64  ? -10.817 -21.915 -1.244  1.00 20.82 ? 64  ARG B CG    1 
ATOM   1332 C CD    . ARG B 1 64  ? -10.811 -22.586 0.132   1.00 24.14 ? 64  ARG B CD    1 
ATOM   1333 N NE    . ARG B 1 64  ? -9.640  -22.203 0.917   1.00 24.77 ? 64  ARG B NE    1 
ATOM   1334 C CZ    . ARG B 1 64  ? -9.635  -21.294 1.893   1.00 24.99 ? 64  ARG B CZ    1 
ATOM   1335 N NH1   . ARG B 1 64  ? -10.755 -20.656 2.228   1.00 19.58 ? 64  ARG B NH1   1 
ATOM   1336 N NH2   . ARG B 1 64  ? -8.502  -21.029 2.535   1.00 20.54 ? 64  ARG B NH2   1 
ATOM   1337 N N     . GLU B 1 65  ? -10.961 -17.219 -2.679  1.00 20.35 ? 65  GLU B N     1 
ATOM   1338 C CA    . GLU B 1 65  ? -11.462 -15.837 -2.649  1.00 23.77 ? 65  GLU B CA    1 
ATOM   1339 C C     . GLU B 1 65  ? -12.078 -15.406 -3.971  1.00 21.76 ? 65  GLU B C     1 
ATOM   1340 O O     . GLU B 1 65  ? -11.705 -15.897 -5.026  1.00 23.11 ? 65  GLU B O     1 
ATOM   1341 C CB    . GLU B 1 65  ? -10.349 -14.814 -2.324  1.00 22.94 ? 65  GLU B CB    1 
ATOM   1342 C CG    . GLU B 1 65  ? -9.344  -15.195 -1.275  1.00 30.62 ? 65  GLU B CG    1 
ATOM   1343 C CD    . GLU B 1 65  ? -8.172  -15.983 -1.829  1.00 25.45 ? 65  GLU B CD    1 
ATOM   1344 O OE1   . GLU B 1 65  ? -8.276  -16.555 -2.941  1.00 25.04 ? 65  GLU B OE1   1 
ATOM   1345 O OE2   . GLU B 1 65  ? -7.143  -16.026 -1.134  1.00 26.83 ? 65  GLU B OE2   1 
ATOM   1346 N N     . THR B 1 66  ? -12.981 -14.439 -3.906  1.00 19.74 ? 66  THR B N     1 
ATOM   1347 C CA    . THR B 1 66  ? -13.501 -13.798 -5.102  1.00 19.91 ? 66  THR B CA    1 
ATOM   1348 C C     . THR B 1 66  ? -13.734 -12.336 -4.769  1.00 22.73 ? 66  THR B C     1 
ATOM   1349 O O     . THR B 1 66  ? -14.533 -12.019 -3.890  1.00 22.59 ? 66  THR B O     1 
ATOM   1350 C CB    . THR B 1 66  ? -14.812 -14.457 -5.597  1.00 21.38 ? 66  THR B CB    1 
ATOM   1351 O OG1   . THR B 1 66  ? -14.560 -15.825 -5.944  1.00 26.86 ? 66  THR B OG1   1 
ATOM   1352 C CG2   . THR B 1 66  ? -15.355 -13.729 -6.804  1.00 22.55 ? 66  THR B CG2   1 
ATOM   1353 N N     . ILE B 1 67  ? -13.013 -11.445 -5.440  1.00 21.33 ? 67  ILE B N     1 
ATOM   1354 C CA    . ILE B 1 67  ? -13.216 -10.024 -5.221  1.00 21.91 ? 67  ILE B CA    1 
ATOM   1355 C C     . ILE B 1 67  ? -14.196 -9.502  -6.267  1.00 23.11 ? 67  ILE B C     1 
ATOM   1356 O O     . ILE B 1 67  ? -14.231 -9.976  -7.404  1.00 19.70 ? 67  ILE B O     1 
ATOM   1357 C CB    . ILE B 1 67  ? -11.882 -9.229  -5.258  1.00 22.88 ? 67  ILE B CB    1 
ATOM   1358 C CG1   . ILE B 1 67  ? -12.083 -7.786  -4.764  1.00 20.53 ? 67  ILE B CG1   1 
ATOM   1359 C CG2   . ILE B 1 67  ? -11.245 -9.269  -6.649  1.00 21.91 ? 67  ILE B CG2   1 
ATOM   1360 C CD1   . ILE B 1 67  ? -10.761 -6.986  -4.647  1.00 16.72 ? 67  ILE B CD1   1 
ATOM   1361 N N     . TYR B 1 68  ? -15.008 -8.538  -5.858  1.00 19.11 ? 68  TYR B N     1 
ATOM   1362 C CA    . TYR B 1 68  ? -16.052 -7.996  -6.705  1.00 23.88 ? 68  TYR B CA    1 
ATOM   1363 C C     . TYR B 1 68  ? -15.677 -6.569  -7.102  1.00 23.11 ? 68  TYR B C     1 
ATOM   1364 O O     . TYR B 1 68  ? -14.764 -5.995  -6.515  1.00 22.44 ? 68  TYR B O     1 
ATOM   1365 C CB    . TYR B 1 68  ? -17.403 -8.092  -5.972  1.00 19.33 ? 68  TYR B CB    1 
ATOM   1366 C CG    . TYR B 1 68  ? -17.849 -9.530  -5.897  1.00 28.34 ? 68  TYR B CG    1 
ATOM   1367 C CD1   . TYR B 1 68  ? -18.423 -10.146 -7.010  1.00 25.72 ? 68  TYR B CD1   1 
ATOM   1368 C CD2   . TYR B 1 68  ? -17.662 -10.294 -4.749  1.00 26.62 ? 68  TYR B CD2   1 
ATOM   1369 C CE1   . TYR B 1 68  ? -18.812 -11.470 -6.985  1.00 25.57 ? 68  TYR B CE1   1 
ATOM   1370 C CE2   . TYR B 1 68  ? -18.061 -11.634 -4.713  1.00 27.93 ? 68  TYR B CE2   1 
ATOM   1371 C CZ    . TYR B 1 68  ? -18.634 -12.209 -5.843  1.00 29.82 ? 68  TYR B CZ    1 
ATOM   1372 O OH    . TYR B 1 68  ? -19.030 -13.526 -5.855  1.00 34.78 ? 68  TYR B OH    1 
ATOM   1373 N N     . PRO B 1 69  ? -16.350 -6.011  -8.128  1.00 23.19 ? 69  PRO B N     1 
ATOM   1374 C CA    . PRO B 1 69  ? -16.021 -4.672  -8.627  1.00 24.83 ? 69  PRO B CA    1 
ATOM   1375 C C     . PRO B 1 69  ? -16.119 -3.568  -7.584  1.00 24.97 ? 69  PRO B C     1 
ATOM   1376 O O     . PRO B 1 69  ? -15.426 -2.568  -7.740  1.00 28.12 ? 69  PRO B O     1 
ATOM   1377 C CB    . PRO B 1 69  ? -17.051 -4.457  -9.741  1.00 24.28 ? 69  PRO B CB    1 
ATOM   1378 C CG    . PRO B 1 69  ? -17.289 -5.824  -10.260 1.00 24.14 ? 69  PRO B CG    1 
ATOM   1379 C CD    . PRO B 1 69  ? -17.294 -6.699  -9.028  1.00 24.92 ? 69  PRO B CD    1 
ATOM   1380 N N     . ASN B 1 70  ? -16.934 -3.730  -6.546  1.00 19.72 ? 70  ASN B N     1 
ATOM   1381 C CA    . ASN B 1 70  ? -16.977 -2.711  -5.492  1.00 19.93 ? 70  ASN B CA    1 
ATOM   1382 C C     . ASN B 1 70  ? -16.015 -3.007  -4.330  1.00 21.25 ? 70  ASN B C     1 
ATOM   1383 O O     . ASN B 1 70  ? -16.185 -2.454  -3.236  1.00 20.55 ? 70  ASN B O     1 
ATOM   1384 C CB    . ASN B 1 70  ? -18.406 -2.544  -4.950  1.00 22.05 ? 70  ASN B CB    1 
ATOM   1385 C CG    . ASN B 1 70  ? -18.956 -3.815  -4.307  1.00 24.64 ? 70  ASN B CG    1 
ATOM   1386 O OD1   . ASN B 1 70  ? -18.262 -4.829  -4.175  1.00 23.55 ? 70  ASN B OD1   1 
ATOM   1387 N ND2   . ASN B 1 70  ? -20.213 -3.751  -3.883  1.00 29.65 ? 70  ASN B ND2   1 
ATOM   1388 N N     . ALA B 1 71  ? -15.036 -3.881  -4.591  1.00 19.86 ? 71  ALA B N     1 
ATOM   1389 C CA    . ALA B 1 71  ? -13.951 -4.274  -3.664  1.00 18.84 ? 71  ALA B CA    1 
ATOM   1390 C C     . ALA B 1 71  ? -14.368 -5.311  -2.613  1.00 22.70 ? 71  ALA B C     1 
ATOM   1391 O O     . ALA B 1 71  ? -13.525 -5.782  -1.840  1.00 20.16 ? 71  ALA B O     1 
ATOM   1392 C CB    . ALA B 1 71  ? -13.352 -3.046  -2.962  1.00 20.57 ? 71  ALA B CB    1 
ATOM   1393 N N     . SER B 1 72  ? -15.651 -5.672  -2.584  1.00 17.00 ? 72  SER B N     1 
ATOM   1394 C CA    . SER B 1 72  ? -16.116 -6.699  -1.659  1.00 16.60 ? 72  SER B CA    1 
ATOM   1395 C C     . SER B 1 72  ? -15.386 -8.015  -1.906  1.00 16.36 ? 72  SER B C     1 
ATOM   1396 O O     . SER B 1 72  ? -15.080 -8.364  -3.049  1.00 18.19 ? 72  SER B O     1 
ATOM   1397 C CB    . SER B 1 72  ? -17.636 -6.901  -1.778  1.00 23.29 ? 72  SER B CB    1 
ATOM   1398 O OG    . SER B 1 72  ? -18.340 -5.744  -1.370  1.00 26.40 ? 72  SER B OG    1 
ATOM   1399 N N     . LEU B 1 73  ? -15.109 -8.739  -0.828  1.00 16.96 ? 73  LEU B N     1 
ATOM   1400 C CA    . LEU B 1 73  ? -14.315 -9.953  -0.899  1.00 15.57 ? 73  LEU B CA    1 
ATOM   1401 C C     . LEU B 1 73  ? -15.060 -11.143 -0.339  1.00 17.87 ? 73  LEU B C     1 
ATOM   1402 O O     . LEU B 1 73  ? -15.390 -11.167 0.849   1.00 17.42 ? 73  LEU B O     1 
ATOM   1403 C CB    . LEU B 1 73  ? -13.004 -9.797  -0.133  1.00 16.38 ? 73  LEU B CB    1 
ATOM   1404 C CG    . LEU B 1 73  ? -12.049 -10.965 -0.379  1.00 19.78 ? 73  LEU B CG    1 
ATOM   1405 C CD1   . LEU B 1 73  ? -11.581 -10.943 -1.842  1.00 20.19 ? 73  LEU B CD1   1 
ATOM   1406 C CD2   . LEU B 1 73  ? -10.846 -10.936 0.580   1.00 19.71 ? 73  LEU B CD2   1 
ATOM   1407 N N     . LEU B 1 74  ? -15.285 -12.142 -1.184  1.00 18.93 ? 74  LEU B N     1 
ATOM   1408 C CA    . LEU B 1 74  ? -15.977 -13.358 -0.776  1.00 18.01 ? 74  LEU B CA    1 
ATOM   1409 C C     . LEU B 1 74  ? -14.977 -14.465 -0.533  1.00 18.51 ? 74  LEU B C     1 
ATOM   1410 O O     . LEU B 1 74  ? -14.114 -14.719 -1.360  1.00 18.80 ? 74  LEU B O     1 
ATOM   1411 C CB    . LEU B 1 74  ? -16.987 -13.803 -1.839  1.00 18.17 ? 74  LEU B CB    1 
ATOM   1412 C CG    . LEU B 1 74  ? -17.550 -15.219 -1.680  1.00 23.36 ? 74  LEU B CG    1 
ATOM   1413 C CD1   . LEU B 1 74  ? -18.565 -15.266 -0.546  1.00 17.33 ? 74  LEU B CD1   1 
ATOM   1414 C CD2   . LEU B 1 74  ? -18.168 -15.720 -2.980  1.00 24.19 ? 74  LEU B CD2   1 
ATOM   1415 N N     . ILE B 1 75  ? -15.101 -15.145 0.598   1.00 15.56 ? 75  ILE B N     1 
ATOM   1416 C CA    . ILE B 1 75  ? -14.262 -16.302 0.838   1.00 17.92 ? 75  ILE B CA    1 
ATOM   1417 C C     . ILE B 1 75  ? -15.173 -17.507 1.053   1.00 21.70 ? 75  ILE B C     1 
ATOM   1418 O O     . ILE B 1 75  ? -16.106 -17.463 1.863   1.00 16.69 ? 75  ILE B O     1 
ATOM   1419 C CB    . ILE B 1 75  ? -13.334 -16.094 2.046   1.00 19.12 ? 75  ILE B CB    1 
ATOM   1420 C CG1   . ILE B 1 75  ? -12.482 -14.842 1.843   1.00 20.02 ? 75  ILE B CG1   1 
ATOM   1421 C CG2   . ILE B 1 75  ? -12.458 -17.319 2.278   1.00 16.29 ? 75  ILE B CG2   1 
ATOM   1422 C CD1   . ILE B 1 75  ? -11.648 -14.500 3.033   1.00 20.34 ? 75  ILE B CD1   1 
ATOM   1423 N N     . GLN B 1 76  ? -14.912 -18.576 0.310   1.00 20.19 ? 76  GLN B N     1 
ATOM   1424 C CA    . GLN B 1 76  ? -15.732 -19.775 0.421   1.00 23.16 ? 76  GLN B CA    1 
ATOM   1425 C C     . GLN B 1 76  ? -14.937 -20.885 1.059   1.00 21.88 ? 76  GLN B C     1 
ATOM   1426 O O     . GLN B 1 76  ? -13.705 -20.849 1.037   1.00 19.27 ? 76  GLN B O     1 
ATOM   1427 C CB    . GLN B 1 76  ? -16.239 -20.214 -0.949  1.00 22.11 ? 76  GLN B CB    1 
ATOM   1428 C CG    . GLN B 1 76  ? -17.130 -19.207 -1.623  1.00 20.87 ? 76  GLN B CG    1 
ATOM   1429 C CD    . GLN B 1 76  ? -17.532 -19.680 -2.994  1.00 33.96 ? 76  GLN B CD    1 
ATOM   1430 O OE1   . GLN B 1 76  ? -16.883 -19.354 -3.989  1.00 29.08 ? 76  GLN B OE1   1 
ATOM   1431 N NE2   . GLN B 1 76  ? -18.588 -20.494 -3.054  1.00 25.57 ? 76  GLN B NE2   1 
ATOM   1432 N N     . ASN B 1 77  ? -15.646 -21.859 1.633   1.00 22.14 ? 77  ASN B N     1 
ATOM   1433 C CA    . ASN B 1 77  ? -15.024 -23.011 2.285   1.00 21.91 ? 77  ASN B CA    1 
ATOM   1434 C C     . ASN B 1 77  ? -13.926 -22.582 3.251   1.00 22.17 ? 77  ASN B C     1 
ATOM   1435 O O     . ASN B 1 77  ? -12.802 -23.084 3.218   1.00 20.21 ? 77  ASN B O     1 
ATOM   1436 C CB    . ASN B 1 77  ? -14.486 -23.969 1.231   1.00 22.28 ? 77  ASN B CB    1 
ATOM   1437 C CG    . ASN B 1 77  ? -15.600 -24.542 0.378   1.00 25.34 ? 77  ASN B CG    1 
ATOM   1438 O OD1   . ASN B 1 77  ? -16.542 -25.131 0.902   1.00 28.77 ? 77  ASN B OD1   1 
ATOM   1439 N ND2   . ASN B 1 77  ? -15.531 -24.324 -0.926  1.00 27.23 ? 77  ASN B ND2   1 
ATOM   1440 N N     . VAL B 1 78  ? -14.301 -21.631 4.099   1.00 19.38 ? 78  VAL B N     1 
ATOM   1441 C CA    . VAL B 1 78  ? -13.423 -20.978 5.056   1.00 19.59 ? 78  VAL B CA    1 
ATOM   1442 C C     . VAL B 1 78  ? -12.642 -21.962 5.923   1.00 20.93 ? 78  VAL B C     1 
ATOM   1443 O O     . VAL B 1 78  ? -13.196 -22.942 6.422   1.00 20.12 ? 78  VAL B O     1 
ATOM   1444 C CB    . VAL B 1 78  ? -14.244 -20.035 5.954   1.00 20.92 ? 78  VAL B CB    1 
ATOM   1445 C CG1   . VAL B 1 78  ? -13.378 -19.419 7.026   1.00 20.18 ? 78  VAL B CG1   1 
ATOM   1446 C CG2   . VAL B 1 78  ? -14.902 -18.939 5.096   1.00 20.75 ? 78  VAL B CG2   1 
ATOM   1447 N N     . THR B 1 79  ? -11.347 -21.701 6.083   1.00 18.21 ? 79  THR B N     1 
ATOM   1448 C CA    . THR B 1 79  ? -10.506 -22.530 6.930   1.00 21.26 ? 79  THR B CA    1 
ATOM   1449 C C     . THR B 1 79  ? -10.046 -21.788 8.187   1.00 21.40 ? 79  THR B C     1 
ATOM   1450 O O     . THR B 1 79  ? -10.252 -20.566 8.332   1.00 14.54 ? 79  THR B O     1 
ATOM   1451 C CB    . THR B 1 79  ? -9.273  -23.023 6.161   1.00 22.66 ? 79  THR B CB    1 
ATOM   1452 O OG1   . THR B 1 79  ? -8.415  -21.910 5.883   1.00 19.18 ? 79  THR B OG1   1 
ATOM   1453 C CG2   . THR B 1 79  ? -9.694  -23.691 4.850   1.00 22.29 ? 79  THR B CG2   1 
ATOM   1454 N N     . GLN B 1 80  ? -9.419  -22.531 9.098   1.00 18.78 ? 80  GLN B N     1 
ATOM   1455 C CA    . GLN B 1 80  ? -8.896  -21.928 10.321  1.00 22.15 ? 80  GLN B CA    1 
ATOM   1456 C C     . GLN B 1 80  ? -7.911  -20.821 9.993   1.00 18.39 ? 80  GLN B C     1 
ATOM   1457 O O     . GLN B 1 80  ? -7.949  -19.752 10.599  1.00 19.10 ? 80  GLN B O     1 
ATOM   1458 C CB    . GLN B 1 80  ? -8.236  -22.979 11.206  1.00 23.08 ? 80  GLN B CB    1 
ATOM   1459 C CG    . GLN B 1 80  ? -9.226  -24.025 11.676  1.00 22.78 ? 80  GLN B CG    1 
ATOM   1460 C CD    . GLN B 1 80  ? -8.561  -25.173 12.366  1.00 22.29 ? 80  GLN B CD    1 
ATOM   1461 O OE1   . GLN B 1 80  ? -7.406  -25.074 12.782  1.00 21.24 ? 80  GLN B OE1   1 
ATOM   1462 N NE2   . GLN B 1 80  ? -9.286  -26.276 12.507  1.00 25.19 ? 80  GLN B NE2   1 
ATOM   1463 N N     . ASN B 1 81  ? -7.059  -21.069 9.009   1.00 22.25 ? 81  ASN B N     1 
ATOM   1464 C CA    . ASN B 1 81  ? -6.078  -20.067 8.576   1.00 23.77 ? 81  ASN B CA    1 
ATOM   1465 C C     . ASN B 1 81  ? -6.693  -18.774 8.044   1.00 21.33 ? 81  ASN B C     1 
ATOM   1466 O O     . ASN B 1 81  ? -6.016  -17.732 8.009   1.00 21.83 ? 81  ASN B O     1 
ATOM   1467 C CB    . ASN B 1 81  ? -5.159  -20.656 7.509   1.00 26.44 ? 81  ASN B CB    1 
ATOM   1468 C CG    . ASN B 1 81  ? -4.002  -21.446 8.101   1.00 41.15 ? 81  ASN B CG    1 
ATOM   1469 O OD1   . ASN B 1 81  ? -3.336  -21.003 9.052   1.00 39.79 ? 81  ASN B OD1   1 
ATOM   1470 N ND2   . ASN B 1 81  ? -3.757  -22.631 7.543   1.00 41.35 ? 81  ASN B ND2   1 
ATOM   1471 N N     . ASP B 1 82  ? -7.960  -18.832 7.633   1.00 16.97 ? 82  ASP B N     1 
ATOM   1472 C CA    . ASP B 1 82  ? -8.663  -17.646 7.146   1.00 18.90 ? 82  ASP B CA    1 
ATOM   1473 C C     . ASP B 1 82  ? -9.068  -16.700 8.273   1.00 18.35 ? 82  ASP B C     1 
ATOM   1474 O O     . ASP B 1 82  ? -9.420  -15.545 8.020   1.00 16.79 ? 82  ASP B O     1 
ATOM   1475 C CB    . ASP B 1 82  ? -9.921  -18.027 6.356   1.00 17.59 ? 82  ASP B CB    1 
ATOM   1476 C CG    . ASP B 1 82  ? -9.609  -18.674 5.019   1.00 20.59 ? 82  ASP B CG    1 
ATOM   1477 O OD1   . ASP B 1 82  ? -8.503  -18.460 4.513   1.00 17.76 ? 82  ASP B OD1   1 
ATOM   1478 O OD2   . ASP B 1 82  ? -10.479 -19.392 4.469   1.00 18.51 ? 82  ASP B OD2   1 
ATOM   1479 N N     . THR B 1 83  ? -9.032  -17.170 9.514   1.00 18.99 ? 83  THR B N     1 
ATOM   1480 C CA    . THR B 1 83  ? -9.582  -16.363 10.619  1.00 20.25 ? 83  THR B CA    1 
ATOM   1481 C C     . THR B 1 83  ? -8.768  -15.094 10.910  1.00 16.95 ? 83  THR B C     1 
ATOM   1482 O O     . THR B 1 83  ? -7.586  -14.996 10.567  1.00 13.94 ? 83  THR B O     1 
ATOM   1483 C CB    . THR B 1 83  ? -9.698  -17.189 11.929  1.00 16.54 ? 83  THR B CB    1 
ATOM   1484 O OG1   . THR B 1 83  ? -10.661 -16.579 12.793  1.00 18.41 ? 83  THR B OG1   1 
ATOM   1485 C CG2   . THR B 1 83  ? -8.348  -17.301 12.652  1.00 17.86 ? 83  THR B CG2   1 
ATOM   1486 N N     . GLY B 1 84  ? -9.414  -14.116 11.541  1.00 15.63 ? 84  GLY B N     1 
ATOM   1487 C CA    . GLY B 1 84  ? -8.719  -12.926 11.999  1.00 16.48 ? 84  GLY B CA    1 
ATOM   1488 C C     . GLY B 1 84  ? -8.855  -11.725 11.075  1.00 22.71 ? 84  GLY B C     1 
ATOM   1489 O O     . GLY B 1 84  ? -9.905  -11.514 10.457  1.00 18.73 ? 84  GLY B O     1 
ATOM   1490 N N     . PHE B 1 85  ? -7.786  -10.941 10.969  1.00 16.73 ? 85  PHE B N     1 
ATOM   1491 C CA    . PHE B 1 85  ? -7.868  -9.626  10.326  1.00 16.59 ? 85  PHE B CA    1 
ATOM   1492 C C     . PHE B 1 85  ? -7.590  -9.624  8.816   1.00 16.42 ? 85  PHE B C     1 
ATOM   1493 O O     . PHE B 1 85  ? -6.797  -10.432 8.315   1.00 15.59 ? 85  PHE B O     1 
ATOM   1494 C CB    . PHE B 1 85  ? -6.895  -8.652  11.004  1.00 18.32 ? 85  PHE B CB    1 
ATOM   1495 C CG    . PHE B 1 85  ? -7.281  -8.287  12.417  1.00 22.34 ? 85  PHE B CG    1 
ATOM   1496 C CD1   . PHE B 1 85  ? -6.662  -8.895  13.497  1.00 20.69 ? 85  PHE B CD1   1 
ATOM   1497 C CD2   . PHE B 1 85  ? -8.247  -7.323  12.656  1.00 20.68 ? 85  PHE B CD2   1 
ATOM   1498 C CE1   . PHE B 1 85  ? -7.008  -8.558  14.798  1.00 25.01 ? 85  PHE B CE1   1 
ATOM   1499 C CE2   . PHE B 1 85  ? -8.596  -6.976  13.947  1.00 21.12 ? 85  PHE B CE2   1 
ATOM   1500 C CZ    . PHE B 1 85  ? -7.978  -7.598  15.019  1.00 24.85 ? 85  PHE B CZ    1 
ATOM   1501 N N     . TYR B 1 86  ? -8.250  -8.694  8.116   1.00 14.84 ? 86  TYR B N     1 
ATOM   1502 C CA    . TYR B 1 86  ? -8.048  -8.413  6.684   1.00 14.98 ? 86  TYR B CA    1 
ATOM   1503 C C     . TYR B 1 86  ? -7.906  -6.916  6.493   1.00 16.93 ? 86  TYR B C     1 
ATOM   1504 O O     . TYR B 1 86  ? -8.655  -6.141  7.090   1.00 19.06 ? 86  TYR B O     1 
ATOM   1505 C CB    . TYR B 1 86  ? -9.231  -8.936  5.833   1.00 13.52 ? 86  TYR B CB    1 
ATOM   1506 C CG    . TYR B 1 86  ? -9.253  -10.439 5.790   1.00 15.14 ? 86  TYR B CG    1 
ATOM   1507 C CD1   . TYR B 1 86  ? -9.630  -11.180 6.913   1.00 14.71 ? 86  TYR B CD1   1 
ATOM   1508 C CD2   . TYR B 1 86  ? -8.843  -11.122 4.649   1.00 14.11 ? 86  TYR B CD2   1 
ATOM   1509 C CE1   . TYR B 1 86  ? -9.604  -12.561 6.894   1.00 13.17 ? 86  TYR B CE1   1 
ATOM   1510 C CE2   . TYR B 1 86  ? -8.824  -12.491 4.613   1.00 13.75 ? 86  TYR B CE2   1 
ATOM   1511 C CZ    . TYR B 1 86  ? -9.203  -13.209 5.739   1.00 13.61 ? 86  TYR B CZ    1 
ATOM   1512 O OH    . TYR B 1 86  ? -9.169  -14.577 5.711   1.00 16.23 ? 86  TYR B OH    1 
ATOM   1513 N N     . THR B 1 87  ? -6.968  -6.499  5.652   1.00 15.61 ? 87  THR B N     1 
ATOM   1514 C CA    . THR B 1 87  ? -6.793  -5.076  5.391   1.00 15.56 ? 87  THR B CA    1 
ATOM   1515 C C     . THR B 1 87  ? -6.951  -4.783  3.912   1.00 14.16 ? 87  THR B C     1 
ATOM   1516 O O     . THR B 1 87  ? -6.271  -5.370  3.074   1.00 14.50 ? 87  THR B O     1 
ATOM   1517 C CB    . THR B 1 87  ? -5.410  -4.567  5.888   1.00 17.80 ? 87  THR B CB    1 
ATOM   1518 O OG1   . THR B 1 87  ? -5.340  -4.718  7.315   1.00 17.35 ? 87  THR B OG1   1 
ATOM   1519 C CG2   . THR B 1 87  ? -5.203  -3.096  5.508   1.00 16.65 ? 87  THR B CG2   1 
ATOM   1520 N N     . LEU B 1 88  ? -7.873  -3.881  3.608   1.00 15.16 ? 88  LEU B N     1 
ATOM   1521 C CA    . LEU B 1 88  ? -8.098  -3.422  2.249   1.00 16.98 ? 88  LEU B CA    1 
ATOM   1522 C C     . LEU B 1 88  ? -7.354  -2.113  1.997   1.00 16.27 ? 88  LEU B C     1 
ATOM   1523 O O     . LEU B 1 88  ? -7.540  -1.145  2.736   1.00 19.81 ? 88  LEU B O     1 
ATOM   1524 C CB    . LEU B 1 88  ? -9.588  -3.218  1.991   1.00 15.56 ? 88  LEU B CB    1 
ATOM   1525 C CG    . LEU B 1 88  ? -9.932  -2.343  0.772   1.00 21.68 ? 88  LEU B CG    1 
ATOM   1526 C CD1   . LEU B 1 88  ? -9.602  -3.067  -0.531  1.00 19.68 ? 88  LEU B CD1   1 
ATOM   1527 C CD2   . LEU B 1 88  ? -11.401 -1.915  0.809   1.00 20.37 ? 88  LEU B CD2   1 
ATOM   1528 N N     . GLN B 1 89  ? -6.518  -2.078  0.966   1.00 15.94 ? 89  GLN B N     1 
ATOM   1529 C CA    . GLN B 1 89  ? -5.934  -0.799  0.544   1.00 18.04 ? 89  GLN B CA    1 
ATOM   1530 C C     . GLN B 1 89  ? -6.598  -0.349  -0.756  1.00 18.30 ? 89  GLN B C     1 
ATOM   1531 O O     . GLN B 1 89  ? -6.706  -1.113  -1.709  1.00 17.28 ? 89  GLN B O     1 
ATOM   1532 C CB    . GLN B 1 89  ? -4.414  -0.887  0.358   1.00 16.99 ? 89  GLN B CB    1 
ATOM   1533 C CG    . GLN B 1 89  ? -3.772  0.477   0.044   1.00 17.10 ? 89  GLN B CG    1 
ATOM   1534 C CD    . GLN B 1 89  ? -2.274  0.379   -0.217  1.00 19.10 ? 89  GLN B CD    1 
ATOM   1535 O OE1   . GLN B 1 89  ? -1.778  -0.646  -0.707  1.00 16.21 ? 89  GLN B OE1   1 
ATOM   1536 N NE2   . GLN B 1 89  ? -1.545  1.452   0.104   1.00 15.70 ? 89  GLN B NE2   1 
ATOM   1537 N N     . VAL B 1 90  ? -7.050  0.896   -0.777  1.00 17.03 ? 90  VAL B N     1 
ATOM   1538 C CA    . VAL B 1 90  ? -7.623  1.470   -1.977  1.00 19.53 ? 90  VAL B CA    1 
ATOM   1539 C C     . VAL B 1 90  ? -6.627  2.440   -2.602  1.00 21.12 ? 90  VAL B C     1 
ATOM   1540 O O     . VAL B 1 90  ? -6.219  3.415   -1.965  1.00 18.82 ? 90  VAL B O     1 
ATOM   1541 C CB    . VAL B 1 90  ? -8.940  2.185   -1.655  1.00 17.89 ? 90  VAL B CB    1 
ATOM   1542 C CG1   . VAL B 1 90  ? -9.455  2.892   -2.860  1.00 22.64 ? 90  VAL B CG1   1 
ATOM   1543 C CG2   . VAL B 1 90  ? -9.974  1.164   -1.120  1.00 18.68 ? 90  VAL B CG2   1 
ATOM   1544 N N     . ILE B 1 91  ? -6.216  2.159   -3.833  1.00 21.48 ? 91  ILE B N     1 
ATOM   1545 C CA    . ILE B 1 91  ? -5.253  3.023   -4.529  1.00 20.63 ? 91  ILE B CA    1 
ATOM   1546 C C     . ILE B 1 91  ? -5.986  4.061   -5.367  1.00 23.14 ? 91  ILE B C     1 
ATOM   1547 O O     . ILE B 1 91  ? -6.619  3.714   -6.363  1.00 21.80 ? 91  ILE B O     1 
ATOM   1548 C CB    . ILE B 1 91  ? -4.315  2.221   -5.450  1.00 20.74 ? 91  ILE B CB    1 
ATOM   1549 C CG1   . ILE B 1 91  ? -3.661  1.067   -4.688  1.00 20.84 ? 91  ILE B CG1   1 
ATOM   1550 C CG2   . ILE B 1 91  ? -3.260  3.142   -6.089  1.00 21.31 ? 91  ILE B CG2   1 
ATOM   1551 C CD1   . ILE B 1 91  ? -2.804  1.508   -3.512  1.00 23.89 ? 91  ILE B CD1   1 
ATOM   1552 N N     . LYS B 1 92  ? -5.914  5.326   -4.963  1.00 21.10 ? 92  LYS B N     1 
ATOM   1553 C CA    . LYS B 1 92  ? -6.579  6.384   -5.719  1.00 25.41 ? 92  LYS B CA    1 
ATOM   1554 C C     . LYS B 1 92  ? -5.735  6.759   -6.934  1.00 26.94 ? 92  LYS B C     1 
ATOM   1555 O O     . LYS B 1 92  ? -4.558  6.368   -7.047  1.00 24.95 ? 92  LYS B O     1 
ATOM   1556 C CB    . LYS B 1 92  ? -6.849  7.612   -4.845  1.00 23.08 ? 92  LYS B CB    1 
ATOM   1557 C CG    . LYS B 1 92  ? -7.635  7.300   -3.573  1.00 24.71 ? 92  LYS B CG    1 
ATOM   1558 C CD    . LYS B 1 92  ? -8.387  8.522   -3.045  1.00 26.21 ? 92  LYS B CD    1 
ATOM   1559 C CE    . LYS B 1 92  ? -7.526  9.787   -3.068  1.00 28.37 ? 92  LYS B CE    1 
ATOM   1560 N NZ    . LYS B 1 92  ? -6.414  9.734   -2.086  1.00 25.39 ? 92  LYS B NZ    1 
ATOM   1561 N N     . SER B 1 93  ? -6.334  7.512   -7.850  1.00 26.16 ? 93  SER B N     1 
ATOM   1562 C CA    . SER B 1 93  ? -5.651  7.877   -9.083  1.00 25.61 ? 93  SER B CA    1 
ATOM   1563 C C     . SER B 1 93  ? -4.460  8.800   -8.856  1.00 23.57 ? 93  SER B C     1 
ATOM   1564 O O     . SER B 1 93  ? -3.568  8.871   -9.702  1.00 22.19 ? 93  SER B O     1 
ATOM   1565 C CB    . SER B 1 93  ? -6.632  8.517   -10.055 1.00 26.59 ? 93  SER B CB    1 
ATOM   1566 O OG    . SER B 1 93  ? -7.385  7.488   -10.695 1.00 39.05 ? 93  SER B OG    1 
ATOM   1567 N N     . ASP B 1 94  ? -4.439  9.494   -7.723  1.00 22.91 ? 94  ASP B N     1 
ATOM   1568 C CA    . ASP B 1 94  ? -3.293  10.343  -7.389  1.00 22.63 ? 94  ASP B CA    1 
ATOM   1569 C C     . ASP B 1 94  ? -2.213  9.611   -6.569  1.00 23.25 ? 94  ASP B C     1 
ATOM   1570 O O     . ASP B 1 94  ? -1.250  10.234  -6.125  1.00 21.13 ? 94  ASP B O     1 
ATOM   1571 C CB    . ASP B 1 94  ? -3.760  11.603  -6.645  1.00 23.05 ? 94  ASP B CB    1 
ATOM   1572 C CG    . ASP B 1 94  ? -4.470  11.296  -5.332  1.00 22.72 ? 94  ASP B CG    1 
ATOM   1573 O OD1   . ASP B 1 94  ? -4.941  12.252  -4.690  1.00 23.83 ? 94  ASP B OD1   1 
ATOM   1574 O OD2   . ASP B 1 94  ? -4.554  10.119  -4.930  1.00 24.37 ? 94  ASP B OD2   1 
ATOM   1575 N N     . LEU B 1 95  ? -2.391  8.297   -6.380  1.00 22.77 ? 95  LEU B N     1 
ATOM   1576 C CA    . LEU B 1 95  ? -1.436  7.430   -5.667  1.00 22.27 ? 95  LEU B CA    1 
ATOM   1577 C C     . LEU B 1 95  ? -1.334  7.775   -4.175  1.00 20.28 ? 95  LEU B C     1 
ATOM   1578 O O     . LEU B 1 95  ? -0.445  7.274   -3.467  1.00 18.72 ? 95  LEU B O     1 
ATOM   1579 C CB    . LEU B 1 95  ? -0.036  7.485   -6.312  1.00 19.35 ? 95  LEU B CB    1 
ATOM   1580 C CG    . LEU B 1 95  ? 0.255   6.587   -7.523  1.00 23.43 ? 95  LEU B CG    1 
ATOM   1581 C CD1   . LEU B 1 95  ? 0.138   5.111   -7.166  1.00 21.41 ? 95  LEU B CD1   1 
ATOM   1582 C CD2   . LEU B 1 95  ? -0.668  6.925   -8.687  1.00 24.75 ? 95  LEU B CD2   1 
ATOM   1583 N N     . VAL B 1 96  ? -2.254  8.606   -3.690  1.00 18.80 ? 96  VAL B N     1 
ATOM   1584 C CA    . VAL B 1 96  ? -2.413  8.776   -2.251  1.00 18.39 ? 96  VAL B CA    1 
ATOM   1585 C C     . VAL B 1 96  ? -3.482  7.785   -1.795  1.00 22.41 ? 96  VAL B C     1 
ATOM   1586 O O     . VAL B 1 96  ? -4.626  7.844   -2.243  1.00 23.87 ? 96  VAL B O     1 
ATOM   1587 C CB    . VAL B 1 96  ? -2.784  10.224  -1.877  1.00 18.09 ? 96  VAL B CB    1 
ATOM   1588 C CG1   . VAL B 1 96  ? -3.055  10.343  -0.380  1.00 21.16 ? 96  VAL B CG1   1 
ATOM   1589 C CG2   . VAL B 1 96  ? -1.639  11.180  -2.292  1.00 20.86 ? 96  VAL B CG2   1 
ATOM   1590 N N     . ASN B 1 97  ? -3.101  6.874   -0.907  1.00 21.17 ? 97  ASN B N     1 
ATOM   1591 C CA    . ASN B 1 97  ? -3.878  5.665   -0.677  1.00 18.30 ? 97  ASN B CA    1 
ATOM   1592 C C     . ASN B 1 97  ? -4.547  5.590   0.689   1.00 22.92 ? 97  ASN B C     1 
ATOM   1593 O O     . ASN B 1 97  ? -4.063  6.174   1.662   1.00 24.23 ? 97  ASN B O     1 
ATOM   1594 C CB    . ASN B 1 97  ? -2.971  4.463   -0.875  1.00 18.14 ? 97  ASN B CB    1 
ATOM   1595 C CG    . ASN B 1 97  ? -2.209  4.543   -2.172  1.00 21.02 ? 97  ASN B CG    1 
ATOM   1596 O OD1   . ASN B 1 97  ? -2.780  4.886   -3.207  1.00 18.27 ? 97  ASN B OD1   1 
ATOM   1597 N ND2   . ASN B 1 97  ? -0.911  4.246   -2.131  1.00 17.24 ? 97  ASN B ND2   1 
ATOM   1598 N N     . GLU B 1 98  ? -5.666  4.870   0.745   1.00 21.32 ? 98  GLU B N     1 
ATOM   1599 C CA    . GLU B 1 98  ? -6.429  4.704   1.977   1.00 24.22 ? 98  GLU B CA    1 
ATOM   1600 C C     . GLU B 1 98  ? -6.505  3.224   2.337   1.00 24.96 ? 98  GLU B C     1 
ATOM   1601 O O     . GLU B 1 98  ? -6.452  2.366   1.452   1.00 21.58 ? 98  GLU B O     1 
ATOM   1602 C CB    . GLU B 1 98  ? -7.838  5.274   1.822   1.00 25.64 ? 98  GLU B CB    1 
ATOM   1603 C CG    . GLU B 1 98  ? -7.903  6.775   1.722   1.00 29.03 ? 98  GLU B CG    1 
ATOM   1604 C CD    . GLU B 1 98  ? -9.322  7.255   1.508   1.00 35.44 ? 98  GLU B CD    1 
ATOM   1605 O OE1   . GLU B 1 98  ? -9.520  8.342   0.919   1.00 35.96 ? 98  GLU B OE1   1 
ATOM   1606 O OE2   . GLU B 1 98  ? -10.242 6.525   1.928   1.00 39.89 ? 98  GLU B OE2   1 
ATOM   1607 N N     . GLU B 1 99  ? -6.632  2.934   3.632   1.00 19.95 ? 99  GLU B N     1 
ATOM   1608 C CA    . GLU B 1 99  ? -6.755  1.564   4.113   1.00 23.16 ? 99  GLU B CA    1 
ATOM   1609 C C     . GLU B 1 99  ? -7.927  1.426   5.075   1.00 20.52 ? 99  GLU B C     1 
ATOM   1610 O O     . GLU B 1 99  ? -8.294  2.374   5.761   1.00 20.31 ? 99  GLU B O     1 
ATOM   1611 C CB    . GLU B 1 99  ? -5.485  1.108   4.828   1.00 19.41 ? 99  GLU B CB    1 
ATOM   1612 C CG    . GLU B 1 99  ? -4.222  1.285   4.057   1.00 31.52 ? 99  GLU B CG    1 
ATOM   1613 C CD    . GLU B 1 99  ? -3.040  1.460   4.988   1.00 35.29 ? 99  GLU B CD    1 
ATOM   1614 O OE1   . GLU B 1 99  ? -2.159  2.277   4.666   1.00 33.37 ? 99  GLU B OE1   1 
ATOM   1615 O OE2   . GLU B 1 99  ? -3.004  0.781   6.049   1.00 38.15 ? 99  GLU B OE2   1 
ATOM   1616 N N     . ALA B 1 100 ? -8.497  0.231   5.119   1.00 23.16 ? 100 ALA B N     1 
ATOM   1617 C CA    . ALA B 1 100 ? -9.492  -0.134  6.115   1.00 20.22 ? 100 ALA B CA    1 
ATOM   1618 C C     . ALA B 1 100 ? -9.234  -1.572  6.529   1.00 20.49 ? 100 ALA B C     1 
ATOM   1619 O O     . ALA B 1 100 ? -8.919  -2.420  5.687   1.00 19.25 ? 100 ALA B O     1 
ATOM   1620 C CB    . ALA B 1 100 ? -10.908 0.031   5.574   1.00 21.09 ? 100 ALA B CB    1 
ATOM   1621 N N     . THR B 1 101 ? -9.385  -1.855  7.819   1.00 22.44 ? 101 THR B N     1 
ATOM   1622 C CA    . THR B 1 101 ? -9.147  -3.205  8.336   1.00 18.14 ? 101 THR B CA    1 
ATOM   1623 C C     . THR B 1 101 ? -10.451 -3.780  8.931   1.00 21.86 ? 101 THR B C     1 
ATOM   1624 O O     . THR B 1 101 ? -11.257 -3.058  9.501   1.00 19.70 ? 101 THR B O     1 
ATOM   1625 C CB    . THR B 1 101 ? -8.010  -3.193  9.387   1.00 21.27 ? 101 THR B CB    1 
ATOM   1626 O OG1   . THR B 1 101 ? -6.776  -2.809  8.757   1.00 19.51 ? 101 THR B OG1   1 
ATOM   1627 C CG2   . THR B 1 101 ? -7.835  -4.557  10.024  1.00 19.18 ? 101 THR B CG2   1 
ATOM   1628 N N     . GLY B 1 102 ? -10.670 -5.076  8.758   1.00 18.28 ? 102 GLY B N     1 
ATOM   1629 C CA    . GLY B 1 102 ? -11.805 -5.728  9.369   1.00 19.44 ? 102 GLY B CA    1 
ATOM   1630 C C     . GLY B 1 102 ? -11.389 -7.105  9.826   1.00 18.81 ? 102 GLY B C     1 
ATOM   1631 O O     . GLY B 1 102 ? -10.245 -7.512  9.635   1.00 17.96 ? 102 GLY B O     1 
ATOM   1632 N N     . GLN B 1 103 ? -12.323 -7.835  10.413  1.00 18.43 ? 103 GLN B N     1 
ATOM   1633 C CA    . GLN B 1 103 ? -12.036 -9.175  10.886  1.00 18.83 ? 103 GLN B CA    1 
ATOM   1634 C C     . GLN B 1 103 ? -13.305 -10.024 10.880  1.00 17.06 ? 103 GLN B C     1 
ATOM   1635 O O     . GLN B 1 103 ? -14.424 -9.504  10.804  1.00 14.25 ? 103 GLN B O     1 
ATOM   1636 C CB    . GLN B 1 103 ? -11.437 -9.142  12.298  1.00 19.71 ? 103 GLN B CB    1 
ATOM   1637 C CG    . GLN B 1 103 ? -12.392 -8.608  13.383  1.00 18.53 ? 103 GLN B CG    1 
ATOM   1638 C CD    . GLN B 1 103 ? -11.739 -8.556  14.758  1.00 21.84 ? 103 GLN B CD    1 
ATOM   1639 O OE1   . GLN B 1 103 ? -11.083 -9.506  15.188  1.00 24.23 ? 103 GLN B OE1   1 
ATOM   1640 N NE2   . GLN B 1 103 ? -11.858 -7.417  15.420  1.00 20.76 ? 103 GLN B NE2   1 
ATOM   1641 N N     . PHE B 1 104 ? -13.108 -11.336 10.943  1.00 16.66 ? 104 PHE B N     1 
ATOM   1642 C CA    . PHE B 1 104 ? -14.177 -12.263 11.294  1.00 18.85 ? 104 PHE B CA    1 
ATOM   1643 C C     . PHE B 1 104 ? -13.529 -13.391 12.080  1.00 21.36 ? 104 PHE B C     1 
ATOM   1644 O O     . PHE B 1 104 ? -12.300 -13.530 12.066  1.00 19.25 ? 104 PHE B O     1 
ATOM   1645 C CB    . PHE B 1 104 ? -14.933 -12.781 10.062  1.00 15.77 ? 104 PHE B CB    1 
ATOM   1646 C CG    . PHE B 1 104 ? -14.078 -13.517 9.058   1.00 17.25 ? 104 PHE B CG    1 
ATOM   1647 C CD1   . PHE B 1 104 ? -13.609 -12.871 7.926   1.00 16.34 ? 104 PHE B CD1   1 
ATOM   1648 C CD2   . PHE B 1 104 ? -13.782 -14.870 9.223   1.00 18.95 ? 104 PHE B CD2   1 
ATOM   1649 C CE1   . PHE B 1 104 ? -12.835 -13.542 6.991   1.00 17.38 ? 104 PHE B CE1   1 
ATOM   1650 C CE2   . PHE B 1 104 ? -12.995 -15.543 8.292   1.00 17.59 ? 104 PHE B CE2   1 
ATOM   1651 C CZ    . PHE B 1 104 ? -12.526 -14.879 7.175   1.00 16.78 ? 104 PHE B CZ    1 
ATOM   1652 N N     . HIS B 1 105 ? -14.344 -14.180 12.773  1.00 18.69 ? 105 HIS B N     1 
ATOM   1653 C CA    . HIS B 1 105 ? -13.819 -15.239 13.629  1.00 19.97 ? 105 HIS B CA    1 
ATOM   1654 C C     . HIS B 1 105 ? -14.371 -16.598 13.247  1.00 20.37 ? 105 HIS B C     1 
ATOM   1655 O O     . HIS B 1 105 ? -15.581 -16.831 13.279  1.00 19.59 ? 105 HIS B O     1 
ATOM   1656 C CB    . HIS B 1 105 ? -14.133 -14.954 15.096  1.00 23.27 ? 105 HIS B CB    1 
ATOM   1657 C CG    . HIS B 1 105 ? -13.744 -13.577 15.536  1.00 24.23 ? 105 HIS B CG    1 
ATOM   1658 N ND1   . HIS B 1 105 ? -14.671 -12.633 15.900  1.00 29.44 ? 105 HIS B ND1   1 
ATOM   1659 C CD2   . HIS B 1 105 ? -12.529 -12.997 15.664  1.00 29.53 ? 105 HIS B CD2   1 
ATOM   1660 C CE1   . HIS B 1 105 ? -14.043 -11.515 16.243  1.00 27.43 ? 105 HIS B CE1   1 
ATOM   1661 N NE2   . HIS B 1 105 ? -12.748 -11.709 16.102  1.00 32.21 ? 105 HIS B NE2   1 
ATOM   1662 N N     . VAL B 1 106 ? -13.472 -17.492 12.873  1.00 19.65 ? 106 VAL B N     1 
ATOM   1663 C CA    . VAL B 1 106 ? -13.852 -18.848 12.506  1.00 21.20 ? 106 VAL B CA    1 
ATOM   1664 C C     . VAL B 1 106 ? -14.094 -19.663 13.772  1.00 19.13 ? 106 VAL B C     1 
ATOM   1665 O O     . VAL B 1 106 ? -13.412 -19.450 14.768  1.00 17.70 ? 106 VAL B O     1 
ATOM   1666 C CB    . VAL B 1 106 ? -12.762 -19.524 11.633  1.00 20.26 ? 106 VAL B CB    1 
ATOM   1667 C CG1   . VAL B 1 106 ? -13.148 -20.975 11.295  1.00 16.30 ? 106 VAL B CG1   1 
ATOM   1668 C CG2   . VAL B 1 106 ? -12.507 -18.697 10.370  1.00 18.29 ? 106 VAL B CG2   1 
ATOM   1669 N N     . TYR B 1 107 ? -15.070 -20.574 13.748  1.00 20.85 ? 107 TYR B N     1 
ATOM   1670 C CA    . TYR B 1 107 ? -15.266 -21.497 14.869  1.00 21.48 ? 107 TYR B CA    1 
ATOM   1671 C C     . TYR B 1 107 ? -15.545 -22.910 14.370  1.00 17.20 ? 107 TYR B C     1 
ATOM   1672 O O     . TYR B 1 107 ? -15.808 -23.082 13.184  1.00 19.32 ? 107 TYR B O     1 
ATOM   1673 C CB    . TYR B 1 107 ? -16.401 -21.022 15.776  1.00 20.20 ? 107 TYR B CB    1 
ATOM   1674 C CG    . TYR B 1 107 ? -17.760 -20.919 15.109  1.00 24.56 ? 107 TYR B CG    1 
ATOM   1675 C CD1   . TYR B 1 107 ? -18.618 -22.014 15.041  1.00 27.29 ? 107 TYR B CD1   1 
ATOM   1676 C CD2   . TYR B 1 107 ? -18.194 -19.711 14.567  1.00 25.55 ? 107 TYR B CD2   1 
ATOM   1677 C CE1   . TYR B 1 107 ? -19.865 -21.909 14.435  1.00 26.67 ? 107 TYR B CE1   1 
ATOM   1678 C CE2   . TYR B 1 107 ? -19.430 -19.598 13.962  1.00 24.26 ? 107 TYR B CE2   1 
ATOM   1679 C CZ    . TYR B 1 107 ? -20.258 -20.694 13.898  1.00 28.07 ? 107 TYR B CZ    1 
ATOM   1680 O OH    . TYR B 1 107 ? -21.486 -20.560 13.289  1.00 34.42 ? 107 TYR B OH    1 
HETATM 1681 C C1    . MLA C 2 .   ? 8.847   5.109   13.164  1.00 34.02 ? 201 MLA A C1    1 
HETATM 1682 O O1A   . MLA C 2 .   ? 8.671   6.057   13.984  1.00 36.82 ? 201 MLA A O1A   1 
HETATM 1683 O O1B   . MLA C 2 .   ? 7.860   4.510   12.675  1.00 32.10 ? 201 MLA A O1B   1 
HETATM 1684 C C2    . MLA C 2 .   ? 10.242  4.704   12.741  1.00 34.42 ? 201 MLA A C2    1 
HETATM 1685 C C3    . MLA C 2 .   ? 10.773  5.776   11.808  1.00 26.73 ? 201 MLA A C3    1 
HETATM 1686 O O3A   . MLA C 2 .   ? 11.967  5.735   11.417  1.00 20.59 ? 201 MLA A O3A   1 
HETATM 1687 O O3B   . MLA C 2 .   ? 10.007  6.711   11.434  1.00 27.68 ? 201 MLA A O3B   1 
HETATM 1688 C C1    . BOG D 3 .   ? 18.949  8.172   -9.759  1.00 35.14 ? 202 BOG A C1    1 
HETATM 1689 O O1    . BOG D 3 .   ? 18.049  9.094   -9.480  1.00 33.31 ? 202 BOG A O1    1 
HETATM 1690 C C2    . BOG D 3 .   ? 18.361  6.828   -9.552  1.00 36.37 ? 202 BOG A C2    1 
HETATM 1691 O O2    . BOG D 3 .   ? 17.794  6.650   -8.184  1.00 31.39 ? 202 BOG A O2    1 
HETATM 1692 C C3    . BOG D 3 .   ? 19.347  5.841   -9.813  1.00 41.25 ? 202 BOG A C3    1 
HETATM 1693 O O3    . BOG D 3 .   ? 18.630  4.382   -9.774  1.00 42.18 ? 202 BOG A O3    1 
HETATM 1694 C C4    . BOG D 3 .   ? 20.205  5.835   -10.918 1.00 48.00 ? 202 BOG A C4    1 
HETATM 1695 O O4    . BOG D 3 .   ? 21.492  5.255   -10.521 1.00 51.23 ? 202 BOG A O4    1 
HETATM 1696 C C5    . BOG D 3 .   ? 20.468  7.197   -11.558 1.00 49.59 ? 202 BOG A C5    1 
HETATM 1697 O O5    . BOG D 3 .   ? 19.366  8.380   -11.379 1.00 47.71 ? 202 BOG A O5    1 
HETATM 1698 C C6    . BOG D 3 .   ? 20.631  6.991   -12.963 1.00 47.99 ? 202 BOG A C6    1 
HETATM 1699 O O6    . BOG D 3 .   ? 19.379  6.555   -13.504 1.00 52.63 ? 202 BOG A O6    1 
HETATM 1700 C "C1'" . BOG D 3 .   ? 18.425  10.488  -9.729  1.00 32.08 ? 202 BOG A "C1'" 1 
HETATM 1701 C "C2'" . BOG D 3 .   ? 17.129  11.321  -9.703  1.00 34.83 ? 202 BOG A "C2'" 1 
HETATM 1702 C "C3'" . BOG D 3 .   ? 17.415  12.781  -9.921  1.00 33.54 ? 202 BOG A "C3'" 1 
HETATM 1703 C "C4'" . BOG D 3 .   ? 18.131  13.323  -8.657  1.00 31.59 ? 202 BOG A "C4'" 1 
HETATM 1704 C "C5'" . BOG D 3 .   ? 18.070  14.867  -8.657  1.00 37.27 ? 202 BOG A "C5'" 1 
HETATM 1705 C "C6'" . BOG D 3 .   ? 19.229  15.415  -7.816  1.00 43.56 ? 202 BOG A "C6'" 1 
HETATM 1706 C "C7'" . BOG D 3 .   ? 18.928  16.904  -7.439  1.00 47.16 ? 202 BOG A "C7'" 1 
HETATM 1707 C "C8'" . BOG D 3 .   ? 19.716  17.284  -6.165  1.00 48.11 ? 202 BOG A "C8'" 1 
HETATM 1708 C C1    . BOG E 3 .   ? -22.062 -5.061  -1.312  1.00 36.35 ? 201 BOG B C1    1 
HETATM 1709 O O1    . BOG E 3 .   ? -21.321 -5.850  -2.078  1.00 35.88 ? 201 BOG B O1    1 
HETATM 1710 C C2    . BOG E 3 .   ? -21.289 -3.934  -0.727  1.00 36.48 ? 201 BOG B C2    1 
HETATM 1711 O O2    . BOG E 3 .   ? -20.191 -4.432  0.145   1.00 34.59 ? 201 BOG B O2    1 
HETATM 1712 C C3    . BOG E 3 .   ? -22.149 -3.067  0.023   1.00 39.59 ? 201 BOG B C3    1 
HETATM 1713 O O3    . BOG E 3 .   ? -21.358 -1.708  0.429   1.00 30.47 ? 201 BOG B O3    1 
HETATM 1714 C C4    . BOG E 3 .   ? -23.451 -2.698  -0.312  1.00 37.56 ? 201 BOG B C4    1 
HETATM 1715 O O4    . BOG E 3 .   ? -24.189 -2.430  0.931   1.00 47.97 ? 201 BOG B O4    1 
HETATM 1716 C C5    . BOG E 3 .   ? -24.173 -3.790  -1.098  1.00 41.67 ? 201 BOG B C5    1 
HETATM 1717 O O5    . BOG E 3 .   ? -23.322 -4.495  -2.277  1.00 42.63 ? 201 BOG B O5    1 
HETATM 1718 C C6    . BOG E 3 .   ? -25.352 -3.257  -1.715  1.00 47.41 ? 201 BOG B C6    1 
HETATM 1719 O O6    . BOG E 3 .   ? -25.224 -1.845  -1.880  1.00 50.75 ? 201 BOG B O6    1 
HETATM 1720 C "C1'" . BOG E 3 .   ? -21.841 -7.216  -2.194  1.00 32.35 ? 201 BOG B "C1'" 1 
HETATM 1721 C "C2'" . BOG E 3 .   ? -21.454 -7.852  -3.547  1.00 35.24 ? 201 BOG B "C2'" 1 
HETATM 1722 C "C3'" . BOG E 3 .   ? -21.154 -9.307  -3.306  1.00 33.87 ? 201 BOG B "C3'" 1 
HETATM 1723 C "C4'" . BOG E 3 .   ? -21.624 -10.177 -4.500  1.00 34.13 ? 201 BOG B "C4'" 1 
HETATM 1724 C "C5'" . BOG E 3 .   ? -22.513 -11.312 -3.933  1.00 37.80 ? 201 BOG B "C5'" 1 
HETATM 1725 C "C6'" . BOG E 3 .   ? -21.731 -12.623 -3.803  1.00 32.20 ? 201 BOG B "C6'" 1 
HETATM 1726 C "C7'" . BOG E 3 .   ? -21.947 -13.208 -2.365  1.00 40.97 ? 201 BOG B "C7'" 1 
HETATM 1727 C "C8'" . BOG E 3 .   ? -22.859 -14.453 -2.409  1.00 41.16 ? 201 BOG B "C8'" 1 
HETATM 1728 O O     . HOH F 4 .   ? 5.323   3.597   8.266   1.00 19.48 ? 301 HOH A O     1 
HETATM 1729 O O     . HOH F 4 .   ? 23.925  16.110  2.697   1.00 22.28 ? 302 HOH A O     1 
HETATM 1730 O O     . HOH F 4 .   ? -0.506  12.379  -7.622  1.00 20.77 ? 303 HOH A O     1 
HETATM 1731 O O     . HOH F 4 .   ? 6.086   14.165  15.994  1.00 31.78 ? 304 HOH A O     1 
HETATM 1732 O O     . HOH F 4 .   ? 0.246   6.315   -13.983 1.00 19.68 ? 305 HOH A O     1 
HETATM 1733 O O     . HOH F 4 .   ? 25.262  15.864  5.394   1.00 30.86 ? 306 HOH A O     1 
HETATM 1734 O O     . HOH F 4 .   ? -1.415  8.338   -14.495 1.00 24.53 ? 307 HOH A O     1 
HETATM 1735 O O     . HOH F 4 .   ? 4.903   10.248  10.034  1.00 26.96 ? 308 HOH A O     1 
HETATM 1736 O O     . HOH F 4 .   ? 17.863  7.792   12.968  1.00 24.14 ? 309 HOH A O     1 
HETATM 1737 O O     . HOH F 4 .   ? 7.269   16.148  -5.077  1.00 29.17 ? 310 HOH A O     1 
HETATM 1738 O O     . HOH F 4 .   ? 13.119  18.737  -2.024  1.00 25.19 ? 311 HOH A O     1 
HETATM 1739 O O     . HOH F 4 .   ? 22.515  18.326  14.877  1.00 27.16 ? 312 HOH A O     1 
HETATM 1740 O O     . HOH F 4 .   ? 26.641  20.679  8.571   1.00 35.61 ? 313 HOH A O     1 
HETATM 1741 O O     . HOH F 4 .   ? 14.885  4.586   -9.918  1.00 30.70 ? 314 HOH A O     1 
HETATM 1742 O O     . HOH F 4 .   ? 10.353  13.357  6.194   1.00 28.11 ? 315 HOH A O     1 
HETATM 1743 O O     . HOH F 4 .   ? 5.634   16.149  15.120  1.00 28.91 ? 316 HOH A O     1 
HETATM 1744 O O     . HOH F 4 .   ? 6.565   12.236  9.207   1.00 33.53 ? 317 HOH A O     1 
HETATM 1745 O O     . HOH F 4 .   ? -4.353  -2.586  -15.072 1.00 28.18 ? 318 HOH A O     1 
HETATM 1746 O O     . HOH F 4 .   ? -3.898  14.122  -0.337  1.00 27.19 ? 319 HOH A O     1 
HETATM 1747 O O     . HOH F 4 .   ? 3.432   17.071  -9.759  1.00 29.29 ? 320 HOH A O     1 
HETATM 1748 O O     . HOH F 4 .   ? -0.033  -9.622  -13.354 1.00 27.64 ? 321 HOH A O     1 
HETATM 1749 O O     . HOH F 4 .   ? 6.128   16.283  8.034   1.00 33.66 ? 322 HOH A O     1 
HETATM 1750 O O     . HOH F 4 .   ? 15.618  19.586  13.634  1.00 27.43 ? 323 HOH A O     1 
HETATM 1751 O O     . HOH F 4 .   ? 19.062  21.796  2.059   1.00 31.68 ? 324 HOH A O     1 
HETATM 1752 O O     . HOH F 4 .   ? 9.258   20.119  8.503   1.00 33.65 ? 325 HOH A O     1 
HETATM 1753 O O     . HOH F 4 .   ? 16.798  6.294   -13.659 1.00 35.98 ? 326 HOH A O     1 
HETATM 1754 O O     . HOH F 4 .   ? 14.051  22.618  7.717   1.00 30.02 ? 327 HOH A O     1 
HETATM 1755 O O     . HOH F 4 .   ? 13.639  16.103  17.960  1.00 30.03 ? 328 HOH A O     1 
HETATM 1756 O O     . HOH F 4 .   ? 11.278  11.719  16.825  1.00 31.30 ? 329 HOH A O     1 
HETATM 1757 O O     . HOH F 4 .   ? 14.854  -0.684  0.761   1.00 32.43 ? 330 HOH A O     1 
HETATM 1758 O O     . HOH F 4 .   ? -2.727  8.721   2.788   1.00 22.68 ? 331 HOH A O     1 
HETATM 1759 O O     . HOH G 4 .   ? -5.099  -11.860 11.741  1.00 20.39 ? 301 HOH B O     1 
HETATM 1760 O O     . HOH G 4 .   ? -0.859  -7.949  7.089   1.00 20.18 ? 302 HOH B O     1 
HETATM 1761 O O     . HOH G 4 .   ? -11.074 -12.742 -7.591  1.00 26.48 ? 303 HOH B O     1 
HETATM 1762 O O     . HOH G 4 .   ? -4.980  -15.446 3.087   1.00 24.79 ? 304 HOH B O     1 
HETATM 1763 O O     . HOH G 4 .   ? -0.498  -14.130 5.002   1.00 23.81 ? 305 HOH B O     1 
HETATM 1764 O O     . HOH G 4 .   ? -5.066  -7.339  -11.438 1.00 21.65 ? 306 HOH B O     1 
HETATM 1765 O O     . HOH G 4 .   ? -2.753  -16.032 4.804   1.00 30.96 ? 307 HOH B O     1 
HETATM 1766 O O     . HOH G 4 .   ? -9.911  -14.858 14.642  1.00 25.15 ? 308 HOH B O     1 
HETATM 1767 O O     . HOH G 4 .   ? -14.613 -3.967  11.214  1.00 35.58 ? 309 HOH B O     1 
HETATM 1768 O O     . HOH G 4 .   ? -17.620 -25.170 13.261  1.00 27.11 ? 310 HOH B O     1 
HETATM 1769 O O     . HOH G 4 .   ? -14.541 -8.299  -11.700 1.00 30.07 ? 311 HOH B O     1 
HETATM 1770 O O     . HOH G 4 .   ? -14.990 -17.451 -3.700  1.00 22.42 ? 312 HOH B O     1 
HETATM 1771 O O     . HOH G 4 .   ? -13.896 -25.923 13.287  1.00 26.82 ? 313 HOH B O     1 
HETATM 1772 O O     . HOH G 4 .   ? -21.238 -25.673 10.003  1.00 29.65 ? 314 HOH B O     1 
HETATM 1773 O O     . HOH G 4 .   ? -1.527  -12.208 11.733  1.00 28.17 ? 315 HOH B O     1 
HETATM 1774 O O     . HOH G 4 .   ? -0.984  -0.478  6.765   1.00 22.73 ? 316 HOH B O     1 
HETATM 1775 O O     . HOH G 4 .   ? 4.272   -2.461  4.777   1.00 24.83 ? 317 HOH B O     1 
HETATM 1776 O O     . HOH G 4 .   ? -4.173  -7.050  -14.278 1.00 23.33 ? 318 HOH B O     1 
HETATM 1777 O O     . HOH G 4 .   ? -19.769 -3.866  11.084  1.00 31.27 ? 319 HOH B O     1 
HETATM 1778 O O     . HOH G 4 .   ? -21.211 -19.647 9.448   1.00 24.96 ? 320 HOH B O     1 
HETATM 1779 O O     . HOH G 4 .   ? -1.012  -23.098 8.460   1.00 38.19 ? 321 HOH B O     1 
HETATM 1780 O O     . HOH G 4 .   ? -3.327  2.790   7.991   1.00 29.42 ? 322 HOH B O     1 
HETATM 1781 O O     . HOH G 4 .   ? -3.175  9.187   -12.624 1.00 25.36 ? 323 HOH B O     1 
HETATM 1782 O O     . HOH G 4 .   ? -18.148 -1.192  -1.945  1.00 28.81 ? 324 HOH B O     1 
HETATM 1783 O O     . HOH G 4 .   ? -8.729  -13.807 -6.619  1.00 29.96 ? 325 HOH B O     1 
HETATM 1784 O O     . HOH G 4 .   ? -3.633  -12.211 10.345  1.00 23.86 ? 326 HOH B O     1 
HETATM 1785 O O     . HOH G 4 .   ? -16.949 -16.930 -7.866  1.00 41.83 ? 327 HOH B O     1 
HETATM 1786 O O     . HOH G 4 .   ? -19.040 -17.671 -6.813  1.00 46.72 ? 328 HOH B O     1 
HETATM 1787 O O     . HOH G 4 .   ? 2.440   -8.624  -3.323  1.00 30.28 ? 329 HOH B O     1 
HETATM 1788 O O     . HOH G 4 .   ? -10.201 -25.443 8.420   1.00 33.00 ? 330 HOH B O     1 
HETATM 1789 O O     . HOH G 4 .   ? -12.161 -16.642 -7.617  1.00 38.36 ? 331 HOH B O     1 
HETATM 1790 O O     . HOH G 4 .   ? -6.056  -22.483 4.587   1.00 28.80 ? 332 HOH B O     1 
HETATM 1791 O O     . HOH G 4 .   ? -6.420  -22.948 1.720   1.00 39.46 ? 333 HOH B O     1 
HETATM 1792 O O     . HOH G 4 .   ? -5.234  -23.412 12.897  1.00 23.82 ? 334 HOH B O     1 
HETATM 1793 O O     . HOH G 4 .   ? -9.778  0.331   9.524   1.00 27.11 ? 335 HOH B O     1 
# 
